data_7JTV
#
_entry.id   7JTV
#
_cell.length_a   90.340
_cell.length_b   156.500
_cell.length_c   95.680
_cell.angle_alpha   90.000
_cell.angle_beta   114.310
_cell.angle_gamma   90.000
#
_symmetry.space_group_name_H-M   'P 1 21 1'
#
loop_
_entity.id
_entity.type
_entity.pdbx_description
1 polymer 'Immunomodulating metalloprotease'
2 polymer GLU-ALA-PRO-SER-ALA
3 branched beta-D-galactopyranose-(1-3)-2-acetamido-2-deoxy-alpha-D-galactopyranose
4 non-polymer 'ZINC ION'
5 non-polymer 1,2-ETHANEDIOL
6 water water
#
loop_
_entity_poly.entity_id
_entity_poly.type
_entity_poly.pdbx_seq_one_letter_code
_entity_poly.pdbx_strand_id
1 'polypeptide(L)'
;MATQEEILDAALVSGDSSQLTDSHLVALRLQQQVERIRQTRTQLLDGLYQNLSQAYDPGAASMWVLPANPDNTLPFLIGD
KGRVLASLSLEAGGRGLAYGTNVLTQLSGTNAAHAPLLKRAVQWLVNGDPGAATAKDFKVSVVGVDKTAALNGLKSAGLQ
PADAACNALTDASCASTSKLLVLGNGASAASLSATVRARLQAGLPILFVHTNGWNQSSTGQQILAGLGLQEGPYGGNYWD
KDRVPSSRTRTRSVELGGAYGQDPALVQQIVDGSWRTDYDWSKCTSYVGRTTCDDVPGLSDFSKRVDVLKGALDAYNQKA
QNLFALPGTTSLRLWLLWADAVRQNIRYPMDKAADTARFQETFVADAIVGYVREAGAAQKELGSYAGQRQQSMPVSGSEE
TLTLTLPSAQGFTAIGRMAAPGKRLSIRIEDAGQASLAVGLNTQRIGSTRLWNTRQYDRPRFLKSPDIKLQANQSVALVS
PYGGLLQLVYSGATPGQTVTVKVTGAASQPFLDIQPGEDSSQAIADFIQALDADKADWLEIRSGSVEVHAKVEKVRGSID
KDYGGDVQRFIRELNEVFIDDAYTLAGFAIPNQAKTPAIQQECAARGWDCDSETLHKLPGTQHINVDQYAQCGGGCSGNP
YDQTWGLNPRGWGESHQLGHNLQVNRLKVYGGRSGEISNQIFPLHKDWRVLREFGQNLDDTRVNYRNAYNLIVAGRAEAD
PLAGVYKRLWEDPGTYALNGERMAFYTQWVHYWADLKNDPLQGWDIWTLLYLHQRQVDKSDWDANKAALGYGTYAQRPGN
SGDASSTDGNDNLLLGLSWLTQRDQRPTFALWGIRTSAAAQAQVAAYGFAEQPAFFYANNRTNEYSTVKLLDMSQGSPAW
PFPLE
;
B,A
2 'polypeptide(L)' GAEAEAPSAVPDAAG E,H
#
# COMPACT_ATOMS: atom_id res chain seq x y z
N MET A 1 60.23 -5.15 22.70
CA MET A 1 58.78 -5.23 22.67
C MET A 1 58.19 -4.88 24.03
N ALA A 2 56.98 -4.32 24.04
CA ALA A 2 56.27 -4.05 25.29
C ALA A 2 55.96 -5.34 26.03
N THR A 3 55.33 -5.24 27.18
CA THR A 3 54.82 -6.39 27.90
C THR A 3 53.34 -6.57 27.61
N GLN A 4 52.86 -7.81 27.79
CA GLN A 4 51.44 -8.06 27.65
C GLN A 4 50.62 -7.22 28.63
N GLU A 5 51.19 -6.88 29.79
CA GLU A 5 50.50 -5.98 30.71
C GLU A 5 50.43 -4.57 30.16
N GLU A 6 51.51 -4.10 29.55
CA GLU A 6 51.47 -2.79 28.90
C GLU A 6 50.54 -2.82 27.69
N ILE A 7 50.60 -3.91 26.91
CA ILE A 7 49.72 -4.05 25.75
C ILE A 7 48.25 -3.96 26.19
N LEU A 8 47.88 -4.68 27.25
CA LEU A 8 46.49 -4.74 27.65
C LEU A 8 46.01 -3.39 28.15
N ASP A 9 46.87 -2.67 28.87
CA ASP A 9 46.51 -1.34 29.35
C ASP A 9 46.20 -0.41 28.18
N ALA A 10 47.06 -0.44 27.15
CA ALA A 10 46.85 0.39 25.98
C ALA A 10 45.65 -0.09 25.18
N ALA A 11 45.46 -1.41 25.07
CA ALA A 11 44.29 -1.93 24.36
C ALA A 11 42.98 -1.50 25.02
N LEU A 12 42.99 -1.28 26.34
CA LEU A 12 41.76 -0.96 27.03
C LEU A 12 41.22 0.42 26.67
N VAL A 13 42.09 1.37 26.33
CA VAL A 13 41.61 2.70 25.98
C VAL A 13 41.09 2.74 24.54
N SER A 14 41.84 2.17 23.62
CA SER A 14 41.61 2.25 22.18
C SER A 14 40.71 1.14 21.66
N GLY A 15 40.91 -0.09 22.15
CA GLY A 15 40.35 -1.26 21.55
C GLY A 15 41.31 -2.02 20.65
N ASP A 16 42.57 -1.60 20.57
CA ASP A 16 43.54 -2.22 19.67
C ASP A 16 44.16 -3.41 20.39
N SER A 17 43.65 -4.60 20.07
CA SER A 17 44.13 -5.84 20.64
C SER A 17 45.08 -6.58 19.71
N SER A 18 45.56 -5.92 18.66
CA SER A 18 46.36 -6.60 17.64
C SER A 18 47.55 -7.35 18.25
N GLN A 19 48.22 -6.75 19.22
CA GLN A 19 49.38 -7.38 19.85
C GLN A 19 49.05 -8.11 21.15
N LEU A 20 47.77 -8.31 21.47
CA LEU A 20 47.36 -8.87 22.74
C LEU A 20 47.20 -10.39 22.63
N THR A 21 48.07 -11.16 23.30
CA THR A 21 48.01 -12.62 23.21
C THR A 21 47.82 -13.34 24.53
N ASP A 22 48.04 -12.69 25.67
CA ASP A 22 48.00 -13.39 26.96
C ASP A 22 46.58 -13.33 27.50
N SER A 23 45.79 -14.37 27.22
CA SER A 23 44.38 -14.36 27.60
C SER A 23 44.20 -14.64 29.08
N HIS A 24 45.09 -15.42 29.67
CA HIS A 24 45.03 -15.64 31.11
C HIS A 24 45.27 -14.34 31.87
N LEU A 25 46.09 -13.46 31.32
CA LEU A 25 46.35 -12.17 31.97
C LEU A 25 45.10 -11.29 31.91
N VAL A 26 44.45 -11.22 30.73
CA VAL A 26 43.21 -10.48 30.60
C VAL A 26 42.12 -11.08 31.47
N ALA A 27 42.09 -12.42 31.57
CA ALA A 27 41.10 -13.07 32.40
C ALA A 27 41.32 -12.81 33.89
N LEU A 28 42.58 -12.65 34.33
CA LEU A 28 42.82 -12.25 35.71
C LEU A 28 42.28 -10.85 35.97
N ARG A 29 42.46 -9.95 35.02
CA ARG A 29 41.93 -8.60 35.16
C ARG A 29 40.42 -8.61 35.26
N LEU A 30 39.74 -9.36 34.38
CA LEU A 30 38.29 -9.47 34.44
C LEU A 30 37.83 -10.02 35.78
N GLN A 31 38.44 -11.11 36.24
CA GLN A 31 38.13 -11.66 37.57
C GLN A 31 38.23 -10.60 38.67
N GLN A 32 39.24 -9.74 38.61
CA GLN A 32 39.39 -8.70 39.63
C GLN A 32 38.24 -7.70 39.56
N GLN A 33 37.87 -7.31 38.34
CA GLN A 33 36.75 -6.39 38.14
C GLN A 33 35.43 -7.01 38.58
N VAL A 34 35.17 -8.27 38.21
CA VAL A 34 33.90 -8.90 38.54
C VAL A 34 33.72 -8.99 40.05
N GLU A 35 34.80 -9.32 40.77
CA GLU A 35 34.68 -9.42 42.22
C GLU A 35 34.43 -8.06 42.84
N ARG A 36 35.09 -7.01 42.35
CA ARG A 36 34.79 -5.66 42.84
C ARG A 36 33.31 -5.32 42.64
N ILE A 37 32.81 -5.52 41.41
CA ILE A 37 31.41 -5.24 41.11
C ILE A 37 30.49 -6.06 42.01
N ARG A 38 30.81 -7.33 42.21
CA ARG A 38 29.94 -8.16 43.05
C ARG A 38 29.95 -7.69 44.50
N GLN A 39 31.09 -7.18 45.01
CA GLN A 39 31.11 -6.72 46.38
C GLN A 39 30.25 -5.48 46.55
N THR A 40 30.35 -4.55 45.59
CA THR A 40 29.52 -3.35 45.61
C THR A 40 28.04 -3.69 45.53
N ARG A 41 27.66 -4.61 44.63
CA ARG A 41 26.24 -4.98 44.53
C ARG A 41 25.73 -5.60 45.81
N THR A 42 26.56 -6.40 46.46
CA THR A 42 26.06 -7.17 47.60
C THR A 42 25.88 -6.26 48.81
N GLN A 43 26.73 -5.23 48.95
CA GLN A 43 26.49 -4.20 49.93
C GLN A 43 25.20 -3.43 49.67
N LEU A 44 25.00 -2.98 48.42
CA LEU A 44 23.80 -2.22 48.07
C LEU A 44 22.53 -3.05 48.26
N LEU A 45 22.55 -4.29 47.78
CA LEU A 45 21.35 -5.10 47.87
C LEU A 45 21.06 -5.49 49.31
N ASP A 46 22.11 -5.77 50.10
CA ASP A 46 21.87 -6.11 51.51
C ASP A 46 21.20 -4.95 52.24
N GLY A 47 21.62 -3.73 51.91
CA GLY A 47 21.01 -2.56 52.55
C GLY A 47 19.57 -2.41 52.13
N LEU A 48 19.31 -2.59 50.84
CA LEU A 48 17.96 -2.47 50.30
C LEU A 48 17.01 -3.54 50.85
N TYR A 49 17.39 -4.82 50.76
CA TYR A 49 16.50 -5.92 51.12
C TYR A 49 16.32 -6.07 52.62
N GLN A 50 17.37 -5.79 53.39
CA GLN A 50 17.38 -6.12 54.80
C GLN A 50 16.92 -7.56 54.98
N ASN A 51 15.80 -7.74 55.65
CA ASN A 51 15.18 -9.06 55.75
C ASN A 51 13.72 -9.00 55.39
N LEU A 52 13.31 -7.99 54.63
CA LEU A 52 11.90 -7.82 54.29
C LEU A 52 11.48 -8.88 53.27
N SER A 53 10.17 -9.00 53.08
CA SER A 53 9.67 -9.93 52.07
C SER A 53 10.10 -9.51 50.68
N GLN A 54 10.64 -10.46 49.93
CA GLN A 54 10.92 -10.33 48.50
C GLN A 54 9.69 -10.48 47.63
N ALA A 55 8.51 -10.74 48.20
CA ALA A 55 7.35 -11.09 47.37
C ALA A 55 7.00 -9.96 46.43
N TYR A 56 6.93 -10.28 45.14
CA TYR A 56 6.61 -9.29 44.13
C TYR A 56 6.04 -10.00 42.93
N ASP A 57 4.80 -9.69 42.56
CA ASP A 57 4.12 -10.34 41.45
C ASP A 57 3.58 -9.27 40.51
N PRO A 58 4.26 -8.99 39.40
CA PRO A 58 3.77 -7.96 38.48
C PRO A 58 2.66 -8.44 37.55
N GLY A 59 2.34 -9.74 37.54
CA GLY A 59 1.28 -10.25 36.70
C GLY A 59 1.67 -10.41 35.24
N ALA A 60 0.70 -10.88 34.46
CA ALA A 60 0.92 -11.10 33.04
C ALA A 60 1.08 -9.78 32.28
N ALA A 61 0.24 -8.78 32.58
CA ALA A 61 0.31 -7.46 31.92
C ALA A 61 1.44 -6.61 32.52
N SER A 62 2.66 -7.02 32.22
CA SER A 62 3.82 -6.29 32.68
C SER A 62 4.99 -6.58 31.74
N MET A 63 6.07 -5.84 31.95
CA MET A 63 7.24 -5.88 31.08
C MET A 63 8.48 -6.22 31.89
N TRP A 64 9.47 -6.79 31.22
CA TRP A 64 10.76 -7.03 31.84
C TRP A 64 11.67 -5.82 31.64
N VAL A 65 12.35 -5.41 32.70
CA VAL A 65 13.23 -4.26 32.68
C VAL A 65 14.63 -4.72 33.07
N LEU A 66 15.54 -4.64 32.13
CA LEU A 66 16.81 -5.33 32.23
C LEU A 66 17.97 -4.37 32.41
N PRO A 67 19.01 -4.78 33.13
CA PRO A 67 20.26 -4.03 33.12
C PRO A 67 20.87 -4.03 31.72
N ALA A 68 21.89 -3.18 31.55
CA ALA A 68 22.71 -3.20 30.33
C ALA A 68 24.19 -3.31 30.71
N ASN A 69 24.83 -2.18 31.02
CA ASN A 69 26.22 -2.19 31.46
C ASN A 69 26.34 -2.75 32.87
N PRO A 70 27.02 -3.88 33.06
CA PRO A 70 27.07 -4.49 34.40
C PRO A 70 27.79 -3.67 35.44
N ASP A 71 28.64 -2.73 35.03
CA ASP A 71 29.36 -1.90 35.98
C ASP A 71 28.51 -0.78 36.57
N ASN A 72 27.42 -0.38 35.89
CA ASN A 72 26.53 0.70 36.32
C ASN A 72 25.12 0.25 36.68
N THR A 73 24.69 -0.97 36.31
CA THR A 73 23.28 -1.35 36.41
C THR A 73 23.18 -2.81 36.85
N LEU A 74 22.09 -3.14 37.52
CA LEU A 74 21.95 -4.49 38.07
C LEU A 74 20.48 -4.75 38.35
N PRO A 75 20.07 -6.03 38.43
CA PRO A 75 18.67 -6.33 38.76
C PRO A 75 18.30 -5.87 40.15
N PHE A 76 17.01 -5.60 40.34
CA PHE A 76 16.44 -5.41 41.65
C PHE A 76 15.58 -6.60 42.05
N LEU A 77 14.65 -7.01 41.20
CA LEU A 77 13.81 -8.19 41.42
C LEU A 77 13.93 -9.15 40.24
N ILE A 78 14.51 -10.33 40.49
CA ILE A 78 14.56 -11.43 39.54
C ILE A 78 13.50 -12.46 39.96
N GLY A 79 12.66 -12.90 39.02
CA GLY A 79 11.67 -13.91 39.30
C GLY A 79 12.22 -15.34 39.29
N ASP A 80 11.36 -16.30 39.67
CA ASP A 80 11.82 -17.68 39.79
C ASP A 80 12.19 -18.30 38.46
N LYS A 81 11.61 -17.80 37.37
CA LYS A 81 12.01 -18.18 36.03
C LYS A 81 13.18 -17.36 35.51
N GLY A 82 13.76 -16.49 36.33
CA GLY A 82 14.95 -15.74 35.95
C GLY A 82 14.70 -14.54 35.07
N ARG A 83 13.47 -14.04 35.03
CA ARG A 83 13.17 -12.81 34.31
C ARG A 83 13.38 -11.64 35.25
N VAL A 84 14.04 -10.60 34.74
CA VAL A 84 14.32 -9.41 35.56
C VAL A 84 13.09 -8.50 35.51
N LEU A 85 12.35 -8.46 36.63
CA LEU A 85 11.14 -7.67 36.76
C LEU A 85 11.38 -6.21 37.15
N ALA A 86 12.57 -5.86 37.66
CA ALA A 86 12.92 -4.48 38.00
C ALA A 86 14.43 -4.34 38.13
N SER A 87 14.96 -3.19 37.71
CA SER A 87 16.39 -2.99 37.64
C SER A 87 16.81 -1.67 38.28
N LEU A 88 17.96 -1.72 38.93
CA LEU A 88 18.62 -0.57 39.52
C LEU A 88 19.59 0.05 38.53
N SER A 89 19.58 1.37 38.43
CA SER A 89 20.61 2.04 37.66
C SER A 89 21.43 3.01 38.51
N LEU A 90 22.75 3.01 38.26
CA LEU A 90 23.68 4.03 38.75
C LEU A 90 24.44 4.64 37.58
N GLU A 91 23.81 4.67 36.41
CA GLU A 91 24.38 5.28 35.22
C GLU A 91 24.82 6.72 35.48
N ALA A 92 26.00 7.06 34.96
CA ALA A 92 26.52 8.43 35.01
C ALA A 92 26.52 8.99 36.42
N GLY A 93 26.80 8.12 37.40
CA GLY A 93 26.86 8.55 38.79
C GLY A 93 25.54 8.90 39.44
N GLY A 94 24.41 8.72 38.76
CA GLY A 94 23.11 9.00 39.33
C GLY A 94 22.51 7.79 40.00
N ARG A 95 21.24 7.91 40.36
CA ARG A 95 20.49 6.84 41.02
C ARG A 95 19.12 6.71 40.37
N GLY A 96 18.78 5.50 39.94
CA GLY A 96 17.52 5.28 39.25
C GLY A 96 16.98 3.88 39.53
N LEU A 97 15.66 3.75 39.37
CA LEU A 97 15.00 2.48 39.59
C LEU A 97 13.85 2.36 38.61
N ALA A 98 13.75 1.20 37.95
CA ALA A 98 12.73 0.99 36.92
C ALA A 98 11.94 -0.30 37.19
N TYR A 99 10.62 -0.17 37.19
CA TYR A 99 9.69 -1.29 37.36
C TYR A 99 8.97 -1.60 36.03
N GLY A 100 8.77 -2.88 35.75
CA GLY A 100 8.05 -3.27 34.56
C GLY A 100 6.54 -3.18 34.65
N THR A 101 6.01 -2.67 35.75
CA THR A 101 4.60 -2.33 35.88
C THR A 101 4.52 -1.15 36.84
N ASN A 102 3.34 -0.54 36.95
CA ASN A 102 3.15 0.59 37.87
C ASN A 102 2.90 0.02 39.26
N VAL A 103 4.00 -0.36 39.92
CA VAL A 103 3.88 -0.92 41.26
C VAL A 103 3.28 0.06 42.25
N LEU A 104 3.26 1.36 41.94
CA LEU A 104 2.79 2.35 42.92
C LEU A 104 1.28 2.27 43.14
N THR A 105 0.54 1.80 42.15
CA THR A 105 -0.90 1.61 42.30
C THR A 105 -1.25 0.25 42.87
N GLN A 106 -0.26 -0.55 43.26
CA GLN A 106 -0.54 -1.89 43.78
C GLN A 106 -0.03 -2.11 45.20
N LEU A 107 0.54 -1.08 45.85
CA LEU A 107 1.06 -1.25 47.20
C LEU A 107 -0.04 -1.41 48.24
N SER A 108 -1.24 -0.95 47.97
CA SER A 108 -2.37 -1.16 48.87
C SER A 108 -3.19 -2.40 48.51
N GLY A 109 -2.64 -3.31 47.70
CA GLY A 109 -3.40 -4.48 47.27
C GLY A 109 -2.53 -5.61 46.81
N THR A 110 -2.44 -5.81 45.50
CA THR A 110 -1.86 -7.05 44.98
C THR A 110 -0.38 -7.18 45.30
N ASN A 111 0.28 -6.09 45.68
CA ASN A 111 1.70 -6.13 46.02
C ASN A 111 1.94 -5.38 47.31
N ALA A 112 0.98 -5.48 48.24
CA ALA A 112 1.14 -4.87 49.57
C ALA A 112 2.44 -5.32 50.22
N ALA A 113 2.81 -6.58 50.04
CA ALA A 113 3.99 -7.12 50.70
C ALA A 113 5.28 -6.48 50.21
N HIS A 114 5.28 -5.86 49.03
CA HIS A 114 6.46 -5.19 48.53
C HIS A 114 6.64 -3.79 49.10
N ALA A 115 5.61 -3.25 49.76
CA ALA A 115 5.65 -1.85 50.18
C ALA A 115 6.85 -1.50 51.05
N PRO A 116 7.22 -2.29 52.06
CA PRO A 116 8.40 -1.91 52.89
C PRO A 116 9.69 -1.87 52.12
N LEU A 117 9.89 -2.83 51.20
CA LEU A 117 11.09 -2.82 50.38
C LEU A 117 11.08 -1.66 49.41
N LEU A 118 9.89 -1.19 49.01
CA LEU A 118 9.84 -0.03 48.14
C LEU A 118 10.18 1.23 48.91
N LYS A 119 9.77 1.29 50.18
CA LYS A 119 10.16 2.39 51.04
C LYS A 119 11.68 2.53 51.07
N ARG A 120 12.37 1.42 51.30
CA ARG A 120 13.83 1.44 51.33
C ARG A 120 14.40 1.85 49.99
N ALA A 121 13.79 1.39 48.89
CA ALA A 121 14.25 1.80 47.56
C ALA A 121 14.11 3.29 47.34
N VAL A 122 12.97 3.87 47.73
CA VAL A 122 12.85 5.32 47.59
C VAL A 122 13.87 6.02 48.48
N GLN A 123 14.01 5.57 49.73
CA GLN A 123 15.02 6.16 50.61
C GLN A 123 16.40 6.07 49.96
N TRP A 124 16.74 4.93 49.34
CA TRP A 124 17.99 4.87 48.61
C TRP A 124 17.99 5.83 47.42
N LEU A 125 16.88 5.93 46.69
CA LEU A 125 16.82 6.91 45.61
C LEU A 125 17.06 8.32 46.12
N VAL A 126 16.34 8.72 47.17
CA VAL A 126 16.32 10.13 47.56
C VAL A 126 17.63 10.52 48.24
N ASN A 127 18.18 9.65 49.08
CA ASN A 127 19.33 9.96 49.92
C ASN A 127 20.58 9.17 49.59
N GLY A 128 20.51 8.17 48.72
CA GLY A 128 21.65 7.29 48.52
C GLY A 128 21.93 6.33 49.65
N ASP A 129 21.08 6.31 50.69
CA ASP A 129 21.20 5.41 51.82
C ASP A 129 19.83 4.76 52.03
N PRO A 130 19.70 3.44 51.86
CA PRO A 130 18.38 2.82 52.02
C PRO A 130 17.82 2.94 53.43
N GLY A 131 18.67 3.21 54.41
CA GLY A 131 18.24 3.37 55.78
C GLY A 131 18.19 4.79 56.32
N ALA A 132 18.04 5.80 55.47
CA ALA A 132 17.94 7.20 55.90
C ALA A 132 16.58 7.76 55.51
N ALA A 133 15.84 8.24 56.50
CA ALA A 133 14.51 8.77 56.26
C ALA A 133 14.50 9.81 55.14
N THR A 134 13.44 9.80 54.36
CA THR A 134 13.10 11.00 53.60
C THR A 134 12.51 12.03 54.55
N ALA A 135 12.64 13.30 54.18
CA ALA A 135 12.11 14.38 54.99
C ALA A 135 10.62 14.51 54.74
N LYS A 136 9.89 14.91 55.77
CA LYS A 136 8.46 15.15 55.61
C LYS A 136 8.21 16.11 54.45
N ASP A 137 7.20 15.80 53.65
CA ASP A 137 6.79 16.63 52.50
C ASP A 137 7.91 16.81 51.47
N PHE A 138 8.82 15.85 51.35
CA PHE A 138 9.85 15.96 50.33
C PHE A 138 9.20 16.07 48.94
N LYS A 139 9.85 16.83 48.06
CA LYS A 139 9.23 17.26 46.81
C LYS A 139 9.39 16.19 45.73
N VAL A 140 8.26 15.71 45.20
CA VAL A 140 8.25 14.68 44.17
C VAL A 140 7.56 15.24 42.94
N SER A 141 8.25 15.20 41.80
CA SER A 141 7.65 15.56 40.53
C SER A 141 7.20 14.29 39.81
N VAL A 142 5.95 14.28 39.33
CA VAL A 142 5.38 13.10 38.68
C VAL A 142 5.04 13.46 37.24
N VAL A 143 5.71 12.79 36.29
CA VAL A 143 5.57 13.09 34.87
C VAL A 143 5.20 11.81 34.13
N GLY A 144 4.19 11.91 33.27
CA GLY A 144 3.83 10.80 32.41
C GLY A 144 2.97 9.74 33.05
N VAL A 145 2.53 9.95 34.30
CA VAL A 145 1.65 9.03 35.00
C VAL A 145 0.84 9.84 36.00
N ASP A 146 -0.32 9.32 36.38
CA ASP A 146 -1.26 10.08 37.21
C ASP A 146 -0.63 10.46 38.53
N LYS A 147 -0.59 11.75 38.83
CA LYS A 147 0.16 12.23 40.00
C LYS A 147 -0.49 11.79 41.30
N THR A 148 -1.81 11.83 41.38
CA THR A 148 -2.48 11.47 42.62
C THR A 148 -2.26 10.00 42.97
N ALA A 149 -2.45 9.10 42.00
CA ALA A 149 -2.22 7.69 42.26
C ALA A 149 -0.79 7.41 42.66
N ALA A 150 0.17 8.11 42.04
CA ALA A 150 1.58 7.89 42.35
C ALA A 150 1.93 8.37 43.76
N LEU A 151 1.47 9.56 44.12
CA LEU A 151 1.77 10.11 45.45
C LEU A 151 1.13 9.27 46.56
N ASN A 152 -0.15 8.88 46.40
CA ASN A 152 -0.78 7.97 47.36
C ASN A 152 -0.10 6.62 47.38
N GLY A 153 0.36 6.15 46.21
CA GLY A 153 1.23 4.99 46.18
C GLY A 153 2.40 5.14 47.14
N LEU A 154 3.10 6.28 47.06
CA LEU A 154 4.23 6.48 47.97
C LEU A 154 3.76 6.64 49.41
N LYS A 155 2.58 7.25 49.61
CA LYS A 155 2.04 7.34 50.96
C LYS A 155 1.65 5.96 51.49
N SER A 156 1.17 5.07 50.61
CA SER A 156 0.88 3.70 51.06
C SER A 156 2.14 2.98 51.54
N ALA A 157 3.32 3.35 51.02
CA ALA A 157 4.58 2.78 51.46
C ALA A 157 5.09 3.37 52.77
N GLY A 158 4.36 4.30 53.37
CA GLY A 158 4.86 4.96 54.57
C GLY A 158 5.72 6.19 54.32
N LEU A 159 5.81 6.67 53.09
CA LEU A 159 6.48 7.94 52.82
C LEU A 159 5.50 9.10 53.00
N GLN A 160 6.03 10.32 53.00
CA GLN A 160 5.22 11.54 53.07
C GLN A 160 5.68 12.52 52.00
N PRO A 161 5.48 12.20 50.73
CA PRO A 161 5.87 13.11 49.67
C PRO A 161 4.94 14.32 49.62
N ALA A 162 5.46 15.42 49.09
CA ALA A 162 4.63 16.52 48.64
C ALA A 162 4.81 16.70 47.14
N ASP A 163 3.73 17.10 46.50
CA ASP A 163 3.73 17.34 45.06
C ASP A 163 4.64 18.52 44.71
N ALA A 164 5.72 18.24 43.98
CA ALA A 164 6.58 19.31 43.47
C ALA A 164 5.81 20.34 42.63
N ALA A 165 4.67 19.94 42.03
CA ALA A 165 3.85 20.84 41.21
C ALA A 165 4.64 21.46 40.07
N CYS A 166 5.51 20.67 39.44
CA CYS A 166 6.24 21.08 38.24
C CYS A 166 6.87 19.83 37.61
N ASN A 167 7.27 19.98 36.35
CA ASN A 167 7.78 18.90 35.51
C ASN A 167 9.31 18.89 35.61
N ALA A 168 9.85 18.03 36.47
CA ALA A 168 11.31 17.99 36.61
C ALA A 168 11.99 17.25 35.46
N LEU A 169 11.24 16.67 34.53
CA LEU A 169 11.86 16.10 33.34
C LEU A 169 12.33 17.19 32.38
N THR A 170 11.43 18.12 32.03
CA THR A 170 11.75 19.13 31.03
C THR A 170 12.18 20.48 31.62
N ASP A 171 11.89 20.75 32.88
CA ASP A 171 12.11 22.07 33.49
C ASP A 171 13.30 21.94 34.45
N ALA A 172 14.45 22.47 34.02
CA ALA A 172 15.71 22.26 34.75
C ALA A 172 15.63 22.76 36.19
N SER A 173 14.93 23.89 36.42
CA SER A 173 14.92 24.44 37.77
C SER A 173 14.02 23.63 38.70
N CYS A 174 12.91 23.07 38.18
CA CYS A 174 12.16 22.08 38.94
C CYS A 174 13.05 20.92 39.36
N ALA A 175 13.92 20.47 38.45
CA ALA A 175 14.78 19.32 38.72
C ALA A 175 15.77 19.61 39.85
N SER A 176 16.30 20.83 39.92
CA SER A 176 17.26 21.16 40.95
C SER A 176 16.63 21.34 42.34
N THR A 177 15.30 21.46 42.44
CA THR A 177 14.64 21.50 43.74
C THR A 177 13.79 20.29 44.05
N SER A 178 13.49 19.45 43.07
CA SER A 178 12.81 18.19 43.35
C SER A 178 13.78 17.21 43.96
N LYS A 179 13.26 16.37 44.85
CA LYS A 179 13.99 15.32 45.49
C LYS A 179 13.87 14.00 44.75
N LEU A 180 12.80 13.83 43.97
CA LEU A 180 12.56 12.60 43.23
C LEU A 180 11.72 12.91 42.00
N LEU A 181 12.00 12.23 40.90
CA LEU A 181 11.20 12.32 39.67
C LEU A 181 10.61 10.94 39.38
N VAL A 182 9.29 10.84 39.45
CA VAL A 182 8.56 9.64 39.06
C VAL A 182 8.16 9.79 37.59
N LEU A 183 8.49 8.79 36.77
CA LEU A 183 8.24 8.81 35.33
C LEU A 183 7.39 7.62 34.91
N GLY A 184 6.45 7.88 33.99
CA GLY A 184 5.69 6.85 33.32
C GLY A 184 5.71 7.08 31.82
N ASN A 185 4.92 6.35 31.04
CA ASN A 185 4.97 6.48 29.59
C ASN A 185 4.03 7.53 29.01
N GLY A 186 3.38 8.34 29.85
CA GLY A 186 2.70 9.47 29.25
C GLY A 186 3.53 10.72 28.99
N ALA A 187 4.85 10.66 29.21
CA ALA A 187 5.70 11.85 29.14
C ALA A 187 5.70 12.47 27.75
N SER A 188 5.92 13.78 27.69
CA SER A 188 6.24 14.46 26.43
C SER A 188 7.55 15.21 26.57
N ALA A 189 8.34 15.20 25.50
CA ALA A 189 9.63 15.87 25.50
C ALA A 189 10.31 15.81 24.15
N ALA A 190 11.14 16.79 23.85
CA ALA A 190 12.09 16.66 22.77
C ALA A 190 13.35 16.02 23.36
N SER A 191 13.96 15.11 22.62
CA SER A 191 15.17 14.43 23.07
C SER A 191 14.92 13.73 24.42
N LEU A 192 13.91 12.85 24.40
CA LEU A 192 13.43 12.21 25.60
C LEU A 192 14.51 11.37 26.28
N SER A 193 15.33 10.68 25.49
CA SER A 193 16.37 9.85 26.08
C SER A 193 17.55 10.66 26.59
N ALA A 194 17.98 11.68 25.86
CA ALA A 194 19.11 12.49 26.33
C ALA A 194 18.72 13.30 27.56
N THR A 195 17.49 13.79 27.59
CA THR A 195 17.06 14.59 28.74
C THR A 195 17.09 13.76 30.02
N VAL A 196 16.54 12.54 29.97
CA VAL A 196 16.56 11.64 31.11
C VAL A 196 17.99 11.41 31.57
N ARG A 197 18.88 11.09 30.63
CA ARG A 197 20.28 10.84 31.00
C ARG A 197 20.89 12.04 31.72
N ALA A 198 20.48 13.26 31.33
CA ALA A 198 21.03 14.50 31.88
C ALA A 198 20.47 14.82 33.25
N ARG A 199 19.19 14.56 33.49
CA ARG A 199 18.67 14.76 34.84
C ARG A 199 19.31 13.76 35.80
N LEU A 200 19.52 12.54 35.30
CA LEU A 200 20.16 11.50 36.11
C LEU A 200 21.58 11.90 36.48
N GLN A 201 22.33 12.44 35.52
CA GLN A 201 23.73 12.79 35.74
C GLN A 201 23.87 14.02 36.62
N ALA A 202 22.94 14.97 36.52
CA ALA A 202 22.89 16.11 37.43
C ALA A 202 22.42 15.75 38.84
N GLY A 203 21.98 14.52 39.08
CA GLY A 203 21.59 14.11 40.41
C GLY A 203 20.11 14.03 40.70
N LEU A 204 19.25 14.23 39.74
CA LEU A 204 17.85 14.00 40.07
C LEU A 204 17.61 12.48 40.11
N PRO A 205 17.17 11.91 41.23
CA PRO A 205 16.85 10.48 41.26
C PRO A 205 15.51 10.20 40.59
N ILE A 206 15.45 9.10 39.84
CA ILE A 206 14.33 8.82 38.95
C ILE A 206 13.76 7.45 39.26
N LEU A 207 12.43 7.39 39.46
CA LEU A 207 11.69 6.13 39.54
C LEU A 207 10.84 6.00 38.30
N PHE A 208 11.04 4.91 37.55
CA PHE A 208 10.30 4.66 36.32
C PHE A 208 9.35 3.49 36.49
N VAL A 209 8.08 3.73 36.19
CA VAL A 209 7.04 2.70 36.15
C VAL A 209 6.55 2.56 34.72
N HIS A 210 6.72 1.36 34.16
CA HIS A 210 6.08 1.04 32.88
C HIS A 210 4.57 1.05 33.03
N THR A 211 3.86 1.75 32.14
CA THR A 211 2.42 1.91 32.30
C THR A 211 1.58 1.23 31.22
N ASN A 212 2.18 0.40 30.37
CA ASN A 212 1.47 -0.15 29.21
C ASN A 212 1.34 -1.67 29.24
N GLY A 213 1.22 -2.26 30.43
CA GLY A 213 1.04 -3.71 30.53
C GLY A 213 2.16 -4.46 29.85
N TRP A 214 1.82 -5.52 29.11
CA TRP A 214 2.79 -6.29 28.35
C TRP A 214 3.11 -5.70 26.98
N ASN A 215 2.55 -4.54 26.63
CA ASN A 215 2.91 -3.87 25.39
C ASN A 215 4.26 -3.19 25.55
N GLN A 216 5.00 -3.11 24.46
CA GLN A 216 6.15 -2.23 24.46
C GLN A 216 5.69 -0.76 24.45
N SER A 217 6.59 0.13 24.85
CA SER A 217 6.35 1.57 24.82
C SER A 217 7.56 2.24 24.22
N SER A 218 7.37 2.93 23.09
CA SER A 218 8.47 3.69 22.51
C SER A 218 8.99 4.72 23.51
N THR A 219 8.09 5.38 24.22
CA THR A 219 8.48 6.35 25.23
C THR A 219 9.19 5.66 26.38
N GLY A 220 8.67 4.51 26.80
CA GLY A 220 9.35 3.75 27.84
C GLY A 220 10.73 3.27 27.42
N GLN A 221 10.90 2.91 26.15
CA GLN A 221 12.22 2.46 25.70
C GLN A 221 13.23 3.60 25.75
N GLN A 222 12.78 4.81 25.41
CA GLN A 222 13.68 5.95 25.46
C GLN A 222 14.01 6.32 26.90
N ILE A 223 13.03 6.24 27.80
CA ILE A 223 13.30 6.51 29.20
C ILE A 223 14.30 5.50 29.74
N LEU A 224 14.09 4.21 29.46
CA LEU A 224 15.01 3.17 29.93
C LEU A 224 16.43 3.40 29.45
N ALA A 225 16.60 3.69 28.14
CA ALA A 225 17.93 3.98 27.62
C ALA A 225 18.61 5.13 28.38
N GLY A 226 17.85 6.17 28.73
CA GLY A 226 18.45 7.27 29.48
C GLY A 226 18.99 6.85 30.84
N LEU A 227 18.40 5.84 31.45
CA LEU A 227 18.84 5.25 32.70
C LEU A 227 19.87 4.15 32.49
N GLY A 228 20.25 3.86 31.25
CA GLY A 228 21.18 2.79 31.02
C GLY A 228 20.58 1.43 31.16
N LEU A 229 19.26 1.32 30.97
CA LEU A 229 18.49 0.09 31.02
C LEU A 229 17.88 -0.15 29.65
N GLN A 230 17.23 -1.32 29.48
CA GLN A 230 16.54 -1.60 28.24
C GLN A 230 15.25 -2.35 28.50
N GLU A 231 14.31 -2.18 27.57
CA GLU A 231 13.03 -2.86 27.64
C GLU A 231 13.17 -4.33 27.26
N GLY A 232 12.34 -5.17 27.89
CA GLY A 232 12.31 -6.58 27.57
C GLY A 232 11.80 -6.86 26.16
N PRO A 233 11.95 -8.11 25.72
CA PRO A 233 11.47 -8.49 24.39
C PRO A 233 9.95 -8.46 24.29
N TYR A 234 9.48 -8.52 23.04
CA TYR A 234 8.07 -8.38 22.75
C TYR A 234 7.21 -9.35 23.56
N GLY A 235 6.06 -8.88 24.00
CA GLY A 235 5.16 -9.68 24.80
C GLY A 235 5.41 -9.62 26.29
N GLY A 236 6.59 -9.17 26.73
CA GLY A 236 6.77 -8.95 28.17
C GLY A 236 6.63 -10.22 28.97
N ASN A 237 5.85 -10.16 30.06
CA ASN A 237 5.68 -11.28 30.98
C ASN A 237 4.38 -12.05 30.74
N TYR A 238 3.80 -11.94 29.55
CA TYR A 238 2.44 -12.47 29.34
C TYR A 238 2.41 -13.99 29.44
N TRP A 239 3.33 -14.66 28.74
CA TRP A 239 3.43 -16.11 28.71
C TRP A 239 3.98 -16.68 30.01
N ASP A 240 5.11 -16.14 30.49
CA ASP A 240 5.83 -16.73 31.61
C ASP A 240 5.20 -16.41 32.95
N LYS A 241 4.59 -15.25 33.10
CA LYS A 241 3.98 -14.82 34.36
C LYS A 241 4.95 -14.97 35.53
N ASP A 242 6.20 -14.58 35.30
CA ASP A 242 7.22 -14.71 36.32
C ASP A 242 6.90 -13.80 37.51
N ARG A 243 7.44 -14.17 38.67
CA ARG A 243 7.20 -13.42 39.90
C ARG A 243 8.26 -13.83 40.91
N VAL A 244 8.30 -13.09 42.01
CA VAL A 244 9.14 -13.43 43.15
C VAL A 244 8.20 -13.91 44.26
N PRO A 245 8.32 -15.16 44.72
CA PRO A 245 7.46 -15.67 45.80
C PRO A 245 8.00 -15.35 47.19
N SER A 246 7.09 -15.45 48.17
CA SER A 246 7.46 -15.26 49.58
C SER A 246 8.63 -16.14 49.97
N SER A 247 8.66 -17.37 49.47
CA SER A 247 9.72 -18.33 49.77
C SER A 247 11.12 -17.80 49.45
N ARG A 248 11.24 -16.77 48.61
CA ARG A 248 12.54 -16.22 48.27
C ARG A 248 13.24 -15.60 49.48
N THR A 249 14.47 -16.05 49.74
CA THR A 249 15.30 -15.50 50.80
C THR A 249 16.11 -14.34 50.26
N ARG A 250 16.43 -13.40 51.16
CA ARG A 250 17.32 -12.30 50.79
C ARG A 250 18.63 -12.84 50.23
N THR A 251 19.25 -13.80 50.93
CA THR A 251 20.52 -14.37 50.51
C THR A 251 20.48 -14.86 49.05
N ARG A 252 19.43 -15.60 48.69
CA ARG A 252 19.31 -16.06 47.32
C ARG A 252 19.19 -14.89 46.35
N SER A 253 18.31 -13.92 46.67
CA SER A 253 18.15 -12.71 45.84
C SER A 253 19.45 -11.95 45.72
N VAL A 254 20.24 -11.88 46.80
CA VAL A 254 21.51 -11.18 46.74
C VAL A 254 22.48 -11.93 45.85
N GLU A 255 22.45 -13.25 45.91
CA GLU A 255 23.36 -14.06 45.11
C GLU A 255 23.08 -13.87 43.63
N LEU A 256 21.80 -13.81 43.23
CA LEU A 256 21.46 -13.70 41.82
C LEU A 256 21.77 -12.32 41.29
N GLY A 257 21.51 -11.30 42.12
CA GLY A 257 21.74 -9.93 41.69
C GLY A 257 23.22 -9.58 41.65
N GLY A 258 24.03 -10.22 42.50
CA GLY A 258 25.45 -10.00 42.44
C GLY A 258 26.09 -10.58 41.19
N ALA A 259 25.57 -11.72 40.73
CA ALA A 259 26.14 -12.43 39.59
C ALA A 259 25.59 -11.99 38.24
N TYR A 260 24.36 -11.46 38.20
CA TYR A 260 23.70 -11.20 36.92
C TYR A 260 24.63 -10.45 35.97
N GLY A 261 24.67 -10.89 34.72
CA GLY A 261 25.39 -10.18 33.69
C GLY A 261 26.89 -10.24 33.77
N GLN A 262 27.45 -11.00 34.72
CA GLN A 262 28.90 -11.12 34.76
C GLN A 262 29.36 -12.55 35.02
N ASP A 263 28.45 -13.55 34.97
CA ASP A 263 28.67 -14.99 35.18
C ASP A 263 29.96 -15.30 35.90
N PRO A 264 30.01 -15.08 37.22
CA PRO A 264 31.27 -15.25 37.96
C PRO A 264 31.85 -16.64 37.86
N ALA A 265 31.01 -17.67 37.86
CA ALA A 265 31.53 -19.02 37.78
C ALA A 265 32.21 -19.28 36.45
N LEU A 266 31.72 -18.66 35.36
CA LEU A 266 32.39 -18.83 34.08
C LEU A 266 33.75 -18.12 34.08
N VAL A 267 33.83 -16.92 34.67
CA VAL A 267 35.12 -16.25 34.80
C VAL A 267 36.10 -17.11 35.61
N GLN A 268 35.63 -17.68 36.72
CA GLN A 268 36.51 -18.56 37.49
C GLN A 268 36.98 -19.73 36.63
N GLN A 269 36.06 -20.37 35.91
CA GLN A 269 36.43 -21.48 35.05
C GLN A 269 37.43 -21.06 33.97
N ILE A 270 37.29 -19.85 33.42
CA ILE A 270 38.22 -19.39 32.39
C ILE A 270 39.61 -19.16 32.98
N VAL A 271 39.66 -18.51 34.14
CA VAL A 271 40.93 -18.27 34.82
C VAL A 271 41.64 -19.60 35.10
N ASP A 272 40.92 -20.58 35.63
CA ASP A 272 41.51 -21.82 36.10
C ASP A 272 41.67 -22.87 35.02
N GLY A 273 41.10 -22.64 33.84
CA GLY A 273 41.06 -23.69 32.84
C GLY A 273 40.40 -24.97 33.30
N SER A 274 39.46 -24.88 34.23
CA SER A 274 38.80 -26.05 34.82
C SER A 274 37.60 -26.52 33.96
N TRP A 275 37.83 -26.68 32.66
CA TRP A 275 36.80 -27.15 31.73
C TRP A 275 36.47 -28.62 31.94
N ARG A 276 35.25 -29.00 31.55
CA ARG A 276 34.71 -30.31 31.89
C ARG A 276 35.31 -31.40 31.00
N THR A 277 35.69 -32.51 31.63
CA THR A 277 36.19 -33.65 30.88
C THR A 277 35.21 -34.81 30.84
N ASP A 278 34.03 -34.66 31.46
CA ASP A 278 33.13 -35.77 31.70
C ASP A 278 31.80 -35.65 30.96
N TYR A 279 31.66 -34.74 30.01
CA TYR A 279 30.44 -34.71 29.23
C TYR A 279 30.22 -36.08 28.61
N ASP A 280 29.02 -36.64 28.81
CA ASP A 280 28.64 -37.90 28.18
C ASP A 280 28.33 -37.71 26.70
N TRP A 281 29.39 -37.75 25.87
CA TRP A 281 29.24 -37.58 24.42
C TRP A 281 28.48 -38.72 23.76
N SER A 282 28.34 -39.87 24.44
CA SER A 282 27.56 -40.97 23.90
C SER A 282 26.11 -40.58 23.66
N LYS A 283 25.62 -39.54 24.35
CA LYS A 283 24.25 -39.08 24.18
C LYS A 283 24.06 -38.18 22.97
N CYS A 284 25.10 -37.97 22.15
CA CYS A 284 24.94 -37.17 20.94
C CYS A 284 24.32 -38.01 19.83
N THR A 285 23.43 -37.39 19.06
CA THR A 285 22.76 -38.02 17.94
C THR A 285 23.20 -37.38 16.63
N SER A 286 23.33 -38.20 15.61
CA SER A 286 23.63 -37.71 14.27
C SER A 286 22.36 -37.70 13.44
N TYR A 287 22.36 -36.84 12.43
CA TYR A 287 21.22 -36.72 11.53
C TYR A 287 21.76 -36.21 10.20
N VAL A 288 21.67 -37.06 9.17
CA VAL A 288 22.29 -36.87 7.86
C VAL A 288 23.67 -36.24 8.05
N GLY A 289 24.50 -36.91 8.84
CA GLY A 289 25.90 -36.52 9.00
C GLY A 289 26.15 -35.34 9.90
N ARG A 290 25.12 -34.83 10.57
CA ARG A 290 25.20 -33.64 11.42
C ARG A 290 25.00 -34.04 12.87
N THR A 291 26.09 -34.11 13.62
CA THR A 291 26.02 -34.42 15.05
C THR A 291 25.50 -33.24 15.84
N THR A 292 24.60 -33.50 16.79
CA THR A 292 24.18 -32.51 17.76
C THR A 292 24.16 -33.17 19.14
N CYS A 293 24.20 -32.34 20.17
CA CYS A 293 24.37 -32.86 21.52
C CYS A 293 23.46 -32.14 22.50
N ASP A 294 22.23 -31.83 22.07
CA ASP A 294 21.26 -31.16 22.94
C ASP A 294 20.79 -32.02 24.09
N ASP A 295 21.12 -33.32 24.09
CA ASP A 295 20.74 -34.24 25.16
C ASP A 295 21.92 -34.70 26.00
N VAL A 296 23.12 -34.18 25.77
CA VAL A 296 24.22 -34.39 26.69
C VAL A 296 23.91 -33.57 27.94
N PRO A 297 23.78 -34.19 29.11
CA PRO A 297 23.34 -33.43 30.28
C PRO A 297 24.37 -32.38 30.67
N GLY A 298 23.86 -31.19 31.00
CA GLY A 298 24.67 -30.05 31.34
C GLY A 298 25.03 -29.17 30.16
N LEU A 299 25.14 -29.73 28.96
CA LEU A 299 25.61 -28.94 27.82
C LEU A 299 24.65 -27.80 27.49
N SER A 300 23.34 -28.07 27.46
CA SER A 300 22.40 -27.01 27.12
C SER A 300 22.52 -25.81 28.07
N ASP A 301 22.71 -26.07 29.36
CA ASP A 301 22.80 -24.98 30.33
C ASP A 301 24.10 -24.22 30.16
N PHE A 302 25.19 -24.92 29.84
CA PHE A 302 26.41 -24.23 29.48
C PHE A 302 26.21 -23.40 28.22
N SER A 303 25.51 -23.94 27.22
CA SER A 303 25.26 -23.16 26.02
C SER A 303 24.43 -21.93 26.32
N LYS A 304 23.36 -22.10 27.10
CA LYS A 304 22.49 -20.97 27.41
C LYS A 304 23.27 -19.85 28.09
N ARG A 305 24.15 -20.19 29.03
CA ARG A 305 24.92 -19.18 29.74
C ARG A 305 25.80 -18.38 28.78
N VAL A 306 26.42 -19.05 27.81
CA VAL A 306 27.26 -18.36 26.84
C VAL A 306 26.42 -17.47 25.93
N ASP A 307 25.23 -17.96 25.53
CA ASP A 307 24.27 -17.16 24.74
C ASP A 307 23.97 -15.83 25.42
N VAL A 308 23.83 -15.85 26.75
CA VAL A 308 23.56 -14.64 27.52
C VAL A 308 24.68 -13.62 27.35
N LEU A 309 25.93 -14.07 27.45
CA LEU A 309 27.03 -13.16 27.18
C LEU A 309 26.96 -12.64 25.76
N LYS A 310 26.61 -13.51 24.80
CA LYS A 310 26.55 -13.06 23.42
C LYS A 310 25.43 -12.04 23.24
N GLY A 311 24.26 -12.28 23.84
CA GLY A 311 23.17 -11.33 23.73
C GLY A 311 23.55 -9.98 24.32
N ALA A 312 24.16 -9.99 25.50
CA ALA A 312 24.54 -8.74 26.14
C ALA A 312 25.50 -7.95 25.27
N LEU A 313 26.48 -8.63 24.68
CA LEU A 313 27.44 -7.86 23.89
C LEU A 313 26.87 -7.45 22.54
N ASP A 314 26.07 -8.32 21.92
CA ASP A 314 25.53 -8.00 20.60
C ASP A 314 24.52 -6.88 20.66
N ALA A 315 23.97 -6.59 21.84
CA ALA A 315 23.06 -5.47 21.97
C ALA A 315 23.76 -4.18 21.61
N TYR A 316 25.01 -4.05 22.01
CA TYR A 316 25.81 -2.90 21.60
C TYR A 316 26.17 -2.96 20.11
N ASN A 317 26.59 -4.13 19.60
CA ASN A 317 26.84 -4.26 18.16
C ASN A 317 25.64 -3.81 17.34
N GLN A 318 24.42 -4.17 17.77
CA GLN A 318 23.26 -3.88 16.94
C GLN A 318 22.90 -2.40 16.95
N LYS A 319 23.18 -1.71 18.05
CA LYS A 319 22.94 -0.28 18.14
C LYS A 319 24.10 0.55 17.61
N ALA A 320 25.12 -0.08 17.05
CA ALA A 320 26.29 0.62 16.53
C ALA A 320 26.99 1.41 17.64
N GLN A 321 26.98 0.85 18.84
CA GLN A 321 27.71 1.43 19.98
C GLN A 321 29.10 0.83 20.06
N ASN A 322 30.09 1.70 20.18
CA ASN A 322 31.47 1.34 20.39
C ASN A 322 31.77 1.43 21.89
N LEU A 323 31.80 0.26 22.56
CA LEU A 323 32.07 0.21 23.99
C LEU A 323 33.36 0.91 24.37
N PHE A 324 34.29 1.02 23.43
CA PHE A 324 35.59 1.63 23.72
C PHE A 324 35.54 3.14 23.61
N ALA A 325 34.43 3.68 23.13
CA ALA A 325 34.17 5.12 23.12
C ALA A 325 33.15 5.52 24.18
N LEU A 326 32.77 4.60 25.07
CA LEU A 326 31.79 4.91 26.11
C LEU A 326 32.44 4.85 27.49
N PRO A 327 32.15 5.81 28.37
CA PRO A 327 32.75 5.79 29.70
C PRO A 327 32.19 4.68 30.58
N GLY A 328 33.03 4.22 31.49
CA GLY A 328 32.61 3.25 32.49
C GLY A 328 32.26 1.88 31.94
N THR A 329 33.05 1.36 30.99
CA THR A 329 32.76 0.10 30.31
C THR A 329 33.89 -0.92 30.49
N THR A 330 34.46 -1.00 31.69
CA THR A 330 35.67 -1.77 31.86
C THR A 330 35.39 -3.28 31.72
N SER A 331 34.36 -3.76 32.42
CA SER A 331 33.95 -5.16 32.34
C SER A 331 33.69 -5.61 30.90
N LEU A 332 32.87 -4.86 30.17
CA LEU A 332 32.61 -5.21 28.78
C LEU A 332 33.91 -5.24 27.98
N ARG A 333 34.70 -4.17 28.06
CA ARG A 333 35.98 -4.10 27.37
C ARG A 333 36.85 -5.31 27.67
N LEU A 334 36.99 -5.65 28.95
CA LEU A 334 37.75 -6.83 29.33
C LEU A 334 37.21 -8.10 28.66
N TRP A 335 35.88 -8.29 28.68
CA TRP A 335 35.30 -9.44 28.00
C TRP A 335 35.75 -9.48 26.54
N LEU A 336 35.63 -8.34 25.85
CA LEU A 336 35.94 -8.29 24.43
C LEU A 336 37.42 -8.55 24.15
N LEU A 337 38.31 -8.01 25.01
CA LEU A 337 39.73 -8.17 24.74
C LEU A 337 40.21 -9.58 25.06
N TRP A 338 39.70 -10.18 26.16
CA TRP A 338 39.99 -11.58 26.45
C TRP A 338 39.65 -12.47 25.26
N ALA A 339 38.46 -12.27 24.67
CA ALA A 339 38.09 -13.04 23.49
C ALA A 339 39.04 -12.76 22.32
N ASP A 340 39.41 -11.49 22.12
CA ASP A 340 40.40 -11.16 21.09
C ASP A 340 41.73 -11.87 21.36
N ALA A 341 42.12 -12.02 22.64
CA ALA A 341 43.35 -12.73 22.96
C ALA A 341 43.22 -14.22 22.69
N VAL A 342 42.09 -14.83 23.09
CA VAL A 342 41.88 -16.24 22.79
C VAL A 342 41.95 -16.49 21.29
N ARG A 343 41.40 -15.56 20.50
CA ARG A 343 41.44 -15.72 19.06
C ARG A 343 42.86 -15.75 18.51
N GLN A 344 43.84 -15.19 19.23
CA GLN A 344 45.22 -15.27 18.78
C GLN A 344 45.76 -16.69 18.86
N ASN A 345 45.25 -17.50 19.79
CA ASN A 345 45.79 -18.81 20.11
C ASN A 345 45.03 -19.97 19.51
N ILE A 346 43.84 -19.72 18.92
CA ILE A 346 43.02 -20.81 18.43
C ILE A 346 43.77 -21.59 17.38
N ARG A 347 43.70 -22.91 17.46
CA ARG A 347 44.28 -23.75 16.41
C ARG A 347 43.27 -24.81 16.02
N TYR A 348 43.19 -25.06 14.70
CA TYR A 348 42.16 -25.94 14.16
C TYR A 348 42.78 -27.22 13.63
N PRO A 349 42.02 -28.33 13.57
CA PRO A 349 40.67 -28.46 14.12
C PRO A 349 40.73 -28.88 15.57
N MET A 350 39.64 -28.74 16.31
CA MET A 350 39.53 -29.23 17.68
C MET A 350 38.46 -30.31 17.74
N ASP A 351 38.53 -31.14 18.77
CA ASP A 351 37.54 -32.19 18.97
C ASP A 351 36.95 -32.07 20.36
N LYS A 352 35.65 -32.30 20.46
CA LYS A 352 34.96 -32.14 21.74
C LYS A 352 35.44 -33.11 22.82
N ALA A 353 36.12 -34.20 22.43
CA ALA A 353 36.65 -35.16 23.39
C ALA A 353 38.17 -35.03 23.57
N ALA A 354 38.91 -34.98 22.46
CA ALA A 354 40.37 -34.96 22.48
C ALA A 354 40.95 -33.62 22.95
N ASP A 355 40.12 -32.57 23.04
CA ASP A 355 40.63 -31.20 23.12
C ASP A 355 39.69 -30.35 23.96
N THR A 356 39.24 -30.88 25.11
CA THR A 356 38.10 -30.29 25.83
C THR A 356 38.36 -28.85 26.26
N ALA A 357 39.54 -28.57 26.81
CA ALA A 357 39.80 -27.23 27.31
C ALA A 357 39.84 -26.21 26.17
N ARG A 358 40.65 -26.48 25.14
CA ARG A 358 40.70 -25.57 23.99
C ARG A 358 39.32 -25.45 23.33
N PHE A 359 38.61 -26.57 23.21
CA PHE A 359 37.26 -26.57 22.64
C PHE A 359 36.32 -25.66 23.43
N GLN A 360 36.31 -25.82 24.75
CA GLN A 360 35.29 -25.15 25.55
C GLN A 360 35.60 -23.66 25.71
N GLU A 361 36.88 -23.29 25.84
CA GLU A 361 37.21 -21.86 25.89
C GLU A 361 36.93 -21.21 24.55
N THR A 362 37.31 -21.87 23.45
CA THR A 362 37.00 -21.34 22.12
C THR A 362 35.51 -21.13 21.95
N PHE A 363 34.73 -22.13 22.35
CA PHE A 363 33.28 -22.01 22.35
C PHE A 363 32.81 -20.74 23.05
N VAL A 364 33.48 -20.36 24.13
CA VAL A 364 33.11 -19.12 24.80
C VAL A 364 33.60 -17.92 24.01
N ALA A 365 34.86 -17.93 23.56
CA ALA A 365 35.39 -16.71 22.94
C ALA A 365 34.72 -16.43 21.59
N ASP A 366 34.23 -17.47 20.91
CA ASP A 366 33.52 -17.29 19.65
C ASP A 366 32.25 -16.47 19.83
N ALA A 367 31.66 -16.51 21.02
CA ALA A 367 30.41 -15.78 21.28
C ALA A 367 30.62 -14.33 21.66
N ILE A 368 31.86 -13.90 21.87
CA ILE A 368 32.17 -12.54 22.32
C ILE A 368 33.02 -11.90 21.23
N VAL A 369 32.36 -11.22 20.29
CA VAL A 369 33.01 -10.43 19.26
C VAL A 369 32.41 -9.03 19.30
N GLY A 370 33.27 -8.03 19.48
CA GLY A 370 32.87 -6.64 19.38
C GLY A 370 33.26 -6.10 18.02
N TYR A 371 32.25 -5.67 17.25
CA TYR A 371 32.46 -5.30 15.86
C TYR A 371 32.56 -3.80 15.66
N VAL A 372 32.03 -3.00 16.58
CA VAL A 372 31.98 -1.55 16.43
C VAL A 372 33.18 -0.97 17.18
N ARG A 373 34.23 -0.60 16.45
CA ARG A 373 35.43 -0.10 17.08
C ARG A 373 36.33 0.50 15.99
N GLU A 374 37.31 1.31 16.42
CA GLU A 374 38.25 1.92 15.48
C GLU A 374 39.47 1.04 15.22
N ALA A 375 39.77 0.11 16.11
CA ALA A 375 40.85 -0.85 15.93
C ALA A 375 40.48 -2.14 16.63
N GLY A 376 41.13 -3.23 16.23
CA GLY A 376 40.96 -4.54 16.82
C GLY A 376 42.03 -5.51 16.33
N ALA A 377 41.71 -6.80 16.27
CA ALA A 377 42.71 -7.79 15.89
C ALA A 377 42.08 -8.86 15.01
N ALA A 378 42.90 -9.42 14.13
CA ALA A 378 42.49 -10.54 13.31
C ALA A 378 42.75 -11.83 14.05
N GLN A 379 41.82 -12.77 13.93
CA GLN A 379 42.08 -14.11 14.40
C GLN A 379 43.17 -14.71 13.51
N LYS A 380 44.19 -15.29 14.14
CA LYS A 380 45.32 -15.84 13.38
C LYS A 380 44.85 -16.86 12.36
N GLU A 381 44.17 -17.89 12.83
CA GLU A 381 43.82 -19.07 12.03
C GLU A 381 42.34 -19.03 11.72
N LEU A 382 41.99 -19.04 10.43
CA LEU A 382 40.60 -19.01 10.01
C LEU A 382 40.06 -20.37 9.55
N GLY A 383 40.86 -21.43 9.66
CA GLY A 383 40.36 -22.82 9.57
C GLY A 383 39.71 -23.14 8.25
N SER A 384 38.55 -23.82 8.32
CA SER A 384 37.79 -24.17 7.12
C SER A 384 37.09 -22.98 6.48
N TYR A 385 37.08 -21.81 7.13
CA TYR A 385 36.34 -20.67 6.62
C TYR A 385 37.11 -19.94 5.52
N ALA A 386 38.42 -19.73 5.74
CA ALA A 386 39.25 -18.87 4.89
C ALA A 386 40.69 -19.01 5.38
N GLY A 387 41.61 -18.34 4.68
CA GLY A 387 43.04 -18.53 4.93
C GLY A 387 43.87 -17.34 4.56
N GLN A 388 45.07 -17.61 4.03
CA GLN A 388 46.03 -16.53 3.84
C GLN A 388 45.55 -15.53 2.80
N ARG A 389 44.72 -15.95 1.84
CA ARG A 389 44.25 -14.98 0.86
C ARG A 389 43.37 -13.92 1.52
N GLN A 390 42.49 -14.34 2.45
CA GLN A 390 41.63 -13.38 3.12
C GLN A 390 42.42 -12.45 4.02
N GLN A 391 43.38 -13.00 4.77
CA GLN A 391 44.22 -12.19 5.66
C GLN A 391 44.90 -11.07 4.91
N SER A 392 45.42 -11.35 3.72
CA SER A 392 46.27 -10.41 3.00
C SER A 392 45.52 -9.68 1.90
N MET A 393 44.21 -9.62 1.96
CA MET A 393 43.46 -8.89 0.96
C MET A 393 43.82 -7.42 1.05
N PRO A 394 44.11 -6.76 -0.06
CA PRO A 394 44.37 -5.32 -0.02
C PRO A 394 43.08 -4.54 0.12
N VAL A 395 43.16 -3.38 0.77
CA VAL A 395 42.02 -2.55 1.13
C VAL A 395 42.19 -1.14 0.56
N SER A 396 41.05 -0.49 0.29
CA SER A 396 41.05 0.83 -0.38
C SER A 396 41.28 1.94 0.63
N GLY A 397 42.31 2.76 0.39
CA GLY A 397 42.60 3.86 1.30
C GLY A 397 41.63 5.02 1.22
N SER A 398 40.80 5.05 0.20
CA SER A 398 39.89 6.16 -0.08
C SER A 398 38.45 5.67 -0.16
N GLU A 399 37.53 6.62 -0.06
CA GLU A 399 36.10 6.34 0.06
C GLU A 399 35.53 5.89 -1.28
N GLU A 400 34.94 4.70 -1.31
CA GLU A 400 34.27 4.18 -2.49
C GLU A 400 32.77 4.43 -2.42
N THR A 401 32.17 4.68 -3.57
CA THR A 401 30.75 4.98 -3.63
C THR A 401 30.09 3.90 -4.48
N LEU A 402 29.08 3.26 -3.92
CA LEU A 402 28.34 2.19 -4.59
C LEU A 402 26.87 2.55 -4.56
N THR A 403 26.17 2.23 -5.65
CA THR A 403 24.72 2.40 -5.73
C THR A 403 24.09 1.02 -5.69
N LEU A 404 23.09 0.85 -4.85
CA LEU A 404 22.50 -0.47 -4.61
C LEU A 404 21.01 -0.39 -4.83
N THR A 405 20.47 -1.36 -5.54
CA THR A 405 19.03 -1.49 -5.63
C THR A 405 18.54 -2.38 -4.50
N LEU A 406 17.47 -1.96 -3.83
CA LEU A 406 16.81 -2.86 -2.89
C LEU A 406 15.59 -3.44 -3.60
N PRO A 407 15.65 -4.69 -4.08
CA PRO A 407 14.58 -5.20 -4.96
C PRO A 407 13.24 -5.43 -4.29
N SER A 408 13.17 -5.57 -2.98
CA SER A 408 11.92 -5.84 -2.30
C SER A 408 11.79 -4.89 -1.11
N ALA A 409 10.65 -4.99 -0.42
CA ALA A 409 10.40 -4.13 0.73
C ALA A 409 11.29 -4.46 1.93
N GLN A 410 11.86 -5.66 1.96
CA GLN A 410 12.62 -6.11 3.12
C GLN A 410 13.50 -7.28 2.72
N GLY A 411 14.72 -7.29 3.22
CA GLY A 411 15.63 -8.40 2.97
C GLY A 411 17.07 -7.98 3.27
N PHE A 412 18.00 -8.60 2.55
CA PHE A 412 19.36 -8.10 2.52
C PHE A 412 19.90 -8.31 1.12
N THR A 413 21.02 -7.65 0.83
CA THR A 413 21.61 -7.72 -0.49
C THR A 413 23.09 -7.38 -0.40
N ALA A 414 23.87 -8.06 -1.24
CA ALA A 414 25.31 -7.94 -1.17
C ALA A 414 25.79 -6.58 -1.65
N ILE A 415 26.61 -5.94 -0.81
CA ILE A 415 27.16 -4.62 -1.13
C ILE A 415 28.20 -4.71 -2.23
N GLY A 416 28.98 -5.80 -2.23
CA GLY A 416 30.05 -5.98 -3.20
C GLY A 416 31.43 -5.66 -2.66
N ARG A 417 31.59 -5.60 -1.33
CA ARG A 417 32.87 -5.35 -0.71
C ARG A 417 33.00 -6.28 0.47
N MET A 418 34.22 -6.40 0.97
CA MET A 418 34.49 -7.24 2.13
C MET A 418 35.20 -6.42 3.20
N ALA A 419 34.90 -6.73 4.46
CA ALA A 419 35.78 -6.34 5.54
C ALA A 419 36.97 -7.26 5.52
N ALA A 420 38.15 -6.69 5.64
CA ALA A 420 39.35 -7.50 5.78
C ALA A 420 39.61 -7.79 7.26
N PRO A 421 40.24 -8.92 7.59
CA PRO A 421 40.37 -9.28 9.02
C PRO A 421 41.23 -8.27 9.77
N GLY A 422 40.66 -7.75 10.86
CA GLY A 422 41.36 -6.82 11.74
C GLY A 422 41.71 -5.48 11.12
N LYS A 423 41.14 -5.13 9.99
CA LYS A 423 41.38 -3.84 9.35
C LYS A 423 40.14 -2.96 9.48
N ARG A 424 40.33 -1.76 10.03
CA ARG A 424 39.21 -0.85 10.26
C ARG A 424 38.51 -0.49 8.96
N LEU A 425 37.19 -0.64 8.96
CA LEU A 425 36.33 -0.27 7.86
C LEU A 425 35.31 0.77 8.32
N SER A 426 35.04 1.76 7.47
CA SER A 426 34.07 2.81 7.78
C SER A 426 33.00 2.83 6.70
N ILE A 427 31.75 2.78 7.12
CA ILE A 427 30.63 2.66 6.21
C ILE A 427 29.58 3.72 6.55
N ARG A 428 28.91 4.20 5.50
CA ARG A 428 27.98 5.29 5.64
C ARG A 428 26.87 5.08 4.61
N ILE A 429 25.63 5.25 5.04
CA ILE A 429 24.48 5.20 4.15
C ILE A 429 24.01 6.61 3.82
N GLU A 430 23.67 6.85 2.55
CA GLU A 430 23.00 8.08 2.13
C GLU A 430 21.90 7.77 1.13
N ASP A 431 20.94 8.70 1.00
CA ASP A 431 19.86 8.62 0.03
C ASP A 431 18.95 7.41 0.29
N ALA A 432 18.71 7.11 1.57
CA ALA A 432 17.97 5.92 1.96
C ALA A 432 16.47 6.02 1.68
N GLY A 433 15.93 7.22 1.53
CA GLY A 433 14.48 7.37 1.52
C GLY A 433 13.90 6.97 2.86
N GLN A 434 12.83 6.19 2.80
CA GLN A 434 12.16 5.65 3.98
C GLN A 434 12.71 4.29 4.41
N ALA A 435 13.67 3.73 3.70
CA ALA A 435 14.17 2.41 4.07
C ALA A 435 15.02 2.52 5.33
N SER A 436 14.85 1.54 6.21
CA SER A 436 15.67 1.39 7.41
C SER A 436 16.79 0.37 7.15
N LEU A 437 18.04 0.77 7.41
CA LEU A 437 19.18 0.00 6.96
C LEU A 437 20.05 -0.49 8.11
N ALA A 438 20.81 -1.53 7.82
CA ALA A 438 21.80 -2.10 8.72
C ALA A 438 22.85 -2.79 7.86
N VAL A 439 24.06 -2.81 8.37
CA VAL A 439 25.13 -3.52 7.69
C VAL A 439 25.34 -4.82 8.43
N GLY A 440 25.64 -5.88 7.67
CA GLY A 440 25.99 -7.16 8.27
C GLY A 440 27.13 -7.82 7.51
N LEU A 441 27.69 -8.85 8.15
CA LEU A 441 28.89 -9.52 7.66
C LEU A 441 28.62 -11.01 7.52
N ASN A 442 28.75 -11.51 6.29
CA ASN A 442 28.69 -12.93 5.98
C ASN A 442 27.27 -13.46 6.05
N THR A 443 27.02 -14.65 5.54
CA THR A 443 25.67 -15.20 5.44
C THR A 443 25.57 -16.63 5.95
N GLN A 444 26.65 -17.17 6.55
CA GLN A 444 26.60 -18.52 7.13
C GLN A 444 25.45 -18.66 8.09
N ARG A 445 24.77 -19.81 8.00
CA ARG A 445 23.82 -20.27 9.00
C ARG A 445 24.57 -21.08 10.05
N ILE A 446 24.14 -20.96 11.31
CA ILE A 446 24.98 -21.41 12.42
C ILE A 446 25.16 -22.93 12.41
N GLY A 447 24.22 -23.67 11.83
CA GLY A 447 24.44 -25.11 11.77
C GLY A 447 25.66 -25.55 10.97
N SER A 448 26.26 -24.65 10.17
CA SER A 448 27.35 -25.02 9.28
C SER A 448 28.74 -24.94 9.93
N THR A 449 28.83 -24.57 11.20
CA THR A 449 30.01 -24.90 12.02
C THR A 449 29.71 -26.22 12.71
N ARG A 450 30.33 -27.29 12.21
CA ARG A 450 30.01 -28.65 12.65
C ARG A 450 30.85 -29.05 13.86
N LEU A 451 30.74 -28.24 14.92
CA LEU A 451 31.66 -28.38 16.07
C LEU A 451 31.41 -29.62 16.89
N TRP A 452 30.24 -30.27 16.75
CA TRP A 452 29.95 -31.53 17.45
C TRP A 452 30.42 -32.76 16.71
N ASN A 453 30.65 -32.67 15.41
CA ASN A 453 31.24 -33.78 14.67
C ASN A 453 32.68 -33.96 15.10
N THR A 454 33.11 -35.22 15.13
CA THR A 454 34.49 -35.59 15.43
C THR A 454 35.48 -34.73 14.66
N ARG A 455 36.30 -33.96 15.40
CA ARG A 455 37.39 -33.16 14.83
C ARG A 455 36.91 -32.16 13.76
N GLN A 456 35.73 -31.57 13.97
CA GLN A 456 35.23 -30.62 12.97
C GLN A 456 34.97 -29.23 13.55
N TYR A 457 35.38 -28.96 14.79
CA TYR A 457 35.46 -27.58 15.27
C TYR A 457 36.67 -26.94 14.60
N ASP A 458 36.46 -26.49 13.36
CA ASP A 458 37.56 -26.03 12.52
C ASP A 458 37.30 -24.65 11.95
N ARG A 459 36.35 -23.89 12.54
CA ARG A 459 35.98 -22.57 12.09
C ARG A 459 35.18 -21.89 13.22
N PRO A 460 34.98 -20.57 13.18
CA PRO A 460 34.23 -19.92 14.27
C PRO A 460 32.75 -20.29 14.24
N ARG A 461 32.13 -20.23 15.42
CA ARG A 461 30.70 -20.53 15.52
C ARG A 461 29.84 -19.52 14.78
N PHE A 462 30.19 -18.24 14.83
CA PHE A 462 29.25 -17.17 14.46
C PHE A 462 29.87 -16.31 13.35
N LEU A 463 30.05 -16.90 12.17
CA LEU A 463 30.67 -16.17 11.06
C LEU A 463 29.77 -15.03 10.57
N LYS A 464 28.46 -15.17 10.73
CA LYS A 464 27.53 -14.09 10.39
C LYS A 464 27.43 -13.16 11.60
N SER A 465 27.90 -11.92 11.44
CA SER A 465 27.78 -10.93 12.50
C SER A 465 26.31 -10.62 12.79
N PRO A 466 26.01 -10.00 13.92
CA PRO A 466 24.66 -9.45 14.11
C PRO A 466 24.45 -8.24 13.20
N ASP A 467 23.19 -7.93 12.93
CA ASP A 467 22.88 -6.79 12.06
C ASP A 467 23.19 -5.50 12.81
N ILE A 468 24.02 -4.64 12.20
CA ILE A 468 24.48 -3.40 12.82
C ILE A 468 23.71 -2.23 12.22
N LYS A 469 22.87 -1.61 13.04
CA LYS A 469 21.96 -0.55 12.59
C LYS A 469 22.72 0.66 12.05
N LEU A 470 22.27 1.16 10.90
CA LEU A 470 22.84 2.36 10.29
C LEU A 470 21.82 3.49 10.27
N GLN A 471 22.21 4.65 10.77
CA GLN A 471 21.36 5.82 10.65
C GLN A 471 21.85 6.65 9.46
N ALA A 472 20.91 7.20 8.71
CA ALA A 472 21.26 7.83 7.44
C ALA A 472 22.23 8.97 7.67
N ASN A 473 23.30 8.99 6.87
CA ASN A 473 24.32 10.05 6.86
C ASN A 473 25.08 10.12 8.18
N GLN A 474 25.40 8.94 8.74
CA GLN A 474 26.21 8.82 9.94
C GLN A 474 27.15 7.64 9.74
N SER A 475 28.45 7.91 9.76
CA SER A 475 29.44 6.89 9.52
C SER A 475 29.59 5.98 10.74
N VAL A 476 29.99 4.74 10.47
CA VAL A 476 30.24 3.77 11.53
C VAL A 476 31.53 3.03 11.20
N ALA A 477 32.34 2.77 12.23
CA ALA A 477 33.63 2.13 12.08
C ALA A 477 33.56 0.69 12.59
N LEU A 478 34.03 -0.24 11.77
CA LEU A 478 33.96 -1.67 12.06
C LEU A 478 35.34 -2.29 12.00
N VAL A 479 35.61 -3.22 12.92
CA VAL A 479 36.74 -4.13 12.79
C VAL A 479 36.24 -5.55 13.02
N SER A 480 36.49 -6.44 12.05
CA SER A 480 36.06 -7.81 12.16
C SER A 480 37.26 -8.72 12.36
N PRO A 481 37.21 -9.63 13.34
CA PRO A 481 38.27 -10.62 13.49
C PRO A 481 38.36 -11.63 12.34
N TYR A 482 37.28 -11.80 11.56
CA TYR A 482 37.25 -12.83 10.53
C TYR A 482 37.34 -12.30 9.12
N GLY A 483 36.97 -11.04 8.90
CA GLY A 483 36.66 -10.58 7.56
C GLY A 483 35.34 -11.18 7.12
N GLY A 484 34.72 -10.60 6.10
CA GLY A 484 33.46 -11.14 5.64
C GLY A 484 32.91 -10.33 4.49
N LEU A 485 31.91 -10.93 3.86
CA LEU A 485 31.18 -10.29 2.78
C LEU A 485 30.15 -9.31 3.34
N LEU A 486 30.17 -8.09 2.84
CA LEU A 486 29.32 -7.02 3.38
C LEU A 486 27.92 -7.13 2.83
N GLN A 487 26.93 -7.27 3.71
CA GLN A 487 25.52 -7.27 3.36
C GLN A 487 24.85 -5.96 3.79
N LEU A 488 23.83 -5.57 3.06
CA LEU A 488 22.99 -4.47 3.47
C LEU A 488 21.63 -5.03 3.79
N VAL A 489 21.19 -4.86 5.04
CA VAL A 489 19.90 -5.33 5.50
C VAL A 489 18.94 -4.15 5.52
N TYR A 490 17.73 -4.37 5.01
CA TYR A 490 16.80 -3.28 4.81
C TYR A 490 15.39 -3.74 5.13
N SER A 491 14.57 -2.77 5.58
CA SER A 491 13.14 -2.98 5.79
C SER A 491 12.42 -1.67 5.54
N GLY A 492 11.10 -1.77 5.33
CA GLY A 492 10.30 -0.60 5.00
C GLY A 492 10.74 0.12 3.76
N ALA A 493 11.38 -0.59 2.83
CA ALA A 493 11.86 0.01 1.61
C ALA A 493 10.80 -0.01 0.52
N THR A 494 11.08 0.71 -0.55
CA THR A 494 10.25 0.75 -1.75
C THR A 494 10.90 -0.12 -2.81
N PRO A 495 10.27 -1.19 -3.27
CA PRO A 495 10.91 -2.07 -4.26
C PRO A 495 11.40 -1.29 -5.47
N GLY A 496 12.62 -1.60 -5.89
CA GLY A 496 13.24 -0.89 -6.98
C GLY A 496 14.01 0.35 -6.56
N GLN A 497 13.83 0.83 -5.33
CA GLN A 497 14.52 2.05 -4.89
C GLN A 497 16.03 1.82 -4.82
N THR A 498 16.78 2.91 -4.85
CA THR A 498 18.22 2.83 -4.67
C THR A 498 18.64 3.38 -3.31
N VAL A 499 19.82 2.95 -2.89
CA VAL A 499 20.53 3.48 -1.74
C VAL A 499 21.94 3.81 -2.20
N THR A 500 22.57 4.75 -1.52
CA THR A 500 23.98 5.05 -1.74
C THR A 500 24.79 4.53 -0.55
N VAL A 501 25.86 3.81 -0.84
CA VAL A 501 26.74 3.24 0.17
C VAL A 501 28.12 3.83 -0.06
N LYS A 502 28.64 4.49 0.97
CA LYS A 502 30.02 4.96 1.00
C LYS A 502 30.77 4.13 2.02
N VAL A 503 31.94 3.65 1.65
CA VAL A 503 32.74 2.77 2.49
C VAL A 503 34.23 3.05 2.25
N THR A 504 35.00 3.13 3.33
CA THR A 504 36.44 3.26 3.26
C THR A 504 37.08 2.08 3.99
N GLY A 505 38.20 1.58 3.46
CA GLY A 505 38.95 0.54 4.14
C GLY A 505 38.52 -0.89 3.87
N ALA A 506 37.74 -1.13 2.81
CA ALA A 506 37.19 -2.43 2.51
C ALA A 506 37.95 -3.10 1.37
N ALA A 507 37.89 -4.42 1.35
CA ALA A 507 38.50 -5.15 0.26
C ALA A 507 37.48 -5.37 -0.86
N SER A 508 37.98 -5.78 -2.03
CA SER A 508 37.14 -6.07 -3.18
C SER A 508 37.29 -7.55 -3.52
N GLN A 509 36.33 -8.35 -3.09
CA GLN A 509 36.29 -9.74 -3.51
C GLN A 509 35.83 -9.80 -4.97
N PRO A 510 36.10 -10.91 -5.65
CA PRO A 510 35.53 -11.10 -7.00
C PRO A 510 34.01 -11.01 -6.95
N PHE A 511 33.45 -10.15 -7.78
CA PHE A 511 32.04 -9.79 -7.70
C PHE A 511 31.47 -9.65 -9.11
N LEU A 512 30.39 -10.36 -9.37
CA LEU A 512 29.73 -10.34 -10.67
C LEU A 512 28.25 -10.01 -10.47
N ASP A 513 27.81 -8.85 -10.98
CA ASP A 513 26.40 -8.47 -10.98
C ASP A 513 25.90 -8.37 -12.43
N ILE A 514 24.94 -9.22 -12.79
CA ILE A 514 24.29 -9.20 -14.10
C ILE A 514 22.80 -8.89 -13.90
N GLN A 515 22.26 -8.00 -14.73
CA GLN A 515 20.83 -7.67 -14.69
C GLN A 515 20.18 -7.95 -16.04
N PRO A 516 18.99 -8.60 -16.07
CA PRO A 516 18.46 -9.11 -17.35
C PRO A 516 18.26 -8.00 -18.37
N GLY A 517 19.01 -8.06 -19.47
CA GLY A 517 18.99 -6.99 -20.46
C GLY A 517 19.92 -5.83 -20.11
N GLU A 518 21.21 -6.02 -20.34
CA GLU A 518 22.23 -5.00 -20.22
C GLU A 518 23.54 -5.64 -20.69
N ASP A 519 24.60 -4.82 -20.80
CA ASP A 519 25.90 -5.29 -21.29
C ASP A 519 26.76 -5.73 -20.11
N SER A 520 26.90 -7.05 -19.96
CA SER A 520 27.69 -7.64 -18.91
C SER A 520 29.05 -8.11 -19.39
N SER A 521 29.36 -7.95 -20.68
CA SER A 521 30.62 -8.45 -21.22
C SER A 521 31.81 -7.84 -20.49
N GLN A 522 31.68 -6.60 -20.01
CA GLN A 522 32.75 -5.98 -19.25
C GLN A 522 32.81 -6.54 -17.84
N ALA A 523 31.64 -6.62 -17.17
CA ALA A 523 31.58 -7.14 -15.81
C ALA A 523 32.12 -8.56 -15.72
N ILE A 524 31.81 -9.39 -16.72
CA ILE A 524 32.28 -10.78 -16.74
C ILE A 524 33.79 -10.84 -16.87
N ALA A 525 34.37 -10.02 -17.74
CA ALA A 525 35.83 -10.05 -17.89
C ALA A 525 36.52 -9.50 -16.65
N ASP A 526 35.98 -8.43 -16.05
CA ASP A 526 36.44 -8.01 -14.74
C ASP A 526 36.48 -9.19 -13.77
N PHE A 527 35.39 -9.96 -13.74
CA PHE A 527 35.24 -11.05 -12.79
C PHE A 527 36.22 -12.18 -13.08
N ILE A 528 36.44 -12.50 -14.35
CA ILE A 528 37.40 -13.55 -14.66
C ILE A 528 38.79 -13.15 -14.20
N GLN A 529 39.14 -11.88 -14.36
CA GLN A 529 40.47 -11.40 -13.97
C GLN A 529 40.69 -11.53 -12.46
N ALA A 530 39.71 -11.08 -11.68
CA ALA A 530 39.77 -11.27 -10.22
C ALA A 530 39.91 -12.75 -9.85
N LEU A 531 39.17 -13.63 -10.53
CA LEU A 531 39.31 -15.06 -10.29
C LEU A 531 40.73 -15.52 -10.58
N ASP A 532 41.31 -15.01 -11.65
CA ASP A 532 42.63 -15.46 -12.06
C ASP A 532 43.71 -14.88 -11.17
N ALA A 533 43.49 -13.68 -10.62
CA ALA A 533 44.43 -13.13 -9.64
C ALA A 533 44.59 -14.02 -8.42
N ASP A 534 43.51 -14.72 -8.04
CA ASP A 534 43.54 -15.67 -6.91
C ASP A 534 43.98 -14.98 -5.62
N LYS A 535 43.30 -13.87 -5.32
CA LYS A 535 43.61 -13.05 -4.16
C LYS A 535 42.62 -13.26 -3.01
N ALA A 536 41.51 -13.94 -3.25
CA ALA A 536 40.42 -14.01 -2.29
C ALA A 536 40.01 -15.45 -2.05
N ASP A 537 39.44 -15.66 -0.86
CA ASP A 537 38.81 -16.94 -0.53
C ASP A 537 37.30 -16.95 -0.76
N TRP A 538 36.65 -15.79 -0.86
CA TRP A 538 35.21 -15.69 -1.02
C TRP A 538 34.84 -14.82 -2.22
N LEU A 539 33.71 -15.13 -2.84
CA LEU A 539 33.25 -14.36 -3.98
C LEU A 539 31.73 -14.24 -3.89
N GLU A 540 31.16 -13.40 -4.76
CA GLU A 540 29.71 -13.30 -4.86
C GLU A 540 29.28 -13.09 -6.32
N ILE A 541 28.10 -13.62 -6.64
CA ILE A 541 27.46 -13.46 -7.94
C ILE A 541 26.03 -13.02 -7.71
N ARG A 542 25.68 -11.84 -8.19
CA ARG A 542 24.29 -11.40 -8.30
C ARG A 542 23.85 -11.57 -9.76
N SER A 543 22.82 -12.39 -9.99
CA SER A 543 22.27 -12.56 -11.34
C SER A 543 20.77 -12.53 -11.24
N GLY A 544 20.16 -11.42 -11.67
CA GLY A 544 18.72 -11.31 -11.58
C GLY A 544 18.29 -11.24 -10.13
N SER A 545 17.43 -12.18 -9.74
CA SER A 545 16.91 -12.27 -8.38
C SER A 545 17.66 -13.30 -7.53
N VAL A 546 18.90 -13.64 -7.91
CA VAL A 546 19.65 -14.73 -7.28
C VAL A 546 21.01 -14.19 -6.86
N GLU A 547 21.35 -14.36 -5.59
CA GLU A 547 22.64 -13.93 -5.06
C GLU A 547 23.36 -15.16 -4.51
N VAL A 548 24.56 -15.42 -5.03
CA VAL A 548 25.37 -16.56 -4.59
C VAL A 548 26.54 -16.02 -3.78
N HIS A 549 26.61 -16.43 -2.51
CA HIS A 549 27.73 -16.17 -1.61
C HIS A 549 28.55 -17.45 -1.51
N ALA A 550 29.77 -17.44 -2.05
CA ALA A 550 30.42 -18.71 -2.37
C ALA A 550 31.90 -18.73 -2.04
N LYS A 551 32.34 -19.85 -1.48
CA LYS A 551 33.77 -20.10 -1.34
C LYS A 551 34.40 -20.25 -2.73
N VAL A 552 35.47 -19.46 -2.97
CA VAL A 552 36.11 -19.43 -4.28
C VAL A 552 36.52 -20.84 -4.73
N GLU A 553 37.18 -21.59 -3.84
CA GLU A 553 37.72 -22.87 -4.29
C GLU A 553 36.61 -23.84 -4.66
N LYS A 554 35.42 -23.70 -4.06
CA LYS A 554 34.29 -24.53 -4.47
C LYS A 554 33.83 -24.20 -5.88
N VAL A 555 33.77 -22.92 -6.23
CA VAL A 555 33.28 -22.54 -7.55
C VAL A 555 34.32 -22.83 -8.64
N ARG A 556 35.60 -22.52 -8.38
CA ARG A 556 36.62 -22.88 -9.35
C ARG A 556 36.69 -24.40 -9.51
N GLY A 557 36.51 -25.14 -8.42
CA GLY A 557 36.37 -26.58 -8.54
C GLY A 557 35.28 -26.97 -9.54
N SER A 558 34.11 -26.34 -9.41
CA SER A 558 33.03 -26.66 -10.35
C SER A 558 33.35 -26.16 -11.76
N ILE A 559 34.10 -25.06 -11.89
CA ILE A 559 34.36 -24.55 -13.22
C ILE A 559 35.42 -25.38 -13.92
N ASP A 560 36.36 -25.95 -13.16
CA ASP A 560 37.40 -26.77 -13.76
C ASP A 560 36.87 -28.15 -14.13
N LYS A 561 36.12 -28.78 -13.22
CA LYS A 561 35.72 -30.17 -13.41
C LYS A 561 34.60 -30.32 -14.43
N ASP A 562 33.58 -29.46 -14.36
CA ASP A 562 32.36 -29.62 -15.15
C ASP A 562 32.30 -28.70 -16.36
N TYR A 563 33.12 -27.63 -16.39
CA TYR A 563 33.12 -26.65 -17.47
C TYR A 563 34.51 -26.47 -18.09
N GLY A 564 35.51 -27.23 -17.62
CA GLY A 564 36.82 -27.27 -18.23
C GLY A 564 37.55 -25.94 -18.24
N GLY A 565 37.39 -25.14 -17.19
CA GLY A 565 37.99 -23.83 -17.14
C GLY A 565 37.21 -22.71 -17.79
N ASP A 566 36.18 -23.02 -18.60
CA ASP A 566 35.46 -21.98 -19.37
C ASP A 566 34.48 -21.26 -18.45
N VAL A 567 34.93 -20.14 -17.88
CA VAL A 567 34.08 -19.36 -17.00
C VAL A 567 32.88 -18.80 -17.74
N GLN A 568 33.09 -18.42 -19.01
CA GLN A 568 32.02 -17.79 -19.79
C GLN A 568 30.81 -18.70 -19.94
N ARG A 569 31.03 -19.95 -20.35
CA ARG A 569 29.91 -20.88 -20.45
C ARG A 569 29.30 -21.17 -19.10
N PHE A 570 30.12 -21.24 -18.05
CA PHE A 570 29.60 -21.45 -16.71
C PHE A 570 28.56 -20.40 -16.36
N ILE A 571 28.87 -19.13 -16.64
CA ILE A 571 27.99 -18.03 -16.28
C ILE A 571 26.74 -18.03 -17.14
N ARG A 572 26.90 -18.32 -18.44
CA ARG A 572 25.74 -18.38 -19.32
C ARG A 572 24.76 -19.46 -18.89
N GLU A 573 25.28 -20.63 -18.48
CA GLU A 573 24.41 -21.72 -18.06
C GLU A 573 23.85 -21.48 -16.66
N LEU A 574 24.60 -20.83 -15.79
CA LEU A 574 24.04 -20.40 -14.52
C LEU A 574 22.83 -19.53 -14.75
N ASN A 575 22.96 -18.56 -15.67
CA ASN A 575 21.89 -17.62 -15.94
C ASN A 575 20.73 -18.30 -16.66
N GLU A 576 21.03 -19.04 -17.72
CA GLU A 576 20.00 -19.49 -18.66
C GLU A 576 19.48 -20.90 -18.37
N VAL A 577 20.38 -21.84 -18.08
CA VAL A 577 19.97 -23.24 -17.92
C VAL A 577 19.35 -23.46 -16.55
N PHE A 578 19.87 -22.79 -15.54
CA PHE A 578 19.42 -22.95 -14.16
C PHE A 578 18.43 -21.86 -13.73
N ILE A 579 18.85 -20.59 -13.69
CA ILE A 579 18.00 -19.56 -13.11
C ILE A 579 16.78 -19.28 -14.01
N ASP A 580 17.03 -18.98 -15.28
CA ASP A 580 15.97 -18.60 -16.19
C ASP A 580 15.01 -19.74 -16.46
N ASP A 581 15.54 -20.96 -16.61
CA ASP A 581 14.70 -22.11 -16.85
C ASP A 581 13.61 -22.22 -15.78
N ALA A 582 14.00 -22.20 -14.50
CA ALA A 582 13.04 -22.31 -13.40
C ALA A 582 12.05 -21.16 -13.40
N TYR A 583 12.54 -19.92 -13.40
CA TYR A 583 11.64 -18.77 -13.32
C TYR A 583 10.76 -18.65 -14.55
N THR A 584 11.24 -19.13 -15.72
CA THR A 584 10.40 -19.19 -16.90
C THR A 584 9.38 -20.30 -16.77
N LEU A 585 9.79 -21.48 -16.27
CA LEU A 585 8.83 -22.56 -16.04
C LEU A 585 7.71 -22.06 -15.13
N ALA A 586 8.04 -21.24 -14.14
CA ALA A 586 7.03 -20.73 -13.21
C ALA A 586 6.32 -19.50 -13.73
N GLY A 587 6.63 -19.08 -14.96
CA GLY A 587 5.86 -18.02 -15.61
C GLY A 587 5.94 -16.66 -14.96
N PHE A 588 7.03 -16.36 -14.25
CA PHE A 588 7.23 -15.03 -13.67
C PHE A 588 7.52 -14.00 -14.75
N ALA A 589 7.14 -12.76 -14.47
CA ALA A 589 7.38 -11.63 -15.37
C ALA A 589 8.86 -11.28 -15.37
N ILE A 590 9.59 -11.79 -16.34
CA ILE A 590 11.02 -11.59 -16.45
C ILE A 590 11.23 -10.39 -17.36
N PRO A 591 12.05 -9.41 -16.95
CA PRO A 591 12.20 -8.19 -17.75
C PRO A 591 12.84 -8.47 -19.11
N ASN A 592 12.32 -7.78 -20.14
CA ASN A 592 12.80 -7.89 -21.52
C ASN A 592 12.64 -9.30 -22.07
N GLN A 593 11.77 -10.09 -21.45
CA GLN A 593 11.61 -11.47 -21.86
C GLN A 593 10.13 -11.72 -22.02
N ALA A 594 9.70 -11.85 -23.27
CA ALA A 594 8.30 -12.15 -23.52
C ALA A 594 8.01 -13.64 -23.26
N LYS A 595 6.72 -13.95 -23.05
CA LYS A 595 6.27 -15.33 -22.97
C LYS A 595 6.40 -16.00 -24.34
N THR A 596 6.60 -17.31 -24.34
CA THR A 596 6.67 -18.02 -25.62
C THR A 596 5.31 -17.95 -26.34
N PRO A 597 5.28 -18.13 -27.67
CA PRO A 597 4.03 -17.91 -28.41
C PRO A 597 2.89 -18.82 -27.98
N ALA A 598 3.14 -20.09 -27.65
CA ALA A 598 2.01 -20.94 -27.28
C ALA A 598 1.46 -20.60 -25.90
N ILE A 599 2.27 -19.98 -25.02
CA ILE A 599 1.75 -19.54 -23.73
C ILE A 599 0.92 -18.27 -23.92
N GLN A 600 1.45 -17.30 -24.68
CA GLN A 600 0.71 -16.08 -24.99
C GLN A 600 -0.65 -16.39 -25.61
N GLN A 601 -0.71 -17.37 -26.52
CA GLN A 601 -1.96 -17.69 -27.20
C GLN A 601 -2.97 -18.32 -26.24
N GLU A 602 -2.52 -19.28 -25.43
CA GLU A 602 -3.42 -19.86 -24.44
C GLU A 602 -3.96 -18.78 -23.51
N CYS A 603 -3.06 -17.96 -22.96
CA CYS A 603 -3.48 -16.91 -22.04
C CYS A 603 -4.46 -15.93 -22.71
N ALA A 604 -4.24 -15.63 -23.99
CA ALA A 604 -5.16 -14.72 -24.68
C ALA A 604 -6.50 -15.39 -24.95
N ALA A 605 -6.49 -16.64 -25.40
CA ALA A 605 -7.73 -17.36 -25.65
C ALA A 605 -8.58 -17.51 -24.40
N ARG A 606 -7.97 -17.44 -23.21
CA ARG A 606 -8.70 -17.58 -21.96
C ARG A 606 -9.01 -16.22 -21.32
N GLY A 607 -8.58 -15.12 -21.93
CA GLY A 607 -8.73 -13.82 -21.31
C GLY A 607 -8.01 -13.70 -19.97
N TRP A 608 -6.79 -14.19 -19.87
CA TRP A 608 -6.03 -14.21 -18.63
C TRP A 608 -5.00 -13.08 -18.58
N ASP A 609 -4.76 -12.59 -17.37
CA ASP A 609 -3.67 -11.66 -17.10
C ASP A 609 -2.40 -12.48 -16.80
N CYS A 610 -1.54 -12.63 -17.79
CA CYS A 610 -0.33 -13.43 -17.65
C CYS A 610 0.95 -12.61 -17.69
N ASP A 611 0.84 -11.28 -17.57
CA ASP A 611 2.00 -10.42 -17.74
C ASP A 611 2.09 -9.30 -16.71
N SER A 612 1.03 -8.99 -15.97
CA SER A 612 1.08 -7.87 -15.05
C SER A 612 2.11 -8.09 -13.95
N GLU A 613 2.84 -7.03 -13.59
CA GLU A 613 3.79 -7.11 -12.50
C GLU A 613 3.09 -7.32 -11.18
N THR A 614 1.83 -6.90 -11.06
CA THR A 614 1.20 -7.07 -9.75
C THR A 614 0.90 -8.53 -9.46
N LEU A 615 0.52 -9.30 -10.48
CA LEU A 615 0.24 -10.72 -10.22
C LEU A 615 1.47 -11.61 -10.35
N HIS A 616 2.38 -11.31 -11.28
CA HIS A 616 3.45 -12.24 -11.62
C HIS A 616 4.85 -11.67 -11.37
N LYS A 617 4.94 -10.59 -10.59
CA LYS A 617 6.24 -10.05 -10.17
C LYS A 617 7.15 -11.16 -9.67
N LEU A 618 8.41 -11.10 -10.11
CA LEU A 618 9.45 -11.98 -9.64
C LEU A 618 9.47 -11.89 -8.12
N PRO A 619 9.77 -12.97 -7.45
CA PRO A 619 9.87 -12.89 -5.98
C PRO A 619 11.11 -12.13 -5.57
N GLY A 620 11.39 -12.08 -4.27
CA GLY A 620 12.57 -11.39 -3.85
C GLY A 620 13.84 -12.17 -4.18
N THR A 621 14.95 -11.64 -3.70
CA THR A 621 16.23 -12.30 -3.82
C THR A 621 16.16 -13.72 -3.27
N GLN A 622 16.54 -14.67 -4.12
CA GLN A 622 16.93 -16.00 -3.64
C GLN A 622 18.42 -15.99 -3.35
N HIS A 623 18.81 -16.37 -2.14
CA HIS A 623 20.21 -16.41 -1.74
C HIS A 623 20.69 -17.86 -1.74
N ILE A 624 21.94 -18.07 -2.15
CA ILE A 624 22.57 -19.40 -2.12
C ILE A 624 23.94 -19.26 -1.48
N ASN A 625 24.23 -20.13 -0.50
CA ASN A 625 25.55 -20.29 0.10
C ASN A 625 26.25 -21.51 -0.49
N VAL A 626 27.48 -21.32 -1.00
CA VAL A 626 28.38 -22.41 -1.42
C VAL A 626 29.53 -22.45 -0.44
N ASP A 627 29.58 -23.46 0.42
CA ASP A 627 30.54 -23.46 1.52
C ASP A 627 31.07 -24.87 1.77
N GLN A 628 32.04 -24.93 2.68
CA GLN A 628 32.56 -26.22 3.10
C GLN A 628 31.51 -27.04 3.82
N TYR A 629 30.58 -26.40 4.52
CA TYR A 629 29.57 -27.08 5.31
C TYR A 629 28.23 -26.41 5.15
N ALA A 630 27.17 -27.15 5.53
CA ALA A 630 25.80 -26.71 5.42
C ALA A 630 25.12 -26.69 6.80
N GLN A 631 24.05 -25.88 6.90
CA GLN A 631 23.18 -25.91 8.08
C GLN A 631 22.79 -27.35 8.45
N CYS A 632 22.51 -28.19 7.45
CA CYS A 632 22.00 -29.54 7.69
C CYS A 632 22.34 -30.40 6.48
N GLY A 633 22.90 -31.59 6.74
CA GLY A 633 23.34 -32.47 5.67
C GLY A 633 24.53 -31.92 4.90
N GLY A 634 24.55 -32.24 3.60
CA GLY A 634 25.44 -31.61 2.65
C GLY A 634 24.79 -30.46 1.92
N GLY A 635 23.52 -30.19 2.23
CA GLY A 635 22.76 -29.13 1.61
C GLY A 635 21.45 -28.95 2.36
N CYS A 636 21.07 -27.71 2.66
CA CYS A 636 19.90 -27.43 3.47
C CYS A 636 19.03 -26.40 2.77
N SER A 637 17.72 -26.62 2.81
CA SER A 637 16.75 -25.76 2.17
C SER A 637 16.62 -24.43 2.92
N GLY A 638 16.12 -23.42 2.20
CA GLY A 638 15.78 -22.13 2.78
C GLY A 638 16.17 -20.96 1.90
N ASN A 639 16.37 -19.81 2.51
CA ASN A 639 16.79 -18.60 1.81
C ASN A 639 17.64 -17.79 2.78
N PRO A 640 18.98 -17.91 2.70
CA PRO A 640 19.69 -18.71 1.70
C PRO A 640 19.53 -20.19 1.93
N TYR A 641 19.71 -20.97 0.88
CA TYR A 641 19.95 -22.39 1.05
C TYR A 641 21.43 -22.69 0.84
N ASP A 642 21.86 -23.82 1.39
CA ASP A 642 23.27 -24.19 1.45
C ASP A 642 23.57 -25.34 0.51
N GLN A 643 24.75 -25.31 -0.10
CA GLN A 643 25.29 -26.49 -0.76
C GLN A 643 26.80 -26.51 -0.57
N THR A 644 27.37 -27.74 -0.58
CA THR A 644 28.77 -27.98 -0.24
C THR A 644 29.60 -28.62 -1.35
N TRP A 645 28.99 -29.12 -2.41
CA TRP A 645 29.76 -29.72 -3.49
C TRP A 645 30.37 -28.70 -4.44
N GLY A 646 29.81 -27.51 -4.50
CA GLY A 646 30.24 -26.54 -5.48
C GLY A 646 28.99 -25.87 -6.01
N LEU A 647 29.02 -25.49 -7.29
CA LEU A 647 27.88 -24.84 -7.92
C LEU A 647 27.81 -25.33 -9.35
N ASN A 648 26.79 -26.12 -9.67
CA ASN A 648 26.67 -26.76 -10.99
C ASN A 648 25.35 -26.39 -11.64
N PRO A 649 25.37 -25.44 -12.61
CA PRO A 649 24.13 -25.01 -13.27
C PRO A 649 23.23 -26.13 -13.73
N ARG A 650 23.80 -27.27 -14.11
CA ARG A 650 23.05 -28.43 -14.55
C ARG A 650 22.76 -29.41 -13.41
N GLY A 651 23.17 -29.08 -12.18
CA GLY A 651 23.02 -30.03 -11.10
C GLY A 651 21.58 -30.17 -10.66
N TRP A 652 21.24 -31.39 -10.23
CA TRP A 652 19.91 -31.67 -9.73
C TRP A 652 19.62 -30.90 -8.43
N GLY A 653 20.56 -30.94 -7.49
CA GLY A 653 20.33 -30.27 -6.22
C GLY A 653 20.11 -28.78 -6.36
N GLU A 654 20.74 -28.15 -7.35
CA GLU A 654 20.56 -26.72 -7.55
C GLU A 654 19.09 -26.38 -7.84
N SER A 655 18.44 -27.14 -8.73
CA SER A 655 17.06 -26.83 -9.10
C SER A 655 16.04 -27.39 -8.12
N HIS A 656 16.36 -28.51 -7.45
CA HIS A 656 15.51 -28.99 -6.36
C HIS A 656 15.31 -27.91 -5.31
N GLN A 657 16.42 -27.34 -4.81
CA GLN A 657 16.34 -26.38 -3.73
C GLN A 657 15.66 -25.09 -4.17
N LEU A 658 16.05 -24.57 -5.34
CA LEU A 658 15.34 -23.40 -5.86
C LEU A 658 13.86 -23.72 -6.01
N GLY A 659 13.54 -24.96 -6.40
CA GLY A 659 12.14 -25.35 -6.52
C GLY A 659 11.36 -25.21 -5.23
N HIS A 660 12.01 -25.49 -4.09
CA HIS A 660 11.29 -25.43 -2.82
C HIS A 660 10.77 -24.02 -2.55
N ASN A 661 11.60 -23.00 -2.82
CA ASN A 661 11.17 -21.60 -2.66
C ASN A 661 10.16 -21.15 -3.71
N LEU A 662 9.82 -22.00 -4.68
CA LEU A 662 8.81 -21.69 -5.67
C LEU A 662 7.58 -22.55 -5.50
N GLN A 663 7.51 -23.36 -4.47
CA GLN A 663 6.34 -24.21 -4.27
C GLN A 663 5.16 -23.36 -3.87
N VAL A 664 3.96 -23.81 -4.25
CA VAL A 664 2.73 -23.16 -3.81
C VAL A 664 1.76 -24.25 -3.39
N ASN A 665 1.00 -24.01 -2.32
CA ASN A 665 0.18 -25.06 -1.75
C ASN A 665 -0.86 -25.57 -2.75
N ARG A 666 -1.42 -24.68 -3.58
CA ARG A 666 -2.50 -25.09 -4.45
C ARG A 666 -2.03 -25.90 -5.65
N LEU A 667 -0.74 -26.18 -5.75
CA LEU A 667 -0.26 -27.15 -6.74
C LEU A 667 0.38 -28.38 -6.09
N LYS A 668 0.11 -28.65 -4.81
CA LYS A 668 0.58 -29.85 -4.12
C LYS A 668 -0.53 -30.90 -4.03
N VAL A 669 -0.20 -32.14 -4.36
CA VAL A 669 -1.13 -33.25 -4.13
C VAL A 669 -1.02 -33.72 -2.68
N TYR A 670 -2.16 -33.75 -1.99
CA TYR A 670 -2.23 -34.13 -0.57
C TYR A 670 -1.22 -33.38 0.26
N GLY A 671 -1.03 -32.11 -0.05
CA GLY A 671 -0.31 -31.22 0.85
C GLY A 671 1.13 -31.65 1.03
N GLY A 672 1.53 -31.79 2.29
CA GLY A 672 2.90 -32.15 2.61
C GLY A 672 3.35 -33.45 1.99
N ARG A 673 2.41 -34.32 1.60
CA ARG A 673 2.78 -35.51 0.85
C ARG A 673 3.53 -35.17 -0.41
N SER A 674 3.24 -33.99 -0.99
CA SER A 674 3.95 -33.53 -2.18
C SER A 674 5.03 -32.53 -1.85
N GLY A 675 5.45 -32.48 -0.58
CA GLY A 675 6.43 -31.50 -0.16
C GLY A 675 7.80 -31.64 -0.80
N GLU A 676 8.19 -32.87 -1.14
CA GLU A 676 9.40 -33.14 -1.91
C GLU A 676 9.07 -33.68 -3.29
N ILE A 677 7.90 -33.32 -3.83
CA ILE A 677 7.46 -33.80 -5.13
C ILE A 677 7.15 -32.65 -6.08
N SER A 678 6.37 -31.67 -5.61
CA SER A 678 5.91 -30.62 -6.52
C SER A 678 7.04 -29.67 -6.95
N ASN A 679 8.05 -29.46 -6.11
CA ASN A 679 9.22 -28.70 -6.56
C ASN A 679 10.08 -29.47 -7.55
N GLN A 680 9.82 -30.77 -7.76
CA GLN A 680 10.70 -31.53 -8.64
C GLN A 680 10.50 -31.23 -10.12
N ILE A 681 9.43 -30.52 -10.50
CA ILE A 681 9.26 -30.21 -11.91
C ILE A 681 10.41 -29.33 -12.42
N PHE A 682 11.10 -28.62 -11.53
CA PHE A 682 12.16 -27.71 -11.95
C PHE A 682 13.42 -28.47 -12.33
N PRO A 683 13.94 -29.39 -11.49
CA PRO A 683 15.04 -30.25 -11.96
C PRO A 683 14.66 -31.15 -13.11
N LEU A 684 13.43 -31.69 -13.09
CA LEU A 684 12.97 -32.55 -14.18
C LEU A 684 12.98 -31.80 -15.51
N HIS A 685 12.37 -30.61 -15.54
CA HIS A 685 12.34 -29.84 -16.79
C HIS A 685 13.73 -29.45 -17.24
N LYS A 686 14.60 -29.06 -16.30
CA LYS A 686 15.97 -28.78 -16.67
C LYS A 686 16.62 -29.98 -17.35
N ASP A 687 16.42 -31.19 -16.81
CA ASP A 687 17.11 -32.35 -17.37
C ASP A 687 16.58 -32.68 -18.76
N TRP A 688 15.27 -32.52 -18.96
CA TRP A 688 14.71 -32.76 -20.29
C TRP A 688 15.30 -31.76 -21.30
N ARG A 689 15.46 -30.51 -20.88
CA ARG A 689 16.07 -29.52 -21.74
C ARG A 689 17.53 -29.84 -21.99
N VAL A 690 18.24 -30.27 -20.95
CA VAL A 690 19.67 -30.56 -21.07
C VAL A 690 19.92 -31.72 -22.04
N LEU A 691 19.04 -32.72 -22.04
CA LEU A 691 19.23 -33.83 -22.96
C LEU A 691 18.97 -33.39 -24.39
N ARG A 692 18.00 -32.51 -24.61
CA ARG A 692 17.70 -32.12 -25.97
C ARG A 692 18.56 -30.96 -26.46
N GLU A 693 19.09 -30.11 -25.57
CA GLU A 693 19.97 -29.03 -25.99
C GLU A 693 21.41 -29.48 -26.14
N PHE A 694 21.91 -30.25 -25.17
CA PHE A 694 23.33 -30.56 -25.11
C PHE A 694 23.65 -32.02 -25.29
N GLY A 695 22.65 -32.92 -25.29
CA GLY A 695 22.91 -34.33 -25.46
C GLY A 695 23.48 -35.01 -24.23
N GLN A 696 23.24 -34.47 -23.06
CA GLN A 696 23.75 -35.04 -21.83
C GLN A 696 22.56 -35.57 -21.07
N ASN A 697 22.64 -36.83 -20.66
CA ASN A 697 21.52 -37.54 -20.04
C ASN A 697 21.78 -37.59 -18.53
N LEU A 698 21.08 -36.75 -17.78
CA LEU A 698 21.27 -36.60 -16.35
C LEU A 698 20.07 -37.16 -15.61
N ASP A 699 20.31 -38.02 -14.62
CA ASP A 699 19.29 -38.46 -13.67
C ASP A 699 18.09 -39.11 -14.37
N ASP A 700 18.38 -40.03 -15.31
CA ASP A 700 17.37 -40.59 -16.19
C ASP A 700 16.44 -41.61 -15.51
N THR A 701 16.68 -41.96 -14.23
CA THR A 701 15.86 -42.95 -13.54
C THR A 701 15.03 -42.37 -12.39
N ARG A 702 14.89 -41.04 -12.33
CA ARG A 702 14.27 -40.43 -11.17
C ARG A 702 12.78 -40.68 -11.12
N VAL A 703 12.13 -40.68 -12.28
CA VAL A 703 10.67 -40.82 -12.36
C VAL A 703 10.35 -42.29 -12.56
N ASN A 704 9.70 -42.89 -11.55
CA ASN A 704 9.50 -44.34 -11.52
C ASN A 704 8.12 -44.64 -12.06
N TYR A 705 8.01 -44.56 -13.39
CA TYR A 705 6.76 -44.89 -14.07
C TYR A 705 6.36 -46.34 -13.80
N ARG A 706 7.34 -47.25 -13.79
CA ARG A 706 7.01 -48.67 -13.63
C ARG A 706 6.40 -48.94 -12.27
N ASN A 707 7.00 -48.42 -11.20
CA ASN A 707 6.50 -48.75 -9.88
C ASN A 707 5.20 -48.03 -9.56
N ALA A 708 5.06 -46.78 -10.01
CA ALA A 708 3.77 -46.10 -9.86
C ALA A 708 2.67 -46.88 -10.55
N TYR A 709 2.95 -47.41 -11.75
CA TYR A 709 2.02 -48.31 -12.42
C TYR A 709 1.63 -49.47 -11.52
N ASN A 710 2.62 -50.08 -10.86
CA ASN A 710 2.34 -51.26 -10.03
C ASN A 710 1.45 -50.89 -8.84
N LEU A 711 1.78 -49.82 -8.12
CA LEU A 711 0.93 -49.40 -7.01
C LEU A 711 -0.48 -49.03 -7.48
N ILE A 712 -0.63 -48.62 -8.74
CA ILE A 712 -1.94 -48.19 -9.24
C ILE A 712 -2.81 -49.39 -9.57
N VAL A 713 -2.26 -50.39 -10.27
CA VAL A 713 -3.06 -51.54 -10.64
C VAL A 713 -3.51 -52.31 -9.40
N ALA A 714 -2.69 -52.30 -8.35
CA ALA A 714 -3.05 -52.98 -7.11
C ALA A 714 -4.19 -52.25 -6.41
N GLY A 715 -3.99 -50.96 -6.09
CA GLY A 715 -5.00 -50.23 -5.34
C GLY A 715 -6.37 -50.23 -6.00
N ARG A 716 -6.41 -50.17 -7.33
CA ARG A 716 -7.68 -50.10 -8.02
C ARG A 716 -8.44 -51.42 -7.99
N ALA A 717 -7.82 -52.47 -7.46
CA ALA A 717 -8.51 -53.73 -7.25
C ALA A 717 -9.45 -53.70 -6.05
N GLU A 718 -9.13 -52.88 -5.03
CA GLU A 718 -9.94 -52.75 -3.83
C GLU A 718 -11.40 -52.37 -4.14
N ALA A 719 -12.31 -52.55 -3.16
CA ALA A 719 -13.71 -52.16 -3.34
C ALA A 719 -13.90 -50.65 -3.36
N ASP A 720 -12.89 -49.88 -2.93
CA ASP A 720 -12.83 -48.42 -3.09
C ASP A 720 -11.56 -48.13 -3.88
N PRO A 721 -11.61 -48.15 -5.22
CA PRO A 721 -10.38 -48.08 -6.01
C PRO A 721 -9.54 -46.84 -5.75
N LEU A 722 -10.18 -45.71 -5.44
CA LEU A 722 -9.44 -44.51 -5.07
C LEU A 722 -8.69 -44.72 -3.76
N ALA A 723 -9.44 -44.94 -2.68
CA ALA A 723 -8.83 -45.19 -1.38
C ALA A 723 -7.82 -46.32 -1.44
N GLY A 724 -8.00 -47.25 -2.38
CA GLY A 724 -7.03 -48.30 -2.60
C GLY A 724 -5.69 -47.79 -3.07
N VAL A 725 -5.65 -47.16 -4.26
CA VAL A 725 -4.41 -46.61 -4.78
C VAL A 725 -3.85 -45.55 -3.83
N TYR A 726 -4.72 -44.83 -3.13
CA TYR A 726 -4.23 -43.80 -2.22
C TYR A 726 -3.26 -44.39 -1.20
N LYS A 727 -3.70 -45.41 -0.46
CA LYS A 727 -2.91 -45.87 0.69
C LYS A 727 -1.60 -46.53 0.28
N ARG A 728 -1.48 -47.00 -0.97
CA ARG A 728 -0.19 -47.45 -1.49
C ARG A 728 0.74 -46.29 -1.86
N LEU A 729 0.18 -45.16 -2.31
CA LEU A 729 0.95 -44.10 -2.94
C LEU A 729 1.08 -42.84 -2.12
N TRP A 730 0.03 -42.38 -1.47
CA TRP A 730 0.03 -41.08 -0.83
C TRP A 730 -0.11 -41.14 0.68
N GLU A 731 -0.45 -42.30 1.24
CA GLU A 731 -0.68 -42.37 2.68
C GLU A 731 0.62 -42.21 3.45
N ASP A 732 1.72 -42.75 2.93
CA ASP A 732 2.95 -42.84 3.68
C ASP A 732 3.45 -41.46 4.06
N PRO A 733 3.50 -41.11 5.33
CA PRO A 733 3.94 -39.77 5.74
C PRO A 733 5.45 -39.59 5.75
N GLY A 734 6.23 -40.62 5.36
CA GLY A 734 7.67 -40.47 5.27
C GLY A 734 8.09 -39.33 4.37
N THR A 735 8.90 -38.40 4.88
CA THR A 735 9.16 -37.15 4.17
C THR A 735 9.77 -37.36 2.78
N TYR A 736 10.34 -38.53 2.49
CA TYR A 736 10.75 -38.83 1.12
C TYR A 736 10.11 -40.09 0.57
N ALA A 737 9.00 -40.51 1.16
CA ALA A 737 8.34 -41.75 0.74
C ALA A 737 7.90 -41.66 -0.72
N LEU A 738 7.95 -42.80 -1.41
CA LEU A 738 7.40 -42.97 -2.75
C LEU A 738 7.76 -41.83 -3.69
N ASN A 739 8.93 -41.20 -3.47
CA ASN A 739 9.26 -39.93 -4.09
C ASN A 739 9.29 -40.02 -5.61
N GLY A 740 9.91 -41.06 -6.16
CA GLY A 740 9.88 -41.24 -7.61
C GLY A 740 8.57 -41.74 -8.17
N GLU A 741 7.70 -42.32 -7.33
CA GLU A 741 6.41 -42.76 -7.83
C GLU A 741 5.43 -41.60 -7.88
N ARG A 742 5.48 -40.74 -6.85
CA ARG A 742 4.65 -39.54 -6.83
C ARG A 742 5.06 -38.54 -7.92
N MET A 743 6.35 -38.49 -8.29
CA MET A 743 6.73 -37.61 -9.39
C MET A 743 6.08 -38.04 -10.70
N ALA A 744 5.83 -39.34 -10.87
CA ALA A 744 5.23 -39.81 -12.12
C ALA A 744 3.87 -39.17 -12.34
N PHE A 745 3.18 -38.80 -11.26
CA PHE A 745 1.90 -38.13 -11.43
C PHE A 745 2.08 -36.77 -12.10
N TYR A 746 3.04 -35.98 -11.60
CA TYR A 746 3.23 -34.61 -12.09
C TYR A 746 3.62 -34.59 -13.56
N THR A 747 4.43 -35.57 -14.00
CA THR A 747 4.82 -35.59 -15.40
C THR A 747 3.74 -36.17 -16.30
N GLN A 748 2.75 -36.88 -15.73
CA GLN A 748 1.65 -37.38 -16.53
C GLN A 748 1.08 -36.28 -17.40
N TRP A 749 0.93 -35.08 -16.84
CA TRP A 749 0.27 -33.98 -17.51
C TRP A 749 1.14 -33.33 -18.58
N VAL A 750 2.47 -33.36 -18.43
CA VAL A 750 3.38 -32.93 -19.50
C VAL A 750 3.13 -33.76 -20.76
N HIS A 751 3.19 -35.08 -20.65
CA HIS A 751 2.93 -35.93 -21.81
C HIS A 751 1.53 -35.71 -22.37
N TYR A 752 0.54 -35.56 -21.49
CA TYR A 752 -0.83 -35.29 -21.91
C TYR A 752 -0.93 -33.98 -22.68
N TRP A 753 -0.36 -32.91 -22.13
CA TRP A 753 -0.39 -31.62 -22.81
C TRP A 753 0.34 -31.70 -24.15
N ALA A 754 1.49 -32.38 -24.18
CA ALA A 754 2.21 -32.52 -25.44
C ALA A 754 1.33 -33.15 -26.50
N ASP A 755 0.62 -34.22 -26.14
CA ASP A 755 -0.31 -34.81 -27.10
C ASP A 755 -1.42 -33.84 -27.45
N LEU A 756 -1.97 -33.16 -26.44
CA LEU A 756 -3.13 -32.30 -26.67
C LEU A 756 -2.81 -31.15 -27.62
N LYS A 757 -1.58 -30.66 -27.62
CA LYS A 757 -1.13 -29.62 -28.53
C LYS A 757 -0.55 -30.18 -29.82
N ASN A 758 -0.40 -31.50 -29.93
CA ASN A 758 0.24 -32.15 -31.08
C ASN A 758 1.64 -31.57 -31.34
N ASP A 759 2.35 -31.28 -30.26
CA ASP A 759 3.69 -30.68 -30.32
C ASP A 759 4.51 -31.21 -29.15
N PRO A 760 5.57 -31.96 -29.42
CA PRO A 760 6.35 -32.55 -28.32
C PRO A 760 7.11 -31.53 -27.49
N LEU A 761 7.32 -30.32 -28.00
CA LEU A 761 8.06 -29.30 -27.28
C LEU A 761 7.17 -28.45 -26.35
N GLN A 762 5.85 -28.66 -26.34
CA GLN A 762 4.99 -27.79 -25.56
C GLN A 762 4.53 -28.42 -24.24
N GLY A 763 4.90 -29.68 -23.98
CA GLY A 763 4.32 -30.39 -22.85
C GLY A 763 4.51 -29.68 -21.52
N TRP A 764 5.68 -29.09 -21.30
CA TRP A 764 5.93 -28.46 -20.00
C TRP A 764 5.15 -27.17 -19.81
N ASP A 765 4.56 -26.64 -20.88
CA ASP A 765 3.75 -25.43 -20.78
C ASP A 765 2.59 -25.61 -19.83
N ILE A 766 2.15 -26.85 -19.57
CA ILE A 766 0.99 -27.02 -18.70
C ILE A 766 1.31 -26.53 -17.29
N TRP A 767 2.54 -26.79 -16.81
CA TRP A 767 2.87 -26.34 -15.45
C TRP A 767 3.02 -24.83 -15.38
N THR A 768 3.59 -24.22 -16.42
CA THR A 768 3.63 -22.76 -16.50
C THR A 768 2.22 -22.20 -16.49
N LEU A 769 1.31 -22.82 -17.23
CA LEU A 769 -0.05 -22.33 -17.28
C LEU A 769 -0.76 -22.49 -15.94
N LEU A 770 -0.56 -23.64 -15.27
CA LEU A 770 -1.09 -23.79 -13.92
C LEU A 770 -0.46 -22.79 -12.96
N TYR A 771 0.84 -22.48 -13.12
CA TYR A 771 1.47 -21.51 -12.22
C TYR A 771 0.87 -20.12 -12.43
N LEU A 772 0.62 -19.76 -13.69
CA LEU A 772 -0.04 -18.50 -14.00
C LEU A 772 -1.46 -18.50 -13.47
N HIS A 773 -2.19 -19.60 -13.73
CA HIS A 773 -3.53 -19.73 -13.20
C HIS A 773 -3.55 -19.58 -11.69
N GLN A 774 -2.65 -20.31 -11.00
CA GLN A 774 -2.64 -20.33 -9.54
C GLN A 774 -2.49 -18.94 -8.96
N ARG A 775 -1.61 -18.11 -9.55
CA ARG A 775 -1.37 -16.78 -8.98
C ARG A 775 -2.57 -15.87 -9.18
N GLN A 776 -3.34 -16.09 -10.26
CA GLN A 776 -4.56 -15.34 -10.44
C GLN A 776 -5.61 -15.77 -9.44
N VAL A 777 -5.76 -17.08 -9.25
CA VAL A 777 -6.65 -17.56 -8.20
C VAL A 777 -6.23 -16.98 -6.87
N ASP A 778 -4.92 -16.89 -6.62
CA ASP A 778 -4.46 -16.49 -5.29
C ASP A 778 -4.67 -15.00 -5.05
N LYS A 779 -4.50 -14.17 -6.08
CA LYS A 779 -4.38 -12.73 -5.87
C LYS A 779 -5.44 -11.88 -6.57
N SER A 780 -6.01 -12.33 -7.69
CA SER A 780 -6.95 -11.49 -8.44
C SER A 780 -8.20 -11.21 -7.62
N ASP A 781 -8.85 -10.10 -7.95
CA ASP A 781 -10.13 -9.77 -7.33
C ASP A 781 -11.11 -10.90 -7.62
N TRP A 782 -11.71 -11.44 -6.57
CA TRP A 782 -12.44 -12.68 -6.74
C TRP A 782 -13.63 -12.48 -7.67
N ASP A 783 -14.56 -11.60 -7.30
CA ASP A 783 -15.81 -11.55 -8.04
C ASP A 783 -15.59 -11.25 -9.51
N ALA A 784 -14.62 -10.38 -9.81
CA ALA A 784 -14.38 -9.97 -11.18
C ALA A 784 -13.62 -11.00 -12.01
N ASN A 785 -13.03 -12.04 -11.40
CA ASN A 785 -12.12 -12.89 -12.13
C ASN A 785 -12.43 -14.38 -12.05
N LYS A 786 -13.26 -14.83 -11.12
CA LYS A 786 -13.50 -16.26 -10.93
C LYS A 786 -14.10 -16.92 -12.17
N ALA A 787 -14.84 -16.17 -12.98
CA ALA A 787 -15.43 -16.76 -14.18
C ALA A 787 -14.35 -17.23 -15.15
N ALA A 788 -13.49 -16.31 -15.58
CA ALA A 788 -12.43 -16.64 -16.52
C ALA A 788 -11.46 -17.68 -15.95
N LEU A 789 -11.38 -17.80 -14.62
CA LEU A 789 -10.49 -18.74 -13.96
C LEU A 789 -11.11 -20.11 -13.76
N GLY A 790 -12.35 -20.33 -14.17
CA GLY A 790 -13.01 -21.60 -13.93
C GLY A 790 -13.48 -21.82 -12.50
N TYR A 791 -13.73 -20.74 -11.75
CA TYR A 791 -14.19 -20.81 -10.35
C TYR A 791 -15.54 -20.13 -10.16
N GLY A 792 -16.36 -20.08 -11.21
CA GLY A 792 -17.61 -19.32 -11.18
C GLY A 792 -18.57 -19.75 -10.08
N THR A 793 -18.59 -21.05 -9.75
CA THR A 793 -19.51 -21.55 -8.74
C THR A 793 -19.07 -21.21 -7.32
N TYR A 794 -17.84 -20.78 -7.11
CA TYR A 794 -17.32 -20.53 -5.77
C TYR A 794 -17.72 -19.11 -5.35
N ALA A 795 -18.42 -19.02 -4.22
CA ALA A 795 -18.74 -17.72 -3.66
C ALA A 795 -17.47 -17.01 -3.20
N GLN A 796 -16.51 -17.77 -2.67
CA GLN A 796 -15.30 -17.24 -2.09
C GLN A 796 -14.07 -17.88 -2.73
N ARG A 797 -12.97 -17.14 -2.71
CA ARG A 797 -11.69 -17.66 -3.14
C ARG A 797 -11.37 -18.94 -2.36
N PRO A 798 -10.85 -19.99 -3.02
CA PRO A 798 -10.58 -21.24 -2.32
C PRO A 798 -9.44 -21.09 -1.33
N GLY A 799 -9.29 -22.12 -0.49
CA GLY A 799 -8.26 -22.12 0.53
C GLY A 799 -6.87 -22.43 0.00
N ASN A 800 -5.88 -22.16 0.86
CA ASN A 800 -4.48 -22.32 0.55
C ASN A 800 -3.77 -23.25 1.53
N SER A 801 -4.48 -24.25 2.04
CA SER A 801 -3.90 -25.07 3.10
C SER A 801 -2.82 -25.98 2.55
N GLY A 802 -1.74 -26.11 3.31
CA GLY A 802 -0.73 -27.09 2.99
C GLY A 802 -0.89 -28.44 3.67
N ASP A 803 -1.93 -28.60 4.48
CA ASP A 803 -2.08 -29.81 5.27
C ASP A 803 -2.38 -31.00 4.38
N ALA A 804 -1.83 -32.16 4.73
CA ALA A 804 -2.10 -33.36 3.94
C ALA A 804 -3.57 -33.79 4.05
N SER A 805 -4.28 -33.38 5.10
CA SER A 805 -5.68 -33.72 5.25
C SER A 805 -6.60 -32.63 4.68
N SER A 806 -6.14 -31.90 3.68
CA SER A 806 -6.93 -30.85 3.05
C SER A 806 -7.11 -31.20 1.58
N THR A 807 -8.18 -30.69 0.98
CA THR A 807 -8.43 -30.93 -0.43
C THR A 807 -7.95 -29.78 -1.30
N ASP A 808 -7.44 -28.71 -0.68
CA ASP A 808 -7.23 -27.45 -1.39
C ASP A 808 -6.25 -27.59 -2.55
N GLY A 809 -5.26 -28.45 -2.41
CA GLY A 809 -4.31 -28.65 -3.49
C GLY A 809 -4.88 -29.60 -4.52
N ASN A 810 -5.51 -30.68 -4.05
CA ASN A 810 -6.17 -31.61 -4.96
C ASN A 810 -7.21 -30.88 -5.78
N ASP A 811 -8.03 -30.06 -5.13
CA ASP A 811 -9.10 -29.36 -5.83
C ASP A 811 -8.52 -28.46 -6.93
N ASN A 812 -7.64 -27.53 -6.54
CA ASN A 812 -7.12 -26.59 -7.53
C ASN A 812 -6.49 -27.29 -8.72
N LEU A 813 -5.72 -28.36 -8.47
CA LEU A 813 -5.07 -29.08 -9.55
C LEU A 813 -6.09 -29.71 -10.48
N LEU A 814 -7.12 -30.34 -9.92
CA LEU A 814 -8.18 -30.91 -10.73
C LEU A 814 -8.89 -29.84 -11.55
N LEU A 815 -9.31 -28.76 -10.90
CA LEU A 815 -9.97 -27.67 -11.63
C LEU A 815 -9.05 -27.08 -12.70
N GLY A 816 -7.82 -26.74 -12.32
CA GLY A 816 -6.91 -26.10 -13.27
C GLY A 816 -6.60 -26.99 -14.46
N LEU A 817 -6.32 -28.28 -14.21
CA LEU A 817 -6.07 -29.20 -15.32
C LEU A 817 -7.32 -29.41 -16.15
N SER A 818 -8.50 -29.42 -15.50
CA SER A 818 -9.70 -29.63 -16.28
C SER A 818 -10.06 -28.39 -17.09
N TRP A 819 -9.98 -27.21 -16.46
CA TRP A 819 -10.23 -25.98 -17.20
C TRP A 819 -9.28 -25.87 -18.41
N LEU A 820 -7.98 -26.12 -18.18
CA LEU A 820 -6.99 -25.93 -19.23
C LEU A 820 -7.10 -26.98 -20.32
N THR A 821 -7.30 -28.24 -19.96
CA THR A 821 -7.44 -29.26 -20.98
C THR A 821 -8.82 -29.29 -21.61
N GLN A 822 -9.79 -28.61 -21.01
CA GLN A 822 -11.18 -28.62 -21.50
C GLN A 822 -11.71 -30.05 -21.59
N ARG A 823 -11.30 -30.87 -20.62
CA ARG A 823 -11.80 -32.22 -20.44
C ARG A 823 -11.98 -32.43 -18.95
N ASP A 824 -13.02 -33.18 -18.57
CA ASP A 824 -13.17 -33.63 -17.19
C ASP A 824 -12.09 -34.67 -16.86
N GLN A 825 -11.21 -34.33 -15.91
CA GLN A 825 -10.08 -35.18 -15.58
C GLN A 825 -10.26 -35.91 -14.25
N ARG A 826 -11.51 -36.12 -13.83
CA ARG A 826 -11.76 -36.84 -12.61
C ARG A 826 -11.42 -38.34 -12.68
N PRO A 827 -11.62 -39.02 -13.82
CA PRO A 827 -11.20 -40.42 -13.89
C PRO A 827 -9.73 -40.61 -13.56
N THR A 828 -8.87 -39.72 -14.03
CA THR A 828 -7.45 -39.95 -13.80
C THR A 828 -7.04 -39.49 -12.40
N PHE A 829 -7.74 -38.53 -11.82
CA PHE A 829 -7.47 -38.20 -10.43
C PHE A 829 -7.83 -39.38 -9.52
N ALA A 830 -8.97 -40.02 -9.76
CA ALA A 830 -9.35 -41.18 -8.96
C ALA A 830 -8.39 -42.34 -9.18
N LEU A 831 -7.95 -42.54 -10.43
CA LEU A 831 -7.00 -43.62 -10.73
C LEU A 831 -5.71 -43.49 -9.93
N TRP A 832 -5.31 -42.26 -9.63
CA TRP A 832 -4.15 -42.01 -8.78
C TRP A 832 -4.53 -41.86 -7.32
N GLY A 833 -5.77 -42.16 -6.96
CA GLY A 833 -6.18 -42.05 -5.57
C GLY A 833 -6.17 -40.64 -5.00
N ILE A 834 -6.57 -39.65 -5.79
CA ILE A 834 -6.59 -38.24 -5.39
C ILE A 834 -8.05 -37.83 -5.15
N ARG A 835 -8.40 -37.67 -3.87
CA ARG A 835 -9.77 -37.36 -3.45
C ARG A 835 -9.98 -35.86 -3.50
N THR A 836 -11.05 -35.43 -4.16
CA THR A 836 -11.35 -34.01 -4.28
C THR A 836 -12.70 -33.71 -3.64
N SER A 837 -12.85 -32.49 -3.15
CA SER A 837 -14.06 -32.12 -2.41
C SER A 837 -15.28 -32.05 -3.34
N ALA A 838 -16.46 -32.03 -2.72
CA ALA A 838 -17.71 -31.98 -3.50
C ALA A 838 -17.90 -30.63 -4.19
N ALA A 839 -17.32 -29.55 -3.64
CA ALA A 839 -17.38 -28.25 -4.30
C ALA A 839 -16.54 -28.23 -5.57
N ALA A 840 -15.40 -28.92 -5.55
CA ALA A 840 -14.55 -28.96 -6.72
C ALA A 840 -15.12 -29.88 -7.78
N GLN A 841 -15.73 -31.00 -7.35
CA GLN A 841 -16.45 -31.84 -8.28
C GLN A 841 -17.65 -31.10 -8.86
N ALA A 842 -18.35 -30.33 -8.03
CA ALA A 842 -19.42 -29.48 -8.53
C ALA A 842 -18.92 -28.56 -9.64
N GLN A 843 -17.73 -27.96 -9.42
CA GLN A 843 -17.19 -27.02 -10.40
C GLN A 843 -16.84 -27.70 -11.72
N VAL A 844 -16.16 -28.85 -11.66
CA VAL A 844 -15.78 -29.55 -12.89
C VAL A 844 -17.02 -30.00 -13.64
N ALA A 845 -18.01 -30.50 -12.90
CA ALA A 845 -19.30 -30.85 -13.48
C ALA A 845 -19.86 -29.71 -14.32
N ALA A 846 -19.90 -28.50 -13.76
CA ALA A 846 -20.44 -27.33 -14.46
C ALA A 846 -19.66 -26.97 -15.72
N TYR A 847 -18.49 -27.56 -15.97
CA TYR A 847 -17.80 -27.24 -17.20
C TYR A 847 -18.52 -27.83 -18.40
N GLY A 848 -19.28 -28.90 -18.20
CA GLY A 848 -19.97 -29.51 -19.32
C GLY A 848 -18.99 -30.07 -20.33
N PHE A 849 -17.87 -30.59 -19.86
CA PHE A 849 -16.79 -31.11 -20.70
C PHE A 849 -16.92 -32.62 -20.89
N ALA A 850 -16.45 -33.11 -22.04
CA ALA A 850 -16.33 -34.54 -22.21
C ALA A 850 -15.35 -35.11 -21.19
N GLU A 851 -15.74 -36.20 -20.56
CA GLU A 851 -14.85 -36.90 -19.66
C GLU A 851 -13.60 -37.40 -20.39
N GLN A 852 -12.44 -37.20 -19.79
CA GLN A 852 -11.25 -37.87 -20.26
C GLN A 852 -11.18 -39.23 -19.56
N PRO A 853 -11.34 -40.34 -20.27
CA PRO A 853 -11.25 -41.65 -19.61
C PRO A 853 -9.85 -41.87 -19.04
N ALA A 854 -9.82 -42.46 -17.84
CA ALA A 854 -8.56 -42.70 -17.12
C ALA A 854 -7.46 -43.18 -18.06
N PHE A 855 -6.33 -42.49 -18.00
CA PHE A 855 -5.20 -42.75 -18.86
C PHE A 855 -3.96 -42.88 -17.99
N PHE A 856 -2.92 -43.45 -18.57
CA PHE A 856 -1.61 -43.49 -17.93
C PHE A 856 -0.53 -43.41 -19.00
N TYR A 857 0.48 -42.56 -18.78
CA TYR A 857 1.64 -42.47 -19.65
C TYR A 857 2.80 -43.23 -19.01
N ALA A 858 3.38 -44.17 -19.75
CA ALA A 858 4.47 -44.99 -19.26
C ALA A 858 5.74 -44.75 -20.07
N ASN A 859 6.88 -44.93 -19.41
CA ASN A 859 8.18 -44.79 -20.06
C ASN A 859 9.22 -45.55 -19.27
N ASN A 860 10.30 -45.93 -19.97
CA ASN A 860 11.45 -46.57 -19.34
C ASN A 860 12.60 -45.62 -19.09
N ARG A 861 12.42 -44.33 -19.40
CA ARG A 861 13.42 -43.31 -19.11
C ARG A 861 12.71 -42.09 -18.53
N THR A 862 13.49 -41.24 -17.87
CA THR A 862 12.90 -40.01 -17.34
C THR A 862 12.94 -38.87 -18.35
N ASN A 863 14.09 -38.63 -18.99
CA ASN A 863 14.33 -37.44 -19.78
C ASN A 863 13.93 -37.55 -21.26
N GLU A 864 13.86 -38.76 -21.83
CA GLU A 864 13.57 -38.92 -23.27
C GLU A 864 12.09 -39.25 -23.42
N TYR A 865 11.31 -38.29 -23.91
CA TYR A 865 9.87 -38.45 -24.03
C TYR A 865 9.44 -39.17 -25.30
N SER A 866 10.36 -39.42 -26.24
CA SER A 866 10.00 -40.01 -27.52
C SER A 866 9.56 -41.46 -27.42
N THR A 867 9.90 -42.14 -26.33
CA THR A 867 9.53 -43.53 -26.13
C THR A 867 8.28 -43.70 -25.27
N VAL A 868 7.60 -42.61 -24.90
CA VAL A 868 6.49 -42.70 -23.96
C VAL A 868 5.29 -43.37 -24.60
N LYS A 869 4.62 -44.24 -23.84
CA LYS A 869 3.48 -45.01 -24.35
C LYS A 869 2.26 -44.62 -23.53
N LEU A 870 1.14 -44.39 -24.22
CA LEU A 870 -0.13 -44.06 -23.58
C LEU A 870 -0.94 -45.34 -23.37
N LEU A 871 -1.45 -45.51 -22.16
CA LEU A 871 -2.32 -46.63 -21.81
C LEU A 871 -3.72 -46.12 -21.54
N ASP A 872 -4.70 -46.67 -22.25
CA ASP A 872 -6.11 -46.56 -21.85
C ASP A 872 -6.32 -47.40 -20.60
N MET A 873 -6.77 -46.75 -19.52
CA MET A 873 -7.00 -47.41 -18.25
C MET A 873 -8.48 -47.54 -17.93
N SER A 874 -9.35 -47.23 -18.89
CA SER A 874 -10.79 -47.19 -18.61
C SER A 874 -11.40 -48.59 -18.55
N GLN A 875 -10.93 -49.53 -19.37
CA GLN A 875 -11.44 -50.90 -19.37
C GLN A 875 -10.36 -51.85 -18.87
N GLY A 876 -10.05 -51.75 -17.59
CA GLY A 876 -9.03 -52.58 -16.99
C GLY A 876 -7.65 -51.94 -17.04
N SER A 877 -6.64 -52.79 -16.91
CA SER A 877 -5.24 -52.35 -16.86
C SER A 877 -4.42 -53.13 -17.88
N PRO A 878 -3.91 -52.50 -18.94
CA PRO A 878 -3.06 -53.24 -19.88
C PRO A 878 -1.74 -53.65 -19.25
N ALA A 879 -0.91 -54.38 -20.00
CA ALA A 879 0.38 -54.79 -19.48
C ALA A 879 1.39 -53.67 -19.64
N TRP A 880 2.51 -53.81 -18.92
CA TRP A 880 3.60 -52.84 -19.07
C TRP A 880 4.21 -52.90 -20.47
N PRO A 881 4.13 -51.84 -21.25
CA PRO A 881 4.47 -51.96 -22.67
C PRO A 881 5.97 -51.99 -22.96
N PHE A 882 6.79 -52.41 -21.99
CA PHE A 882 8.23 -52.63 -22.16
C PHE A 882 8.63 -53.99 -21.59
N PRO A 883 9.45 -54.78 -22.29
CA PRO A 883 10.02 -54.61 -23.63
C PRO A 883 8.96 -54.62 -24.73
N MET B 1 -24.60 20.18 -56.18
CA MET B 1 -24.29 19.71 -54.83
C MET B 1 -25.39 18.78 -54.32
N ALA B 2 -25.00 17.86 -53.44
CA ALA B 2 -25.93 16.87 -52.91
C ALA B 2 -27.02 17.52 -52.06
N THR B 3 -28.17 16.83 -51.97
CA THR B 3 -29.30 17.32 -51.20
C THR B 3 -29.18 16.96 -49.71
N GLN B 4 -30.02 17.63 -48.91
CA GLN B 4 -29.97 17.45 -47.46
C GLN B 4 -30.36 16.03 -47.06
N GLU B 5 -31.31 15.44 -47.79
CA GLU B 5 -31.68 14.07 -47.50
C GLU B 5 -30.56 13.11 -47.90
N GLU B 6 -29.91 13.36 -49.03
CA GLU B 6 -28.76 12.56 -49.42
C GLU B 6 -27.66 12.64 -48.38
N ILE B 7 -27.44 13.84 -47.83
CA ILE B 7 -26.39 14.00 -46.82
C ILE B 7 -26.76 13.24 -45.55
N LEU B 8 -28.01 13.40 -45.09
CA LEU B 8 -28.49 12.65 -43.94
C LEU B 8 -28.29 11.16 -44.11
N ASP B 9 -28.63 10.63 -45.29
CA ASP B 9 -28.40 9.21 -45.57
C ASP B 9 -26.92 8.85 -45.48
N ALA B 10 -26.05 9.73 -45.97
CA ALA B 10 -24.61 9.52 -45.87
C ALA B 10 -24.14 9.57 -44.42
N ALA B 11 -24.60 10.58 -43.68
CA ALA B 11 -24.16 10.75 -42.29
C ALA B 11 -24.59 9.58 -41.43
N LEU B 12 -25.77 9.02 -41.68
CA LEU B 12 -26.25 7.87 -40.91
C LEU B 12 -25.35 6.67 -41.04
N VAL B 13 -24.39 6.72 -41.96
CA VAL B 13 -23.44 5.64 -42.18
C VAL B 13 -22.13 5.89 -41.45
N SER B 14 -21.55 7.07 -41.68
CA SER B 14 -20.18 7.38 -41.24
C SER B 14 -20.12 8.23 -39.98
N GLY B 15 -21.17 9.01 -39.70
CA GLY B 15 -21.12 10.03 -38.69
C GLY B 15 -20.77 11.40 -39.21
N ASP B 16 -20.60 11.55 -40.52
CA ASP B 16 -20.11 12.80 -41.08
C ASP B 16 -21.28 13.78 -41.22
N SER B 17 -21.57 14.48 -40.13
CA SER B 17 -22.59 15.52 -40.11
C SER B 17 -22.11 16.83 -40.72
N SER B 18 -20.90 16.85 -41.29
CA SER B 18 -20.21 18.09 -41.68
C SER B 18 -21.07 19.00 -42.54
N GLN B 19 -21.79 18.44 -43.51
CA GLN B 19 -22.65 19.24 -44.39
C GLN B 19 -24.09 19.32 -43.91
N LEU B 20 -24.44 18.59 -42.85
CA LEU B 20 -25.84 18.40 -42.49
C LEU B 20 -26.34 19.61 -41.73
N THR B 21 -27.39 20.26 -42.27
CA THR B 21 -27.90 21.48 -41.66
C THR B 21 -29.42 21.51 -41.43
N ASP B 22 -30.20 20.62 -42.06
CA ASP B 22 -31.64 20.82 -42.16
C ASP B 22 -32.34 20.66 -40.82
N SER B 23 -32.04 19.59 -40.09
CA SER B 23 -32.41 19.49 -38.68
C SER B 23 -33.87 19.10 -38.52
N HIS B 24 -34.78 19.91 -39.08
CA HIS B 24 -36.18 19.48 -39.16
C HIS B 24 -36.32 18.24 -40.03
N LEU B 25 -35.49 18.10 -41.07
CA LEU B 25 -35.44 16.85 -41.80
C LEU B 25 -35.06 15.70 -40.88
N VAL B 26 -33.97 15.86 -40.12
CA VAL B 26 -33.55 14.80 -39.20
C VAL B 26 -34.63 14.55 -38.16
N ALA B 27 -35.34 15.59 -37.73
CA ALA B 27 -36.34 15.40 -36.68
C ALA B 27 -37.48 14.51 -37.16
N LEU B 28 -37.89 14.65 -38.43
CA LEU B 28 -38.96 13.80 -38.95
C LEU B 28 -38.46 12.38 -39.15
N ARG B 29 -37.22 12.19 -39.60
CA ARG B 29 -36.69 10.84 -39.66
C ARG B 29 -36.62 10.21 -38.28
N LEU B 30 -36.37 11.04 -37.26
CA LEU B 30 -36.32 10.55 -35.88
C LEU B 30 -37.72 10.25 -35.36
N GLN B 31 -38.70 11.05 -35.77
CA GLN B 31 -40.08 10.76 -35.38
C GLN B 31 -40.54 9.44 -35.97
N GLN B 32 -40.15 9.16 -37.22
CA GLN B 32 -40.54 7.90 -37.85
C GLN B 32 -39.85 6.72 -37.17
N GLN B 33 -38.60 6.88 -36.75
CA GLN B 33 -37.92 5.78 -36.09
C GLN B 33 -38.54 5.50 -34.73
N VAL B 34 -38.84 6.54 -33.96
CA VAL B 34 -39.39 6.35 -32.63
C VAL B 34 -40.78 5.75 -32.71
N GLU B 35 -41.49 5.91 -33.84
CA GLU B 35 -42.78 5.26 -33.98
C GLU B 35 -42.63 3.79 -34.38
N ARG B 36 -41.69 3.46 -35.26
CA ARG B 36 -41.33 2.06 -35.51
C ARG B 36 -41.00 1.34 -34.21
N ILE B 37 -40.20 1.97 -33.35
CA ILE B 37 -39.81 1.35 -32.10
C ILE B 37 -41.00 1.17 -31.15
N ARG B 38 -42.04 1.99 -31.29
CA ARG B 38 -43.17 1.91 -30.38
C ARG B 38 -44.19 0.86 -30.85
N GLN B 39 -44.44 0.81 -32.16
CA GLN B 39 -45.30 -0.24 -32.71
C GLN B 39 -44.69 -1.61 -32.47
N THR B 40 -43.36 -1.70 -32.46
CA THR B 40 -42.68 -2.97 -32.24
C THR B 40 -42.79 -3.40 -30.78
N ARG B 41 -42.54 -2.46 -29.86
CA ARG B 41 -42.54 -2.81 -28.44
C ARG B 41 -43.95 -3.22 -28.00
N THR B 42 -44.95 -2.48 -28.45
CA THR B 42 -46.27 -2.70 -27.92
C THR B 42 -46.90 -3.93 -28.53
N GLN B 43 -46.47 -4.30 -29.74
CA GLN B 43 -46.95 -5.54 -30.35
C GLN B 43 -46.47 -6.76 -29.58
N LEU B 44 -45.17 -6.83 -29.28
CA LEU B 44 -44.65 -7.99 -28.55
C LEU B 44 -45.15 -7.99 -27.11
N LEU B 45 -45.15 -6.83 -26.46
CA LEU B 45 -45.60 -6.77 -25.08
C LEU B 45 -47.07 -7.12 -24.94
N ASP B 46 -47.87 -6.86 -25.99
CA ASP B 46 -49.26 -7.26 -25.98
C ASP B 46 -49.42 -8.77 -26.09
N GLY B 47 -48.66 -9.40 -26.99
CA GLY B 47 -48.70 -10.85 -27.12
C GLY B 47 -48.18 -11.57 -25.88
N LEU B 48 -47.22 -10.98 -25.19
CA LEU B 48 -46.70 -11.59 -23.97
C LEU B 48 -47.73 -11.58 -22.85
N TYR B 49 -48.28 -10.40 -22.53
CA TYR B 49 -49.14 -10.27 -21.35
C TYR B 49 -50.51 -10.92 -21.57
N GLN B 50 -51.13 -10.69 -22.73
CA GLN B 50 -52.55 -10.95 -22.90
C GLN B 50 -53.30 -10.46 -21.66
N ASN B 51 -54.26 -11.27 -21.18
CA ASN B 51 -54.98 -10.93 -19.97
C ASN B 51 -54.45 -11.63 -18.73
N LEU B 52 -53.27 -12.24 -18.82
CA LEU B 52 -52.64 -12.89 -17.68
C LEU B 52 -52.36 -11.92 -16.54
N SER B 53 -52.31 -12.46 -15.32
CA SER B 53 -51.88 -11.67 -14.16
C SER B 53 -50.43 -11.21 -14.36
N GLN B 54 -50.16 -9.98 -13.96
CA GLN B 54 -48.82 -9.41 -14.05
C GLN B 54 -48.14 -9.31 -12.71
N ALA B 55 -48.77 -9.79 -11.64
CA ALA B 55 -48.20 -9.76 -10.31
C ALA B 55 -46.79 -10.32 -10.31
N TYR B 56 -45.84 -9.53 -9.80
CA TYR B 56 -44.44 -9.96 -9.75
C TYR B 56 -43.75 -9.22 -8.61
N ASP B 57 -43.43 -9.94 -7.54
CA ASP B 57 -42.78 -9.37 -6.36
C ASP B 57 -41.42 -10.04 -6.16
N PRO B 58 -40.33 -9.44 -6.67
CA PRO B 58 -39.02 -10.06 -6.48
C PRO B 58 -38.46 -9.88 -5.09
N GLY B 59 -39.11 -9.08 -4.24
CA GLY B 59 -38.66 -8.91 -2.88
C GLY B 59 -37.51 -7.93 -2.81
N ALA B 60 -36.96 -7.81 -1.58
CA ALA B 60 -35.87 -6.88 -1.34
C ALA B 60 -34.55 -7.42 -1.86
N ALA B 61 -34.28 -8.71 -1.66
CA ALA B 61 -33.04 -9.33 -2.13
C ALA B 61 -33.17 -9.62 -3.63
N SER B 62 -33.19 -8.55 -4.41
CA SER B 62 -33.32 -8.66 -5.86
C SER B 62 -32.67 -7.43 -6.45
N MET B 63 -32.53 -7.42 -7.77
CA MET B 63 -31.80 -6.40 -8.50
C MET B 63 -32.66 -5.90 -9.64
N TRP B 64 -32.34 -4.69 -10.12
CA TRP B 64 -32.99 -4.12 -11.30
C TRP B 64 -32.17 -4.48 -12.53
N VAL B 65 -32.87 -4.76 -13.63
CA VAL B 65 -32.24 -5.14 -14.90
C VAL B 65 -32.86 -4.27 -15.97
N LEU B 66 -32.05 -3.44 -16.59
CA LEU B 66 -32.48 -2.32 -17.39
C LEU B 66 -32.12 -2.53 -18.86
N PRO B 67 -32.88 -1.95 -19.76
CA PRO B 67 -32.49 -1.92 -21.16
C PRO B 67 -31.43 -0.85 -21.40
N ALA B 68 -30.85 -0.88 -22.61
CA ALA B 68 -29.82 0.08 -22.98
C ALA B 68 -30.14 0.64 -24.36
N ASN B 69 -29.72 -0.04 -25.41
CA ASN B 69 -30.09 0.37 -26.75
C ASN B 69 -31.61 0.29 -26.89
N PRO B 70 -32.32 1.42 -27.00
CA PRO B 70 -33.79 1.37 -27.08
C PRO B 70 -34.31 0.73 -28.35
N ASP B 71 -33.45 0.48 -29.34
CA ASP B 71 -33.89 -0.14 -30.57
C ASP B 71 -34.03 -1.65 -30.44
N ASN B 72 -33.41 -2.27 -29.43
CA ASN B 72 -33.34 -3.73 -29.34
C ASN B 72 -33.73 -4.28 -27.96
N THR B 73 -34.03 -3.44 -26.99
CA THR B 73 -34.23 -3.89 -25.62
C THR B 73 -35.29 -3.01 -25.01
N LEU B 74 -35.92 -3.53 -23.96
CA LEU B 74 -37.08 -2.88 -23.39
C LEU B 74 -37.45 -3.60 -22.11
N PRO B 75 -38.19 -2.95 -21.23
CA PRO B 75 -38.61 -3.60 -19.99
C PRO B 75 -39.69 -4.64 -20.24
N PHE B 76 -39.76 -5.56 -19.30
CA PHE B 76 -40.78 -6.59 -19.24
C PHE B 76 -41.68 -6.40 -18.03
N LEU B 77 -41.09 -6.13 -16.86
CA LEU B 77 -41.86 -5.85 -15.66
C LEU B 77 -41.33 -4.57 -15.03
N ILE B 78 -42.23 -3.61 -14.83
CA ILE B 78 -41.93 -2.34 -14.20
C ILE B 78 -42.82 -2.22 -12.98
N GLY B 79 -42.21 -2.11 -11.81
CA GLY B 79 -42.97 -1.93 -10.59
C GLY B 79 -43.75 -0.62 -10.59
N ASP B 80 -44.61 -0.48 -9.58
CA ASP B 80 -45.42 0.73 -9.47
C ASP B 80 -44.54 1.97 -9.32
N LYS B 81 -43.48 1.85 -8.52
CA LYS B 81 -42.50 2.90 -8.31
C LYS B 81 -41.59 3.10 -9.48
N GLY B 82 -41.80 2.48 -10.63
CA GLY B 82 -41.03 2.81 -11.82
C GLY B 82 -39.70 2.09 -12.02
N ARG B 83 -39.36 1.10 -11.20
CA ARG B 83 -38.09 0.37 -11.36
C ARG B 83 -38.30 -0.85 -12.27
N VAL B 84 -37.41 -1.00 -13.25
CA VAL B 84 -37.45 -2.14 -14.17
C VAL B 84 -36.95 -3.39 -13.47
N LEU B 85 -37.79 -4.41 -13.38
CA LEU B 85 -37.47 -5.59 -12.60
C LEU B 85 -37.01 -6.75 -13.46
N ALA B 86 -37.18 -6.64 -14.77
CA ALA B 86 -36.97 -7.69 -15.77
C ALA B 86 -37.03 -7.06 -17.16
N SER B 87 -36.09 -7.41 -18.05
CA SER B 87 -35.98 -6.77 -19.35
C SER B 87 -35.85 -7.80 -20.46
N LEU B 88 -36.37 -7.41 -21.63
CA LEU B 88 -36.34 -8.22 -22.83
C LEU B 88 -35.25 -7.73 -23.77
N SER B 89 -34.66 -8.65 -24.50
CA SER B 89 -33.61 -8.27 -25.45
C SER B 89 -33.89 -8.90 -26.80
N LEU B 90 -33.66 -8.10 -27.85
CA LEU B 90 -33.62 -8.57 -29.23
C LEU B 90 -32.29 -8.22 -29.89
N GLU B 91 -31.24 -7.99 -29.09
CA GLU B 91 -29.91 -7.71 -29.62
C GLU B 91 -29.51 -8.76 -30.64
N ALA B 92 -28.78 -8.31 -31.67
CA ALA B 92 -28.21 -9.16 -32.71
C ALA B 92 -29.24 -10.10 -33.35
N GLY B 93 -30.51 -9.68 -33.37
CA GLY B 93 -31.55 -10.48 -33.97
C GLY B 93 -31.96 -11.72 -33.18
N GLY B 94 -31.41 -11.91 -31.99
CA GLY B 94 -31.76 -13.03 -31.16
C GLY B 94 -32.84 -12.69 -30.16
N ARG B 95 -32.93 -13.51 -29.11
CA ARG B 95 -34.00 -13.40 -28.13
C ARG B 95 -33.45 -13.71 -26.74
N GLY B 96 -33.64 -12.77 -25.82
CA GLY B 96 -33.20 -12.96 -24.44
C GLY B 96 -34.13 -12.30 -23.46
N LEU B 97 -34.12 -12.82 -22.23
CA LEU B 97 -35.02 -12.32 -21.19
C LEU B 97 -34.31 -12.43 -19.84
N ALA B 98 -34.37 -11.38 -19.03
CA ALA B 98 -33.49 -11.28 -17.88
C ALA B 98 -34.24 -10.76 -16.66
N TYR B 99 -34.26 -11.55 -15.58
CA TYR B 99 -34.86 -11.16 -14.32
C TYR B 99 -33.80 -10.74 -13.30
N GLY B 100 -34.20 -9.88 -12.37
CA GLY B 100 -33.34 -9.47 -11.30
C GLY B 100 -33.36 -10.35 -10.07
N THR B 101 -34.02 -11.52 -10.14
CA THR B 101 -33.96 -12.51 -9.08
C THR B 101 -34.14 -13.87 -9.75
N ASN B 102 -33.91 -14.94 -8.99
CA ASN B 102 -34.06 -16.26 -9.59
C ASN B 102 -35.53 -16.66 -9.49
N VAL B 103 -36.31 -16.09 -10.40
CA VAL B 103 -37.75 -16.27 -10.42
C VAL B 103 -38.11 -17.74 -10.58
N LEU B 104 -37.22 -18.53 -11.18
CA LEU B 104 -37.52 -19.95 -11.46
C LEU B 104 -37.79 -20.72 -10.18
N THR B 105 -37.06 -20.43 -9.10
CA THR B 105 -37.23 -21.12 -7.83
C THR B 105 -38.32 -20.50 -6.96
N GLN B 106 -39.12 -19.59 -7.52
CA GLN B 106 -40.19 -18.97 -6.79
C GLN B 106 -41.54 -19.25 -7.41
N LEU B 107 -41.59 -19.95 -8.54
CA LEU B 107 -42.82 -20.16 -9.28
C LEU B 107 -43.81 -21.10 -8.59
N SER B 108 -43.40 -21.80 -7.54
CA SER B 108 -44.34 -22.58 -6.75
C SER B 108 -44.79 -21.87 -5.47
N GLY B 109 -44.14 -20.77 -5.10
CA GLY B 109 -44.46 -20.10 -3.86
C GLY B 109 -44.80 -18.64 -4.04
N THR B 110 -43.84 -17.78 -3.74
CA THR B 110 -44.11 -16.36 -3.62
C THR B 110 -44.41 -15.69 -4.95
N ASN B 111 -44.05 -16.32 -6.07
CA ASN B 111 -44.38 -15.78 -7.39
C ASN B 111 -45.15 -16.77 -8.24
N ALA B 112 -45.95 -17.62 -7.57
CA ALA B 112 -46.81 -18.57 -8.26
C ALA B 112 -47.69 -17.90 -9.31
N ALA B 113 -48.14 -16.67 -9.05
CA ALA B 113 -49.08 -16.03 -9.97
C ALA B 113 -48.42 -15.58 -11.27
N HIS B 114 -47.09 -15.47 -11.29
CA HIS B 114 -46.33 -15.11 -12.48
C HIS B 114 -46.09 -16.28 -13.43
N ALA B 115 -46.37 -17.52 -12.99
CA ALA B 115 -45.99 -18.68 -13.78
C ALA B 115 -46.64 -18.74 -15.15
N PRO B 116 -47.94 -18.46 -15.33
CA PRO B 116 -48.50 -18.41 -16.71
C PRO B 116 -47.82 -17.39 -17.60
N LEU B 117 -47.57 -16.19 -17.08
CA LEU B 117 -46.81 -15.19 -17.82
C LEU B 117 -45.41 -15.70 -18.19
N LEU B 118 -44.72 -16.35 -17.25
CA LEU B 118 -43.38 -16.85 -17.55
C LEU B 118 -43.41 -17.95 -18.61
N LYS B 119 -44.48 -18.76 -18.64
CA LYS B 119 -44.64 -19.77 -19.67
C LYS B 119 -44.78 -19.14 -21.04
N ARG B 120 -45.58 -18.08 -21.14
CA ARG B 120 -45.64 -17.36 -22.40
C ARG B 120 -44.29 -16.75 -22.77
N ALA B 121 -43.48 -16.35 -21.77
CA ALA B 121 -42.20 -15.72 -22.11
C ALA B 121 -41.20 -16.74 -22.60
N VAL B 122 -41.18 -17.93 -22.01
CA VAL B 122 -40.32 -18.99 -22.51
C VAL B 122 -40.80 -19.49 -23.87
N GLN B 123 -42.13 -19.57 -24.05
CA GLN B 123 -42.67 -19.91 -25.37
C GLN B 123 -42.21 -18.89 -26.41
N TRP B 124 -42.27 -17.59 -26.09
CA TRP B 124 -41.67 -16.57 -26.98
C TRP B 124 -40.17 -16.78 -27.14
N LEU B 125 -39.47 -17.10 -26.05
CA LEU B 125 -38.03 -17.30 -26.15
C LEU B 125 -37.71 -18.43 -27.13
N VAL B 126 -38.38 -19.58 -26.97
CA VAL B 126 -38.01 -20.78 -27.73
C VAL B 126 -38.51 -20.71 -29.16
N ASN B 127 -39.67 -20.12 -29.39
CA ASN B 127 -40.30 -20.15 -30.71
C ASN B 127 -40.40 -18.78 -31.37
N GLY B 128 -40.10 -17.71 -30.66
CA GLY B 128 -40.36 -16.40 -31.23
C GLY B 128 -41.81 -16.00 -31.24
N ASP B 129 -42.70 -16.82 -30.67
CA ASP B 129 -44.12 -16.58 -30.61
C ASP B 129 -44.63 -16.91 -29.22
N PRO B 130 -45.08 -15.93 -28.43
CA PRO B 130 -45.51 -16.23 -27.05
C PRO B 130 -46.69 -17.20 -26.96
N GLY B 131 -47.46 -17.38 -28.03
CA GLY B 131 -48.58 -18.31 -28.03
C GLY B 131 -48.27 -19.68 -28.56
N ALA B 132 -47.04 -19.90 -29.01
CA ALA B 132 -46.64 -21.16 -29.60
C ALA B 132 -46.11 -22.08 -28.52
N ALA B 133 -46.65 -23.30 -28.47
CA ALA B 133 -46.24 -24.25 -27.46
C ALA B 133 -44.84 -24.76 -27.75
N THR B 134 -44.11 -25.06 -26.69
CA THR B 134 -42.82 -25.72 -26.83
C THR B 134 -43.05 -27.23 -27.00
N ALA B 135 -42.06 -27.88 -27.61
CA ALA B 135 -42.12 -29.33 -27.77
C ALA B 135 -41.85 -30.03 -26.45
N LYS B 136 -42.42 -31.22 -26.30
CA LYS B 136 -42.17 -32.00 -25.11
C LYS B 136 -40.70 -32.38 -25.06
N ASP B 137 -40.11 -32.24 -23.86
CA ASP B 137 -38.69 -32.51 -23.63
C ASP B 137 -37.77 -31.58 -24.44
N PHE B 138 -38.23 -30.38 -24.79
CA PHE B 138 -37.33 -29.44 -25.47
C PHE B 138 -36.07 -29.28 -24.64
N LYS B 139 -34.94 -29.12 -25.31
CA LYS B 139 -33.64 -29.27 -24.64
C LYS B 139 -33.23 -27.95 -24.02
N VAL B 140 -32.88 -28.00 -22.74
CA VAL B 140 -32.51 -26.80 -21.98
C VAL B 140 -31.15 -27.04 -21.32
N SER B 141 -30.18 -26.23 -21.69
CA SER B 141 -28.93 -26.14 -20.96
C SER B 141 -29.07 -25.12 -19.83
N VAL B 142 -28.73 -25.54 -18.60
CA VAL B 142 -28.72 -24.67 -17.41
C VAL B 142 -27.28 -24.47 -16.94
N VAL B 143 -26.79 -23.24 -17.02
CA VAL B 143 -25.39 -22.93 -16.68
C VAL B 143 -25.34 -21.79 -15.67
N GLY B 144 -24.62 -22.02 -14.56
CA GLY B 144 -24.36 -20.99 -13.57
C GLY B 144 -25.41 -20.86 -12.49
N VAL B 145 -26.34 -21.81 -12.42
CA VAL B 145 -27.40 -21.83 -11.41
C VAL B 145 -27.87 -23.27 -11.34
N ASP B 146 -28.51 -23.66 -10.22
CA ASP B 146 -28.75 -25.06 -9.95
C ASP B 146 -29.66 -25.69 -11.01
N LYS B 147 -29.15 -26.73 -11.67
CA LYS B 147 -29.82 -27.30 -12.83
C LYS B 147 -31.17 -27.89 -12.46
N THR B 148 -31.25 -28.55 -11.30
CA THR B 148 -32.49 -29.21 -10.91
C THR B 148 -33.56 -28.20 -10.50
N ALA B 149 -33.19 -27.21 -9.69
CA ALA B 149 -34.15 -26.19 -9.25
C ALA B 149 -34.70 -25.40 -10.45
N ALA B 150 -33.85 -25.10 -11.43
CA ALA B 150 -34.33 -24.30 -12.56
C ALA B 150 -35.28 -25.11 -13.42
N LEU B 151 -34.92 -26.36 -13.72
CA LEU B 151 -35.80 -27.21 -14.52
C LEU B 151 -37.15 -27.42 -13.82
N ASN B 152 -37.13 -27.64 -12.50
CA ASN B 152 -38.40 -27.81 -11.77
C ASN B 152 -39.25 -26.56 -11.80
N GLY B 153 -38.62 -25.38 -11.85
CA GLY B 153 -39.38 -24.15 -11.94
C GLY B 153 -40.04 -23.97 -13.29
N LEU B 154 -39.31 -24.26 -14.38
CA LEU B 154 -39.96 -24.31 -15.68
C LEU B 154 -41.13 -25.30 -15.67
N LYS B 155 -40.98 -26.39 -14.91
CA LYS B 155 -42.01 -27.41 -14.86
C LYS B 155 -43.22 -26.94 -14.07
N SER B 156 -42.99 -26.24 -12.95
CA SER B 156 -44.15 -25.72 -12.24
C SER B 156 -44.78 -24.53 -12.95
N ALA B 157 -44.23 -24.11 -14.09
CA ALA B 157 -44.89 -23.18 -14.99
C ALA B 157 -45.56 -23.89 -16.16
N GLY B 158 -45.75 -25.20 -16.06
CA GLY B 158 -46.42 -25.94 -17.11
C GLY B 158 -45.57 -26.24 -18.32
N LEU B 159 -44.25 -26.19 -18.21
CA LEU B 159 -43.35 -26.58 -19.28
C LEU B 159 -42.84 -28.01 -19.04
N GLN B 160 -42.35 -28.64 -20.11
CA GLN B 160 -41.84 -30.01 -20.04
C GLN B 160 -40.46 -30.06 -20.70
N PRO B 161 -39.45 -29.52 -20.03
CA PRO B 161 -38.10 -29.52 -20.60
C PRO B 161 -37.34 -30.80 -20.29
N ALA B 162 -36.31 -31.05 -21.10
CA ALA B 162 -35.34 -32.10 -20.80
C ALA B 162 -33.98 -31.47 -20.55
N ASP B 163 -33.19 -32.13 -19.71
CA ASP B 163 -31.83 -31.68 -19.47
C ASP B 163 -31.02 -31.86 -20.75
N ALA B 164 -30.48 -30.76 -21.28
CA ALA B 164 -29.58 -30.87 -22.43
C ALA B 164 -28.35 -31.66 -22.08
N ALA B 165 -27.97 -31.66 -20.80
CA ALA B 165 -26.83 -32.41 -20.28
C ALA B 165 -25.48 -31.87 -20.80
N CYS B 166 -25.43 -30.59 -21.14
CA CYS B 166 -24.22 -29.99 -21.70
C CYS B 166 -24.25 -28.50 -21.37
N ASN B 167 -23.14 -27.84 -21.70
CA ASN B 167 -22.94 -26.42 -21.38
C ASN B 167 -23.06 -25.63 -22.69
N ALA B 168 -24.25 -25.08 -22.94
CA ALA B 168 -24.49 -24.36 -24.19
C ALA B 168 -23.88 -22.97 -24.17
N LEU B 169 -23.39 -22.50 -23.03
CA LEU B 169 -22.68 -21.22 -23.01
C LEU B 169 -21.32 -21.35 -23.69
N THR B 170 -20.55 -22.40 -23.37
CA THR B 170 -19.17 -22.52 -23.80
C THR B 170 -18.93 -23.60 -24.85
N ASP B 171 -19.91 -24.45 -25.14
CA ASP B 171 -19.75 -25.52 -26.13
C ASP B 171 -20.65 -25.25 -27.32
N ALA B 172 -20.03 -24.85 -28.45
CA ALA B 172 -20.80 -24.38 -29.60
C ALA B 172 -21.72 -25.47 -30.15
N SER B 173 -21.31 -26.74 -30.04
CA SER B 173 -22.15 -27.82 -30.56
C SER B 173 -23.42 -27.99 -29.73
N CYS B 174 -23.30 -27.91 -28.40
CA CYS B 174 -24.46 -28.02 -27.52
C CYS B 174 -25.42 -26.86 -27.73
N ALA B 175 -24.87 -25.66 -27.96
CA ALA B 175 -25.69 -24.48 -28.24
C ALA B 175 -26.57 -24.71 -29.47
N SER B 176 -26.02 -25.36 -30.50
CA SER B 176 -26.75 -25.52 -31.75
C SER B 176 -27.87 -26.55 -31.65
N THR B 177 -27.86 -27.40 -30.62
CA THR B 177 -28.96 -28.34 -30.42
C THR B 177 -29.84 -27.98 -29.23
N SER B 178 -29.41 -27.06 -28.37
CA SER B 178 -30.23 -26.61 -27.25
C SER B 178 -31.32 -25.66 -27.73
N LYS B 179 -32.51 -25.77 -27.14
CA LYS B 179 -33.58 -24.82 -27.43
C LYS B 179 -33.52 -23.58 -26.53
N LEU B 180 -32.88 -23.68 -25.36
CA LEU B 180 -32.93 -22.60 -24.38
C LEU B 180 -31.74 -22.71 -23.43
N LEU B 181 -31.05 -21.61 -23.20
CA LEU B 181 -29.97 -21.56 -22.22
C LEU B 181 -30.42 -20.71 -21.03
N VAL B 182 -30.35 -21.29 -19.84
CA VAL B 182 -30.62 -20.57 -18.60
C VAL B 182 -29.30 -20.22 -17.94
N LEU B 183 -29.13 -18.94 -17.58
CA LEU B 183 -27.86 -18.43 -17.07
C LEU B 183 -28.05 -17.79 -15.70
N GLY B 184 -27.19 -18.18 -14.74
CA GLY B 184 -27.05 -17.53 -13.46
C GLY B 184 -25.66 -16.93 -13.25
N ASN B 185 -25.37 -16.37 -12.07
CA ASN B 185 -24.10 -15.67 -11.90
C ASN B 185 -22.96 -16.60 -11.51
N GLY B 186 -23.17 -17.92 -11.55
CA GLY B 186 -22.16 -18.94 -11.30
C GLY B 186 -21.43 -19.43 -12.53
N ALA B 187 -21.72 -18.86 -13.71
CA ALA B 187 -21.14 -19.30 -14.97
C ALA B 187 -19.63 -19.09 -15.01
N SER B 188 -18.93 -20.00 -15.69
CA SER B 188 -17.50 -19.86 -15.93
C SER B 188 -17.26 -19.80 -17.42
N ALA B 189 -16.39 -18.87 -17.83
CA ALA B 189 -16.10 -18.63 -19.23
C ALA B 189 -15.10 -17.50 -19.43
N ALA B 190 -14.37 -17.54 -20.55
CA ALA B 190 -13.57 -16.40 -21.02
C ALA B 190 -14.43 -15.47 -21.85
N SER B 191 -14.13 -14.17 -21.78
CA SER B 191 -14.91 -13.12 -22.44
C SER B 191 -16.40 -13.42 -22.42
N LEU B 192 -16.98 -13.29 -21.23
CA LEU B 192 -18.37 -13.63 -20.99
C LEU B 192 -19.30 -12.87 -21.93
N SER B 193 -19.12 -11.54 -22.01
CA SER B 193 -20.05 -10.73 -22.80
C SER B 193 -20.04 -11.14 -24.27
N ALA B 194 -18.85 -11.31 -24.84
CA ALA B 194 -18.74 -11.65 -26.26
C ALA B 194 -19.30 -13.03 -26.57
N THR B 195 -19.23 -13.98 -25.64
CA THR B 195 -19.80 -15.29 -25.95
C THR B 195 -21.32 -15.28 -25.86
N VAL B 196 -21.87 -14.64 -24.84
CA VAL B 196 -23.33 -14.51 -24.75
C VAL B 196 -23.89 -13.82 -25.98
N ARG B 197 -23.22 -12.76 -26.47
CA ARG B 197 -23.75 -12.07 -27.64
C ARG B 197 -23.68 -12.95 -28.88
N ALA B 198 -22.62 -13.77 -29.01
CA ALA B 198 -22.48 -14.61 -30.19
C ALA B 198 -23.49 -15.74 -30.18
N ARG B 199 -23.72 -16.35 -29.03
CA ARG B 199 -24.80 -17.32 -28.89
C ARG B 199 -26.13 -16.72 -29.33
N LEU B 200 -26.47 -15.57 -28.74
CA LEU B 200 -27.66 -14.83 -29.12
C LEU B 200 -27.74 -14.63 -30.63
N GLN B 201 -26.66 -14.11 -31.21
CA GLN B 201 -26.66 -13.85 -32.64
C GLN B 201 -26.85 -15.14 -33.43
N ALA B 202 -26.32 -16.26 -32.93
CA ALA B 202 -26.44 -17.56 -33.58
C ALA B 202 -27.83 -18.17 -33.43
N GLY B 203 -28.75 -17.54 -32.69
CA GLY B 203 -30.10 -18.04 -32.57
C GLY B 203 -30.40 -18.86 -31.33
N LEU B 204 -29.60 -18.76 -30.28
CA LEU B 204 -29.87 -19.49 -29.07
C LEU B 204 -30.61 -18.59 -28.09
N PRO B 205 -31.82 -18.95 -27.69
CA PRO B 205 -32.54 -18.11 -26.74
C PRO B 205 -31.93 -18.23 -25.36
N ILE B 206 -31.81 -17.09 -24.68
CA ILE B 206 -31.17 -17.02 -23.37
C ILE B 206 -32.14 -16.45 -22.36
N LEU B 207 -32.21 -17.07 -21.20
CA LEU B 207 -32.96 -16.60 -20.06
C LEU B 207 -31.99 -16.43 -18.90
N PHE B 208 -31.79 -15.20 -18.47
CA PHE B 208 -30.86 -14.90 -17.38
C PHE B 208 -31.61 -14.69 -16.09
N VAL B 209 -31.14 -15.29 -15.00
CA VAL B 209 -31.65 -14.96 -13.67
C VAL B 209 -30.50 -14.48 -12.79
N HIS B 210 -30.68 -13.30 -12.19
CA HIS B 210 -29.75 -12.76 -11.20
C HIS B 210 -29.85 -13.58 -9.92
N THR B 211 -28.71 -14.12 -9.48
CA THR B 211 -28.72 -15.10 -8.40
C THR B 211 -28.03 -14.60 -7.13
N ASN B 212 -27.78 -13.30 -7.02
CA ASN B 212 -27.09 -12.76 -5.86
C ASN B 212 -27.88 -11.66 -5.17
N GLY B 213 -29.20 -11.87 -5.06
CA GLY B 213 -30.06 -10.95 -4.33
C GLY B 213 -29.83 -9.49 -4.66
N TRP B 214 -29.67 -8.69 -3.62
CA TRP B 214 -29.50 -7.25 -3.81
C TRP B 214 -28.06 -6.87 -4.11
N ASN B 215 -27.15 -7.84 -4.16
CA ASN B 215 -25.74 -7.59 -4.41
C ASN B 215 -25.48 -7.47 -5.90
N GLN B 216 -24.50 -6.64 -6.25
CA GLN B 216 -24.06 -6.57 -7.64
C GLN B 216 -23.26 -7.82 -8.00
N SER B 217 -23.04 -8.04 -9.30
CA SER B 217 -22.36 -9.25 -9.72
C SER B 217 -21.56 -8.99 -10.98
N SER B 218 -20.25 -9.23 -10.94
CA SER B 218 -19.45 -9.00 -12.12
C SER B 218 -19.85 -9.92 -13.26
N THR B 219 -20.02 -11.21 -12.97
CA THR B 219 -20.48 -12.15 -13.98
C THR B 219 -21.81 -11.68 -14.57
N GLY B 220 -22.76 -11.31 -13.70
CA GLY B 220 -24.08 -10.92 -14.18
C GLY B 220 -24.06 -9.69 -15.05
N GLN B 221 -23.27 -8.69 -14.67
CA GLN B 221 -23.13 -7.50 -15.48
C GLN B 221 -22.61 -7.85 -16.87
N GLN B 222 -21.65 -8.77 -16.94
CA GLN B 222 -21.07 -9.12 -18.23
C GLN B 222 -22.06 -9.92 -19.06
N ILE B 223 -22.79 -10.83 -18.41
CA ILE B 223 -23.89 -11.53 -19.05
C ILE B 223 -24.90 -10.54 -19.59
N LEU B 224 -25.36 -9.64 -18.71
CA LEU B 224 -26.32 -8.63 -19.14
C LEU B 224 -25.78 -7.82 -20.32
N ALA B 225 -24.51 -7.44 -20.25
CA ALA B 225 -23.92 -6.64 -21.32
C ALA B 225 -23.98 -7.40 -22.65
N GLY B 226 -23.64 -8.67 -22.67
CA GLY B 226 -23.84 -9.44 -23.87
C GLY B 226 -25.28 -9.45 -24.37
N LEU B 227 -26.24 -9.16 -23.49
CA LEU B 227 -27.64 -9.10 -23.87
C LEU B 227 -28.10 -7.69 -24.26
N GLY B 228 -27.18 -6.72 -24.33
CA GLY B 228 -27.59 -5.34 -24.55
C GLY B 228 -28.30 -4.72 -23.37
N LEU B 229 -28.14 -5.29 -22.18
CA LEU B 229 -28.82 -4.84 -20.97
C LEU B 229 -27.79 -4.36 -19.98
N GLN B 230 -28.24 -3.84 -18.84
CA GLN B 230 -27.31 -3.40 -17.84
C GLN B 230 -27.87 -3.65 -16.44
N GLU B 231 -26.95 -3.80 -15.50
CA GLU B 231 -27.32 -4.01 -14.11
C GLU B 231 -27.66 -2.68 -13.45
N GLY B 232 -28.73 -2.67 -12.67
CA GLY B 232 -29.10 -1.50 -11.89
C GLY B 232 -28.04 -1.06 -10.89
N PRO B 233 -28.28 0.07 -10.24
CA PRO B 233 -27.30 0.63 -9.29
C PRO B 233 -27.21 -0.17 -7.99
N TYR B 234 -26.12 0.10 -7.28
CA TYR B 234 -25.82 -0.56 -6.01
C TYR B 234 -27.05 -0.56 -5.11
N GLY B 235 -27.23 -1.65 -4.37
CA GLY B 235 -28.36 -1.81 -3.48
C GLY B 235 -29.56 -2.53 -4.08
N GLY B 236 -29.67 -2.55 -5.40
CA GLY B 236 -30.79 -3.25 -6.02
C GLY B 236 -32.12 -2.72 -5.54
N ASN B 237 -32.98 -3.63 -5.11
CA ASN B 237 -34.35 -3.35 -4.69
C ASN B 237 -34.49 -3.36 -3.19
N TYR B 238 -33.38 -3.18 -2.46
CA TYR B 238 -33.43 -3.26 -1.01
C TYR B 238 -34.26 -2.13 -0.39
N TRP B 239 -34.20 -0.94 -0.99
CA TRP B 239 -34.83 0.23 -0.42
C TRP B 239 -36.26 0.44 -0.90
N ASP B 240 -36.47 0.40 -2.22
CA ASP B 240 -37.81 0.64 -2.75
C ASP B 240 -38.74 -0.56 -2.57
N LYS B 241 -38.20 -1.78 -2.57
CA LYS B 241 -39.00 -3.01 -2.60
C LYS B 241 -40.09 -2.93 -3.67
N ASP B 242 -39.71 -2.53 -4.89
CA ASP B 242 -40.68 -2.37 -5.98
C ASP B 242 -41.25 -3.72 -6.40
N ARG B 243 -42.49 -3.68 -6.90
CA ARG B 243 -43.22 -4.86 -7.32
C ARG B 243 -44.29 -4.44 -8.32
N VAL B 244 -44.72 -5.38 -9.14
CA VAL B 244 -45.88 -5.21 -9.99
C VAL B 244 -47.08 -5.82 -9.28
N PRO B 245 -48.13 -5.05 -8.98
CA PRO B 245 -49.28 -5.60 -8.27
C PRO B 245 -50.23 -6.31 -9.23
N SER B 246 -51.09 -7.15 -8.67
CA SER B 246 -52.04 -7.87 -9.53
C SER B 246 -53.12 -6.96 -10.10
N SER B 247 -53.34 -5.78 -9.52
CA SER B 247 -54.28 -4.82 -10.09
C SER B 247 -53.79 -4.21 -11.41
N ARG B 248 -52.51 -4.38 -11.74
CA ARG B 248 -51.94 -3.80 -12.95
C ARG B 248 -52.67 -4.30 -14.19
N THR B 249 -53.15 -3.38 -15.00
CA THR B 249 -53.94 -3.70 -16.18
C THR B 249 -53.04 -4.05 -17.36
N ARG B 250 -53.65 -4.64 -18.39
CA ARG B 250 -52.90 -4.98 -19.59
C ARG B 250 -52.37 -3.74 -20.28
N THR B 251 -53.23 -2.73 -20.47
CA THR B 251 -52.84 -1.55 -21.22
C THR B 251 -51.82 -0.71 -20.47
N ARG B 252 -51.93 -0.66 -19.13
CA ARG B 252 -51.03 0.15 -18.34
C ARG B 252 -49.58 -0.26 -18.56
N SER B 253 -49.32 -1.58 -18.60
CA SER B 253 -47.97 -2.10 -18.78
C SER B 253 -47.50 -2.00 -20.23
N VAL B 254 -48.38 -2.26 -21.18
CA VAL B 254 -48.00 -2.04 -22.58
C VAL B 254 -47.62 -0.57 -22.79
N GLU B 255 -48.35 0.36 -22.17
CA GLU B 255 -48.04 1.78 -22.31
C GLU B 255 -46.67 2.10 -21.74
N LEU B 256 -46.47 1.76 -20.47
CA LEU B 256 -45.20 2.03 -19.83
C LEU B 256 -44.07 1.41 -20.64
N GLY B 257 -44.26 0.18 -21.11
CA GLY B 257 -43.19 -0.52 -21.80
C GLY B 257 -42.79 0.16 -23.10
N GLY B 258 -43.77 0.60 -23.90
CA GLY B 258 -43.46 1.27 -25.14
C GLY B 258 -42.88 2.66 -24.95
N ALA B 259 -43.09 3.25 -23.78
CA ALA B 259 -42.69 4.62 -23.47
C ALA B 259 -41.36 4.72 -22.73
N TYR B 260 -40.80 3.59 -22.28
CA TYR B 260 -39.58 3.62 -21.47
C TYR B 260 -38.37 4.06 -22.30
N GLY B 261 -37.59 4.97 -21.72
CA GLY B 261 -36.40 5.49 -22.38
C GLY B 261 -36.73 6.03 -23.75
N GLN B 262 -37.93 6.58 -23.87
CA GLN B 262 -38.46 7.11 -25.12
C GLN B 262 -39.19 8.38 -24.80
N ASP B 263 -39.02 9.40 -25.62
CA ASP B 263 -39.69 10.68 -25.41
C ASP B 263 -40.34 11.12 -26.72
N PRO B 264 -41.39 10.42 -27.17
CA PRO B 264 -42.11 10.89 -28.37
C PRO B 264 -42.71 12.27 -28.20
N ALA B 265 -43.02 12.70 -26.98
CA ALA B 265 -43.56 14.06 -26.83
C ALA B 265 -42.50 15.12 -27.11
N LEU B 266 -41.23 14.83 -26.80
CA LEU B 266 -40.13 15.76 -27.09
C LEU B 266 -39.84 15.82 -28.59
N VAL B 267 -39.90 14.68 -29.27
CA VAL B 267 -39.71 14.70 -30.71
C VAL B 267 -40.83 15.47 -31.37
N GLN B 268 -42.05 15.38 -30.83
CA GLN B 268 -43.15 16.12 -31.43
C GLN B 268 -42.98 17.62 -31.20
N GLN B 269 -42.49 18.00 -30.02
CA GLN B 269 -42.11 19.39 -29.79
C GLN B 269 -41.10 19.85 -30.82
N ILE B 270 -40.02 19.07 -30.99
CA ILE B 270 -38.98 19.40 -31.96
C ILE B 270 -39.57 19.58 -33.35
N VAL B 271 -40.43 18.65 -33.76
CA VAL B 271 -40.93 18.67 -35.13
C VAL B 271 -41.80 19.92 -35.38
N ASP B 272 -42.68 20.23 -34.43
CA ASP B 272 -43.57 21.37 -34.55
C ASP B 272 -42.94 22.70 -34.16
N GLY B 273 -41.89 22.68 -33.35
CA GLY B 273 -41.45 23.92 -32.74
C GLY B 273 -42.36 24.42 -31.63
N SER B 274 -43.12 23.54 -31.00
CA SER B 274 -44.08 23.94 -29.97
C SER B 274 -43.38 24.17 -28.63
N TRP B 275 -42.36 25.03 -28.64
CA TRP B 275 -41.62 25.32 -27.42
C TRP B 275 -42.42 26.24 -26.50
N ARG B 276 -42.29 26.02 -25.19
CA ARG B 276 -43.14 26.70 -24.22
C ARG B 276 -42.86 28.20 -24.21
N THR B 277 -43.84 28.96 -24.68
CA THR B 277 -43.87 30.41 -24.54
C THR B 277 -44.53 30.84 -23.23
N ASP B 278 -44.79 29.89 -22.35
CA ASP B 278 -45.65 30.04 -21.19
C ASP B 278 -44.87 30.19 -19.88
N TYR B 279 -43.56 29.99 -19.89
CA TYR B 279 -42.83 29.82 -18.64
C TYR B 279 -42.93 31.05 -17.76
N ASP B 280 -43.08 30.83 -16.45
CA ASP B 280 -43.19 31.93 -15.48
C ASP B 280 -41.81 32.28 -14.96
N TRP B 281 -41.17 33.25 -15.61
CA TRP B 281 -39.78 33.54 -15.29
C TRP B 281 -39.65 34.26 -13.95
N SER B 282 -40.56 35.19 -13.65
CA SER B 282 -40.87 35.46 -12.25
C SER B 282 -41.02 34.12 -11.54
N LYS B 283 -40.24 33.94 -10.46
CA LYS B 283 -40.08 32.71 -9.68
C LYS B 283 -38.67 32.18 -9.88
N CYS B 284 -37.98 32.60 -10.94
CA CYS B 284 -36.53 32.47 -10.95
C CYS B 284 -35.96 33.25 -9.77
N THR B 285 -34.90 32.73 -9.16
CA THR B 285 -34.20 33.42 -8.08
C THR B 285 -32.73 33.63 -8.45
N SER B 286 -32.17 34.73 -7.97
CA SER B 286 -30.77 35.04 -8.21
C SER B 286 -29.96 34.92 -6.93
N TYR B 287 -28.69 34.50 -7.07
CA TYR B 287 -27.79 34.38 -5.93
C TYR B 287 -26.38 34.80 -6.37
N VAL B 288 -26.04 36.03 -6.02
CA VAL B 288 -24.75 36.65 -6.36
C VAL B 288 -24.57 36.65 -7.87
N GLY B 289 -25.53 37.26 -8.57
CA GLY B 289 -25.44 37.42 -10.00
C GLY B 289 -25.78 36.21 -10.83
N ARG B 290 -26.07 35.07 -10.21
CA ARG B 290 -26.43 33.86 -10.94
C ARG B 290 -27.92 33.60 -10.79
N THR B 291 -28.67 33.75 -11.87
CA THR B 291 -30.07 33.30 -11.90
C THR B 291 -30.13 31.78 -11.95
N THR B 292 -30.85 31.18 -11.00
CA THR B 292 -31.33 29.79 -11.05
C THR B 292 -32.85 29.78 -11.20
N CYS B 293 -33.39 28.72 -11.80
CA CYS B 293 -34.82 28.70 -12.10
C CYS B 293 -35.46 27.37 -11.75
N ASP B 294 -34.98 26.70 -10.69
CA ASP B 294 -35.53 25.38 -10.31
C ASP B 294 -36.98 25.43 -9.87
N ASP B 295 -37.52 26.62 -9.62
CA ASP B 295 -38.90 26.75 -9.18
C ASP B 295 -39.80 27.29 -10.28
N VAL B 296 -39.28 27.58 -11.46
CA VAL B 296 -40.18 27.83 -12.59
C VAL B 296 -40.96 26.55 -12.87
N PRO B 297 -42.29 26.59 -12.93
CA PRO B 297 -43.07 25.35 -12.96
C PRO B 297 -42.88 24.62 -14.28
N GLY B 298 -42.53 23.33 -14.19
CA GLY B 298 -42.33 22.49 -15.35
C GLY B 298 -40.91 22.45 -15.86
N LEU B 299 -40.10 23.45 -15.53
CA LEU B 299 -38.75 23.55 -16.05
C LEU B 299 -37.89 22.38 -15.59
N SER B 300 -37.88 22.08 -14.28
CA SER B 300 -37.10 20.95 -13.77
C SER B 300 -37.44 19.66 -14.51
N ASP B 301 -38.73 19.42 -14.78
CA ASP B 301 -39.13 18.15 -15.39
C ASP B 301 -38.75 18.13 -16.87
N PHE B 302 -38.89 19.25 -17.57
CA PHE B 302 -38.35 19.33 -18.93
C PHE B 302 -36.84 19.05 -18.94
N SER B 303 -36.10 19.70 -18.03
CA SER B 303 -34.66 19.50 -17.96
C SER B 303 -34.33 18.04 -17.61
N LYS B 304 -35.12 17.43 -16.73
CA LYS B 304 -34.86 16.04 -16.34
C LYS B 304 -35.10 15.10 -17.53
N ARG B 305 -36.18 15.30 -18.29
CA ARG B 305 -36.39 14.53 -19.51
C ARG B 305 -35.20 14.63 -20.45
N VAL B 306 -34.57 15.81 -20.52
CA VAL B 306 -33.42 16.01 -21.38
C VAL B 306 -32.18 15.34 -20.82
N ASP B 307 -32.02 15.34 -19.50
CA ASP B 307 -30.91 14.60 -18.88
C ASP B 307 -30.96 13.12 -19.25
N VAL B 308 -32.16 12.58 -19.43
CA VAL B 308 -32.33 11.19 -19.81
C VAL B 308 -31.71 10.93 -21.19
N LEU B 309 -31.97 11.82 -22.15
CA LEU B 309 -31.30 11.70 -23.45
C LEU B 309 -29.80 11.87 -23.31
N LYS B 310 -29.35 12.86 -22.53
CA LYS B 310 -27.92 13.04 -22.32
C LYS B 310 -27.30 11.78 -21.74
N GLY B 311 -27.95 11.18 -20.73
CA GLY B 311 -27.34 10.04 -20.07
C GLY B 311 -27.23 8.85 -21.00
N ALA B 312 -28.22 8.68 -21.87
CA ALA B 312 -28.20 7.55 -22.79
C ALA B 312 -27.02 7.64 -23.74
N LEU B 313 -26.82 8.79 -24.38
CA LEU B 313 -25.68 8.95 -25.29
C LEU B 313 -24.35 8.99 -24.55
N ASP B 314 -24.30 9.50 -23.32
CA ASP B 314 -23.00 9.58 -22.65
C ASP B 314 -22.50 8.22 -22.18
N ALA B 315 -23.39 7.23 -22.07
CA ALA B 315 -22.96 5.88 -21.74
C ALA B 315 -22.04 5.32 -22.81
N TYR B 316 -22.31 5.63 -24.09
CA TYR B 316 -21.44 5.21 -25.19
C TYR B 316 -20.14 6.01 -25.20
N ASN B 317 -20.22 7.32 -24.96
CA ASN B 317 -19.02 8.15 -24.83
C ASN B 317 -18.10 7.61 -23.76
N GLN B 318 -18.66 7.33 -22.58
CA GLN B 318 -17.83 6.89 -21.46
C GLN B 318 -17.18 5.54 -21.73
N LYS B 319 -17.81 4.69 -22.53
CA LYS B 319 -17.23 3.40 -22.89
C LYS B 319 -16.31 3.51 -24.10
N ALA B 320 -16.19 4.69 -24.69
CA ALA B 320 -15.41 4.91 -25.90
C ALA B 320 -15.94 4.10 -27.08
N GLN B 321 -17.28 4.01 -27.17
CA GLN B 321 -17.95 3.28 -28.24
C GLN B 321 -18.49 4.24 -29.30
N ASN B 322 -18.28 3.91 -30.57
CA ASN B 322 -18.80 4.72 -31.67
C ASN B 322 -20.14 4.15 -32.11
N LEU B 323 -21.21 4.95 -31.92
CA LEU B 323 -22.55 4.53 -32.32
C LEU B 323 -22.63 4.20 -33.80
N PHE B 324 -21.85 4.86 -34.65
CA PHE B 324 -21.93 4.61 -36.08
C PHE B 324 -21.12 3.39 -36.51
N ALA B 325 -20.47 2.72 -35.54
CA ALA B 325 -19.78 1.46 -35.76
C ALA B 325 -20.43 0.34 -34.97
N LEU B 326 -21.70 0.49 -34.61
CA LEU B 326 -22.43 -0.52 -33.86
C LEU B 326 -23.77 -0.74 -34.57
N PRO B 327 -24.18 -1.99 -34.79
CA PRO B 327 -25.42 -2.24 -35.53
C PRO B 327 -26.65 -1.93 -34.69
N GLY B 328 -27.69 -1.43 -35.36
CA GLY B 328 -28.97 -1.23 -34.69
C GLY B 328 -28.95 -0.15 -33.63
N THR B 329 -28.38 1.00 -33.97
CA THR B 329 -28.37 2.18 -33.12
C THR B 329 -29.04 3.35 -33.84
N THR B 330 -29.94 3.02 -34.77
CA THR B 330 -30.51 4.03 -35.65
C THR B 330 -31.14 5.19 -34.87
N SER B 331 -31.82 4.87 -33.78
CA SER B 331 -32.45 5.90 -32.95
C SER B 331 -31.41 6.85 -32.38
N LEU B 332 -30.28 6.32 -31.92
CA LEU B 332 -29.29 7.17 -31.28
C LEU B 332 -28.50 7.97 -32.30
N ARG B 333 -28.15 7.37 -33.44
CA ARG B 333 -27.60 8.14 -34.56
C ARG B 333 -28.46 9.35 -34.91
N LEU B 334 -29.78 9.16 -34.99
CA LEU B 334 -30.65 10.25 -35.42
C LEU B 334 -30.70 11.37 -34.39
N TRP B 335 -30.68 11.03 -33.09
CA TRP B 335 -30.56 12.06 -32.06
C TRP B 335 -29.25 12.82 -32.23
N LEU B 336 -28.17 12.07 -32.44
CA LEU B 336 -26.87 12.67 -32.56
C LEU B 336 -26.78 13.53 -33.81
N LEU B 337 -27.28 13.03 -34.94
CA LEU B 337 -27.24 13.85 -36.16
C LEU B 337 -28.20 15.02 -36.05
N TRP B 338 -29.29 14.88 -35.31
CA TRP B 338 -30.21 16.00 -35.20
C TRP B 338 -29.56 17.14 -34.46
N ALA B 339 -28.77 16.82 -33.43
CA ALA B 339 -28.12 17.85 -32.62
C ALA B 339 -26.91 18.44 -33.34
N ASP B 340 -26.17 17.64 -34.11
CA ASP B 340 -25.14 18.22 -34.96
C ASP B 340 -25.74 19.20 -35.96
N ALA B 341 -26.94 18.90 -36.48
CA ALA B 341 -27.54 19.81 -37.44
C ALA B 341 -28.01 21.09 -36.77
N VAL B 342 -28.50 20.98 -35.54
CA VAL B 342 -28.89 22.17 -34.79
C VAL B 342 -27.68 23.06 -34.53
N ARG B 343 -26.52 22.44 -34.28
CA ARG B 343 -25.34 23.22 -33.99
C ARG B 343 -24.85 24.05 -35.17
N GLN B 344 -25.40 23.85 -36.37
CA GLN B 344 -25.03 24.74 -37.46
C GLN B 344 -25.81 26.03 -37.41
N ASN B 345 -26.89 26.06 -36.64
CA ASN B 345 -27.86 27.15 -36.65
C ASN B 345 -27.82 27.98 -35.38
N ILE B 346 -27.09 27.54 -34.35
CA ILE B 346 -27.02 28.27 -33.09
C ILE B 346 -26.40 29.65 -33.31
N ARG B 347 -27.13 30.68 -32.95
CA ARG B 347 -26.59 32.03 -32.89
C ARG B 347 -26.67 32.50 -31.44
N TYR B 348 -25.61 33.17 -31.01
CA TYR B 348 -25.51 33.69 -29.66
C TYR B 348 -25.60 35.21 -29.67
N PRO B 349 -26.07 35.83 -28.58
CA PRO B 349 -26.62 35.14 -27.41
C PRO B 349 -28.13 34.92 -27.55
N MET B 350 -28.71 34.10 -26.68
CA MET B 350 -30.14 33.85 -26.62
C MET B 350 -30.64 34.22 -25.23
N ASP B 351 -31.92 34.56 -25.14
CA ASP B 351 -32.54 34.86 -23.85
C ASP B 351 -33.73 33.93 -23.62
N LYS B 352 -33.96 33.59 -22.35
CA LYS B 352 -34.99 32.62 -22.00
C LYS B 352 -36.39 33.13 -22.29
N ALA B 353 -36.57 34.43 -22.44
CA ALA B 353 -37.86 34.97 -22.84
C ALA B 353 -37.87 35.52 -24.26
N ALA B 354 -36.78 36.14 -24.70
CA ALA B 354 -36.78 36.75 -26.01
C ALA B 354 -36.85 35.71 -27.12
N ASP B 355 -36.04 34.66 -27.03
CA ASP B 355 -35.93 33.65 -28.09
C ASP B 355 -36.35 32.31 -27.51
N THR B 356 -37.65 32.19 -27.25
CA THR B 356 -38.14 31.00 -26.56
C THR B 356 -37.94 29.73 -27.40
N ALA B 357 -38.05 29.82 -28.73
CA ALA B 357 -37.88 28.63 -29.57
C ALA B 357 -36.41 28.24 -29.64
N ARG B 358 -35.53 29.17 -30.00
CA ARG B 358 -34.13 28.85 -30.16
C ARG B 358 -33.49 28.46 -28.82
N PHE B 359 -33.86 29.16 -27.74
CA PHE B 359 -33.39 28.78 -26.42
C PHE B 359 -33.67 27.32 -26.13
N GLN B 360 -34.92 26.89 -26.33
CA GLN B 360 -35.33 25.57 -25.86
C GLN B 360 -34.82 24.45 -26.75
N GLU B 361 -34.80 24.65 -28.07
CA GLU B 361 -34.18 23.67 -28.96
C GLU B 361 -32.70 23.50 -28.62
N THR B 362 -31.97 24.61 -28.52
CA THR B 362 -30.54 24.52 -28.23
C THR B 362 -30.31 23.80 -26.91
N PHE B 363 -31.13 24.11 -25.91
CA PHE B 363 -31.03 23.46 -24.62
C PHE B 363 -31.03 21.92 -24.75
N VAL B 364 -31.88 21.38 -25.65
CA VAL B 364 -31.86 19.94 -25.90
C VAL B 364 -30.58 19.53 -26.62
N ALA B 365 -30.29 20.17 -27.76
CA ALA B 365 -29.17 19.76 -28.59
C ALA B 365 -27.84 19.82 -27.83
N ASP B 366 -27.64 20.84 -26.98
CA ASP B 366 -26.44 20.90 -26.14
C ASP B 366 -26.28 19.63 -25.29
N ALA B 367 -27.36 18.91 -25.04
CA ALA B 367 -27.29 17.74 -24.19
C ALA B 367 -26.96 16.46 -24.95
N ILE B 368 -26.84 16.54 -26.27
CA ILE B 368 -26.70 15.37 -27.14
C ILE B 368 -25.44 15.58 -27.96
N VAL B 369 -24.29 15.15 -27.45
CA VAL B 369 -23.02 15.29 -28.16
C VAL B 369 -22.34 13.93 -28.21
N GLY B 370 -22.06 13.44 -29.40
CA GLY B 370 -21.30 12.21 -29.54
C GLY B 370 -19.85 12.48 -29.85
N TYR B 371 -18.96 12.10 -28.95
CA TYR B 371 -17.55 12.45 -29.11
C TYR B 371 -16.72 11.37 -29.82
N VAL B 372 -17.13 10.11 -29.79
CA VAL B 372 -16.32 9.00 -30.24
C VAL B 372 -16.74 8.65 -31.66
N ARG B 373 -15.98 9.10 -32.64
CA ARG B 373 -16.39 8.90 -34.03
C ARG B 373 -15.20 9.23 -34.92
N GLU B 374 -15.35 8.90 -36.20
CA GLU B 374 -14.31 9.13 -37.19
C GLU B 374 -14.44 10.48 -37.86
N ALA B 375 -15.66 10.99 -37.93
CA ALA B 375 -15.96 12.26 -38.56
C ALA B 375 -17.14 12.90 -37.85
N GLY B 376 -17.40 14.16 -38.17
CA GLY B 376 -18.35 14.97 -37.45
C GLY B 376 -18.21 16.43 -37.83
N ALA B 377 -19.11 17.24 -37.26
CA ALA B 377 -19.23 18.67 -37.54
C ALA B 377 -18.76 19.50 -36.36
N ALA B 378 -18.32 20.72 -36.69
CA ALA B 378 -18.01 21.74 -35.71
C ALA B 378 -19.23 22.64 -35.54
N GLN B 379 -19.49 23.09 -34.32
CA GLN B 379 -20.47 24.13 -34.13
C GLN B 379 -19.95 25.41 -34.78
N LYS B 380 -20.80 26.06 -35.59
CA LYS B 380 -20.34 27.21 -36.34
C LYS B 380 -19.98 28.38 -35.41
N GLU B 381 -20.83 28.66 -34.43
N GLU B 381 -20.87 28.71 -34.48
CA GLU B 381 -20.61 29.80 -33.54
CA GLU B 381 -20.65 29.82 -33.53
C GLU B 381 -20.30 29.28 -32.15
C GLU B 381 -20.28 29.23 -32.17
N LEU B 382 -19.16 29.69 -31.59
CA LEU B 382 -18.75 29.24 -30.26
C LEU B 382 -18.97 30.30 -29.18
N GLY B 383 -19.51 31.47 -29.54
CA GLY B 383 -19.96 32.42 -28.54
C GLY B 383 -18.89 32.92 -27.60
N SER B 384 -19.21 32.91 -26.31
CA SER B 384 -18.29 33.36 -25.25
C SER B 384 -17.27 32.31 -24.87
N TYR B 385 -17.28 31.13 -25.48
CA TYR B 385 -16.29 30.13 -25.14
C TYR B 385 -15.01 30.31 -25.97
N ALA B 386 -15.15 30.46 -27.28
CA ALA B 386 -14.03 30.54 -28.21
C ALA B 386 -14.52 31.18 -29.50
N GLY B 387 -13.56 31.58 -30.34
CA GLY B 387 -13.83 32.27 -31.58
C GLY B 387 -13.10 31.65 -32.76
N GLN B 388 -12.77 32.49 -33.73
CA GLN B 388 -12.21 31.99 -34.98
C GLN B 388 -10.81 31.43 -34.82
N ARG B 389 -10.07 31.88 -33.80
CA ARG B 389 -8.80 31.23 -33.48
C ARG B 389 -9.00 29.75 -33.24
N GLN B 390 -9.88 29.40 -32.30
CA GLN B 390 -10.10 27.99 -31.99
C GLN B 390 -10.58 27.23 -33.22
N GLN B 391 -11.45 27.87 -34.02
CA GLN B 391 -11.92 27.25 -35.26
C GLN B 391 -10.76 26.92 -36.21
N SER B 392 -9.69 27.71 -36.19
CA SER B 392 -8.69 27.67 -37.24
C SER B 392 -7.35 27.10 -36.79
N MET B 393 -7.26 26.54 -35.57
CA MET B 393 -5.99 25.98 -35.10
C MET B 393 -5.47 24.90 -36.04
N PRO B 394 -4.21 24.97 -36.45
CA PRO B 394 -3.60 23.84 -37.15
C PRO B 394 -3.49 22.62 -36.25
N VAL B 395 -3.68 21.45 -36.86
CA VAL B 395 -3.49 20.18 -36.19
C VAL B 395 -2.24 19.51 -36.74
N SER B 396 -1.71 18.56 -35.96
CA SER B 396 -0.55 17.75 -36.34
C SER B 396 -1.00 16.50 -37.10
N GLY B 397 -0.61 16.41 -38.38
CA GLY B 397 -1.04 15.29 -39.19
C GLY B 397 -0.39 13.97 -38.81
N SER B 398 0.72 14.01 -38.09
CA SER B 398 1.44 12.82 -37.69
C SER B 398 1.35 12.65 -36.19
N GLU B 399 1.72 11.45 -35.74
CA GLU B 399 1.57 11.08 -34.34
C GLU B 399 2.60 11.79 -33.47
N GLU B 400 2.13 12.38 -32.38
CA GLU B 400 2.99 12.96 -31.37
C GLU B 400 2.99 12.05 -30.15
N THR B 401 4.09 12.07 -29.42
CA THR B 401 4.28 11.19 -28.27
C THR B 401 4.50 12.07 -27.05
N LEU B 402 3.68 11.88 -26.02
CA LEU B 402 3.76 12.70 -24.82
C LEU B 402 3.95 11.81 -23.60
N THR B 403 4.74 12.30 -22.64
CA THR B 403 5.03 11.60 -21.40
C THR B 403 4.48 12.43 -20.25
N LEU B 404 3.33 12.00 -19.73
CA LEU B 404 2.71 12.70 -18.62
C LEU B 404 2.99 11.96 -17.32
N THR B 405 3.32 12.73 -16.30
CA THR B 405 3.43 12.23 -14.94
C THR B 405 2.08 12.28 -14.27
N LEU B 406 1.81 11.31 -13.40
CA LEU B 406 0.59 11.31 -12.61
C LEU B 406 0.96 11.61 -11.16
N PRO B 407 0.72 12.83 -10.68
CA PRO B 407 1.29 13.21 -9.37
C PRO B 407 0.76 12.40 -8.18
N SER B 408 -0.51 12.02 -8.18
CA SER B 408 -1.06 11.26 -7.06
C SER B 408 -1.81 10.03 -7.57
N ALA B 409 -2.69 9.47 -6.74
CA ALA B 409 -3.33 8.21 -7.08
C ALA B 409 -4.54 8.38 -8.00
N GLN B 410 -5.29 9.46 -7.81
CA GLN B 410 -6.51 9.76 -8.58
C GLN B 410 -6.51 11.25 -8.90
N GLY B 411 -6.88 11.60 -10.12
CA GLY B 411 -7.00 13.01 -10.48
C GLY B 411 -7.13 13.19 -11.98
N PHE B 412 -6.87 14.41 -12.45
CA PHE B 412 -6.63 14.59 -13.87
C PHE B 412 -5.47 15.54 -14.08
N THR B 413 -4.88 15.48 -15.27
CA THR B 413 -3.77 16.35 -15.58
C THR B 413 -3.87 16.73 -17.05
N ALA B 414 -3.54 17.97 -17.38
CA ALA B 414 -3.61 18.43 -18.77
C ALA B 414 -2.58 17.71 -19.62
N ILE B 415 -3.04 17.15 -20.74
CA ILE B 415 -2.17 16.48 -21.69
C ILE B 415 -1.23 17.47 -22.38
N GLY B 416 -1.69 18.70 -22.62
CA GLY B 416 -0.92 19.69 -23.34
C GLY B 416 -1.25 19.83 -24.80
N ARG B 417 -2.41 19.32 -25.23
CA ARG B 417 -2.86 19.39 -26.60
C ARG B 417 -4.34 19.76 -26.59
N MET B 418 -4.87 20.08 -27.77
CA MET B 418 -6.25 20.45 -27.89
C MET B 418 -6.87 19.68 -29.03
N ALA B 419 -8.17 19.40 -28.90
CA ALA B 419 -8.97 19.00 -30.05
C ALA B 419 -9.39 20.24 -30.81
N ALA B 420 -9.30 20.18 -32.16
CA ALA B 420 -9.88 21.25 -32.95
C ALA B 420 -11.35 21.00 -33.21
N PRO B 421 -12.16 22.06 -33.33
CA PRO B 421 -13.59 21.87 -33.59
C PRO B 421 -13.79 21.13 -34.91
N GLY B 422 -14.45 19.97 -34.86
CA GLY B 422 -14.79 19.22 -36.05
C GLY B 422 -13.66 18.43 -36.71
N LYS B 423 -12.51 18.28 -36.05
CA LYS B 423 -11.35 17.63 -36.67
C LYS B 423 -10.99 16.37 -35.89
N ARG B 424 -11.06 15.24 -36.57
CA ARG B 424 -10.80 13.96 -35.93
C ARG B 424 -9.40 13.93 -35.32
N LEU B 425 -9.31 13.44 -34.09
CA LEU B 425 -8.03 13.17 -33.47
C LEU B 425 -8.07 11.76 -32.90
N SER B 426 -6.93 11.08 -32.95
CA SER B 426 -6.79 9.73 -32.45
C SER B 426 -5.87 9.74 -31.24
N ILE B 427 -6.25 9.03 -30.19
CA ILE B 427 -5.45 9.02 -28.97
C ILE B 427 -5.32 7.59 -28.46
N ARG B 428 -4.19 7.35 -27.80
CA ARG B 428 -3.77 6.04 -27.34
C ARG B 428 -2.90 6.23 -26.11
N ILE B 429 -3.05 5.33 -25.15
CA ILE B 429 -2.27 5.30 -23.92
C ILE B 429 -1.36 4.07 -23.95
N GLU B 430 -0.11 4.25 -23.51
CA GLU B 430 0.85 3.15 -23.37
C GLU B 430 1.63 3.36 -22.08
N ASP B 431 2.33 2.31 -21.64
CA ASP B 431 3.20 2.38 -20.46
C ASP B 431 2.43 2.81 -19.22
N ALA B 432 1.25 2.22 -19.03
CA ALA B 432 0.32 2.69 -18.01
C ALA B 432 0.53 2.06 -16.65
N GLY B 433 1.28 0.97 -16.55
CA GLY B 433 1.40 0.29 -15.27
C GLY B 433 0.07 -0.32 -14.89
N GLN B 434 -0.37 -0.08 -13.66
CA GLN B 434 -1.71 -0.52 -13.22
C GLN B 434 -2.64 0.66 -12.96
N ALA B 435 -2.47 1.74 -13.71
CA ALA B 435 -3.38 2.89 -13.64
C ALA B 435 -4.44 2.75 -14.73
N SER B 436 -5.65 3.20 -14.41
CA SER B 436 -6.74 3.20 -15.38
C SER B 436 -6.95 4.64 -15.84
N LEU B 437 -7.03 4.82 -17.15
CA LEU B 437 -7.05 6.16 -17.69
C LEU B 437 -8.28 6.40 -18.55
N ALA B 438 -8.57 7.69 -18.71
CA ALA B 438 -9.61 8.18 -19.60
C ALA B 438 -9.18 9.57 -20.09
N VAL B 439 -9.70 9.96 -21.26
CA VAL B 439 -9.49 11.31 -21.80
C VAL B 439 -10.72 12.14 -21.49
N GLY B 440 -10.48 13.40 -21.14
CA GLY B 440 -11.54 14.39 -21.05
C GLY B 440 -11.27 15.59 -21.94
N LEU B 441 -12.32 16.35 -22.24
CA LEU B 441 -12.19 17.60 -22.96
C LEU B 441 -12.74 18.71 -22.08
N ASN B 442 -11.88 19.68 -21.76
CA ASN B 442 -12.19 20.94 -21.07
C ASN B 442 -12.43 20.72 -19.58
N THR B 443 -12.69 21.81 -18.85
CA THR B 443 -12.71 21.80 -17.39
C THR B 443 -13.83 22.68 -16.83
N GLN B 444 -14.66 23.27 -17.67
CA GLN B 444 -15.78 24.10 -17.21
C GLN B 444 -16.71 23.33 -16.29
N ARG B 445 -17.22 24.01 -15.27
CA ARG B 445 -18.30 23.51 -14.46
C ARG B 445 -19.62 24.08 -14.97
N ILE B 446 -20.71 23.31 -14.78
CA ILE B 446 -21.92 23.58 -15.55
C ILE B 446 -22.56 24.91 -15.18
N GLY B 447 -22.35 25.41 -13.97
CA GLY B 447 -22.84 26.74 -13.60
C GLY B 447 -22.18 27.88 -14.35
N SER B 448 -21.08 27.64 -15.05
CA SER B 448 -20.48 28.70 -15.85
C SER B 448 -21.14 28.86 -17.23
N THR B 449 -22.25 28.20 -17.50
CA THR B 449 -23.10 28.59 -18.63
C THR B 449 -24.32 29.25 -18.00
N ARG B 450 -24.35 30.58 -18.06
CA ARG B 450 -25.39 31.36 -17.39
C ARG B 450 -26.62 31.49 -18.25
N LEU B 451 -27.13 30.36 -18.75
CA LEU B 451 -28.24 30.42 -19.71
C LEU B 451 -29.51 31.01 -19.09
N TRP B 452 -29.68 30.94 -17.75
CA TRP B 452 -30.86 31.54 -17.11
C TRP B 452 -30.71 33.05 -16.89
N ASN B 453 -29.48 33.55 -16.83
CA ASN B 453 -29.30 34.99 -16.75
C ASN B 453 -29.74 35.65 -18.04
N THR B 454 -30.20 36.89 -17.91
CA THR B 454 -30.78 37.61 -19.05
C THR B 454 -29.76 37.74 -20.17
N ARG B 455 -30.16 37.32 -21.38
CA ARG B 455 -29.36 37.48 -22.59
C ARG B 455 -27.97 36.82 -22.48
N GLN B 456 -27.81 35.82 -21.61
CA GLN B 456 -26.50 35.25 -21.34
C GLN B 456 -26.39 33.76 -21.68
N TYR B 457 -27.25 33.26 -22.58
CA TYR B 457 -27.08 31.92 -23.17
C TYR B 457 -26.15 32.09 -24.36
N ASP B 458 -24.82 32.08 -24.11
CA ASP B 458 -23.86 32.50 -25.12
C ASP B 458 -22.72 31.49 -25.31
N ARG B 459 -22.92 30.27 -24.82
CA ARG B 459 -21.94 29.20 -24.92
C ARG B 459 -22.68 27.87 -24.71
N PRO B 460 -22.08 26.74 -25.08
CA PRO B 460 -22.74 25.46 -24.84
C PRO B 460 -22.88 25.16 -23.34
N ARG B 461 -23.90 24.35 -23.01
CA ARG B 461 -24.14 24.00 -21.61
C ARG B 461 -23.02 23.13 -21.05
N PHE B 462 -22.47 22.25 -21.87
CA PHE B 462 -21.56 21.21 -21.39
C PHE B 462 -20.27 21.25 -22.18
N LEU B 463 -19.44 22.26 -21.91
CA LEU B 463 -18.12 22.29 -22.54
C LEU B 463 -17.23 21.19 -22.00
N LYS B 464 -17.50 20.68 -20.80
CA LYS B 464 -16.79 19.51 -20.28
C LYS B 464 -17.47 18.24 -20.78
N SER B 465 -16.77 17.52 -21.64
CA SER B 465 -17.23 16.22 -22.11
C SER B 465 -17.24 15.20 -20.98
N PRO B 466 -17.96 14.09 -21.15
CA PRO B 466 -17.75 12.92 -20.27
C PRO B 466 -16.30 12.46 -20.30
N ASP B 467 -15.93 11.67 -19.28
CA ASP B 467 -14.63 11.00 -19.29
C ASP B 467 -14.72 9.79 -20.23
N ILE B 468 -13.83 9.73 -21.22
CA ILE B 468 -13.89 8.68 -22.24
C ILE B 468 -12.86 7.61 -21.88
N LYS B 469 -13.34 6.47 -21.38
CA LYS B 469 -12.44 5.44 -20.86
C LYS B 469 -11.51 4.94 -21.94
N LEU B 470 -10.25 4.74 -21.56
CA LEU B 470 -9.23 4.23 -22.46
C LEU B 470 -8.66 2.93 -21.92
N GLN B 471 -8.43 1.99 -22.82
CA GLN B 471 -7.74 0.74 -22.50
C GLN B 471 -6.34 0.86 -23.04
N ALA B 472 -5.37 0.37 -22.27
CA ALA B 472 -3.99 0.41 -22.73
C ALA B 472 -3.89 -0.16 -24.14
N ASN B 473 -3.19 0.57 -25.00
CA ASN B 473 -2.87 0.15 -26.36
C ASN B 473 -4.11 -0.06 -27.23
N GLN B 474 -5.22 0.58 -26.92
CA GLN B 474 -6.33 0.70 -27.87
C GLN B 474 -6.42 2.16 -28.28
N SER B 475 -6.44 2.41 -29.59
CA SER B 475 -6.54 3.76 -30.11
C SER B 475 -8.00 4.17 -30.20
N VAL B 476 -8.30 5.38 -29.74
CA VAL B 476 -9.66 5.91 -29.81
C VAL B 476 -9.67 7.16 -30.66
N ALA B 477 -10.68 7.27 -31.51
CA ALA B 477 -10.89 8.40 -32.41
C ALA B 477 -11.99 9.31 -31.87
N LEU B 478 -11.71 10.60 -31.80
CA LEU B 478 -12.67 11.56 -31.27
C LEU B 478 -12.91 12.67 -32.28
N VAL B 479 -14.09 13.26 -32.22
CA VAL B 479 -14.41 14.50 -32.90
C VAL B 479 -15.26 15.33 -31.95
N SER B 480 -14.77 16.53 -31.57
CA SER B 480 -15.56 17.43 -30.74
C SER B 480 -16.16 18.52 -31.59
N PRO B 481 -17.44 18.83 -31.37
CA PRO B 481 -18.04 20.00 -32.03
C PRO B 481 -17.44 21.33 -31.56
N TYR B 482 -16.82 21.38 -30.36
CA TYR B 482 -16.30 22.63 -29.82
C TYR B 482 -14.78 22.75 -29.85
N GLY B 483 -14.08 21.64 -29.99
CA GLY B 483 -12.69 21.58 -29.59
C GLY B 483 -12.55 21.68 -28.08
N GLY B 484 -11.35 21.50 -27.56
CA GLY B 484 -11.18 21.50 -26.12
C GLY B 484 -9.78 21.16 -25.65
N LEU B 485 -9.40 21.69 -24.49
CA LEU B 485 -8.19 21.25 -23.80
C LEU B 485 -8.32 19.78 -23.42
N LEU B 486 -7.43 18.93 -23.95
CA LEU B 486 -7.46 17.51 -23.66
C LEU B 486 -6.90 17.23 -22.26
N GLN B 487 -7.65 16.46 -21.48
CA GLN B 487 -7.29 16.10 -20.12
C GLN B 487 -7.08 14.60 -20.01
N LEU B 488 -6.00 14.20 -19.32
CA LEU B 488 -5.83 12.79 -18.93
C LEU B 488 -6.41 12.57 -17.54
N VAL B 489 -7.50 11.79 -17.47
CA VAL B 489 -8.16 11.43 -16.21
C VAL B 489 -7.64 10.07 -15.77
N TYR B 490 -7.37 9.92 -14.47
CA TYR B 490 -6.73 8.70 -14.00
C TYR B 490 -7.16 8.38 -12.56
N SER B 491 -7.03 7.09 -12.23
CA SER B 491 -7.25 6.59 -10.88
C SER B 491 -6.48 5.29 -10.73
N GLY B 492 -6.26 4.89 -9.48
CA GLY B 492 -5.49 3.69 -9.20
C GLY B 492 -4.06 3.77 -9.66
N ALA B 493 -3.45 4.94 -9.60
CA ALA B 493 -2.10 5.12 -10.08
C ALA B 493 -1.15 5.32 -8.91
N THR B 494 0.11 4.97 -9.12
CA THR B 494 1.10 5.15 -8.07
C THR B 494 1.71 6.54 -8.20
N PRO B 495 1.67 7.39 -7.15
CA PRO B 495 2.19 8.76 -7.22
C PRO B 495 3.62 8.92 -7.74
N GLY B 496 3.77 9.62 -8.86
CA GLY B 496 5.06 9.88 -9.47
C GLY B 496 5.33 9.05 -10.71
N GLN B 497 4.49 8.06 -10.99
CA GLN B 497 4.63 7.24 -12.18
C GLN B 497 4.36 8.07 -13.43
N THR B 498 4.82 7.56 -14.55
CA THR B 498 4.54 8.20 -15.82
C THR B 498 3.71 7.28 -16.71
N VAL B 499 3.18 7.89 -17.77
CA VAL B 499 2.39 7.20 -18.78
C VAL B 499 2.75 7.84 -20.11
N THR B 500 2.54 7.11 -21.18
CA THR B 500 2.77 7.62 -22.52
C THR B 500 1.43 7.92 -23.17
N VAL B 501 1.29 9.14 -23.69
CA VAL B 501 0.14 9.56 -24.48
C VAL B 501 0.62 9.73 -25.93
N LYS B 502 0.07 8.93 -26.83
CA LYS B 502 0.30 9.12 -28.26
C LYS B 502 -0.99 9.65 -28.88
N VAL B 503 -0.87 10.65 -29.74
CA VAL B 503 -2.02 11.42 -30.18
C VAL B 503 -1.74 12.05 -31.53
N THR B 504 -2.68 11.88 -32.46
CA THR B 504 -2.57 12.34 -33.83
C THR B 504 -3.74 13.27 -34.10
N GLY B 505 -3.48 14.39 -34.77
CA GLY B 505 -4.54 15.27 -35.16
C GLY B 505 -4.94 16.30 -34.13
N ALA B 506 -4.14 16.47 -33.08
CA ALA B 506 -4.38 17.48 -32.05
C ALA B 506 -3.67 18.79 -32.39
N ALA B 507 -4.28 19.89 -31.91
CA ALA B 507 -3.71 21.22 -31.95
C ALA B 507 -2.84 21.48 -30.72
N SER B 508 -2.02 22.52 -30.78
CA SER B 508 -1.08 22.87 -29.72
C SER B 508 -1.38 24.27 -29.18
N GLN B 509 -2.19 24.35 -28.12
CA GLN B 509 -2.44 25.61 -27.44
C GLN B 509 -1.15 26.09 -26.78
N PRO B 510 -1.05 27.39 -26.49
CA PRO B 510 0.11 27.87 -25.71
C PRO B 510 0.19 27.13 -24.37
N PHE B 511 1.34 26.53 -24.10
CA PHE B 511 1.46 25.66 -22.94
C PHE B 511 2.78 25.89 -22.22
N LEU B 512 2.70 26.17 -20.92
CA LEU B 512 3.87 26.37 -20.07
C LEU B 512 3.93 25.24 -19.05
N ASP B 513 4.86 24.30 -19.26
CA ASP B 513 5.14 23.24 -18.30
C ASP B 513 6.39 23.61 -17.52
N ILE B 514 6.21 24.16 -16.32
CA ILE B 514 7.33 24.55 -15.48
C ILE B 514 7.75 23.31 -14.69
N GLN B 515 8.78 22.63 -15.17
CA GLN B 515 9.37 21.52 -14.44
C GLN B 515 9.73 21.97 -13.02
N PRO B 516 9.14 21.38 -11.98
CA PRO B 516 9.33 21.89 -10.62
C PRO B 516 10.77 21.72 -10.13
N GLY B 517 11.41 22.84 -9.79
CA GLY B 517 12.83 22.84 -9.44
C GLY B 517 13.82 23.05 -10.58
N GLU B 518 13.71 22.24 -11.64
CA GLU B 518 14.57 22.33 -12.81
C GLU B 518 14.46 23.69 -13.53
N ASP B 519 15.30 23.90 -14.54
CA ASP B 519 15.35 25.17 -15.24
C ASP B 519 14.21 25.25 -16.27
N SER B 520 13.83 26.48 -16.62
CA SER B 520 12.61 26.67 -17.39
C SER B 520 12.63 27.89 -18.33
N SER B 521 13.79 28.47 -18.61
CA SER B 521 13.83 29.66 -19.46
C SER B 521 13.46 29.35 -20.90
N GLN B 522 13.74 28.12 -21.35
CA GLN B 522 13.32 27.72 -22.69
C GLN B 522 11.81 27.47 -22.76
N ALA B 523 11.24 26.83 -21.73
CA ALA B 523 9.80 26.64 -21.70
C ALA B 523 9.06 27.97 -21.65
N ILE B 524 9.61 28.98 -20.98
CA ILE B 524 8.99 30.30 -20.95
C ILE B 524 9.06 30.95 -22.32
N ALA B 525 10.19 30.82 -23.00
CA ALA B 525 10.35 31.50 -24.28
C ALA B 525 9.47 30.86 -25.37
N ASP B 526 9.36 29.53 -25.37
CA ASP B 526 8.42 28.89 -26.28
C ASP B 526 6.98 29.35 -26.01
N PHE B 527 6.66 29.59 -24.73
CA PHE B 527 5.33 30.07 -24.36
C PHE B 527 5.07 31.47 -24.89
N ILE B 528 5.99 32.41 -24.63
CA ILE B 528 5.80 33.78 -25.07
C ILE B 528 5.71 33.84 -26.59
N GLN B 529 6.44 32.98 -27.27
CA GLN B 529 6.32 32.93 -28.73
C GLN B 529 4.94 32.45 -29.14
N ALA B 530 4.44 31.40 -28.49
CA ALA B 530 3.11 30.89 -28.82
C ALA B 530 2.05 31.93 -28.54
N LEU B 531 2.19 32.68 -27.44
CA LEU B 531 1.29 33.80 -27.18
C LEU B 531 1.30 34.79 -28.33
N ASP B 532 2.49 35.24 -28.72
CA ASP B 532 2.60 36.25 -29.76
C ASP B 532 2.08 35.74 -31.10
N ALA B 533 2.26 34.45 -31.38
CA ALA B 533 1.63 33.88 -32.58
C ALA B 533 0.12 34.09 -32.55
N ASP B 534 -0.50 34.09 -31.36
CA ASP B 534 -1.92 34.41 -31.17
C ASP B 534 -2.83 33.56 -32.06
N LYS B 535 -2.65 32.25 -31.99
CA LYS B 535 -3.46 31.34 -32.78
C LYS B 535 -4.53 30.62 -31.94
N ALA B 536 -4.71 31.00 -30.68
CA ALA B 536 -5.56 30.22 -29.81
C ALA B 536 -6.37 31.13 -28.89
N ASP B 537 -7.52 30.61 -28.47
CA ASP B 537 -8.35 31.26 -27.46
C ASP B 537 -8.11 30.69 -26.05
N TRP B 538 -7.42 29.55 -25.93
CA TRP B 538 -7.20 28.90 -24.65
C TRP B 538 -5.73 28.55 -24.47
N LEU B 539 -5.29 28.58 -23.22
CA LEU B 539 -3.92 28.23 -22.85
C LEU B 539 -3.97 27.51 -21.52
N GLU B 540 -2.93 26.73 -21.26
CA GLU B 540 -2.76 26.10 -19.96
C GLU B 540 -1.35 26.39 -19.45
N ILE B 541 -1.20 26.28 -18.13
CA ILE B 541 0.04 26.48 -17.42
C ILE B 541 0.10 25.45 -16.31
N ARG B 542 1.15 24.63 -16.29
CA ARG B 542 1.43 23.72 -15.18
C ARG B 542 2.68 24.23 -14.48
N SER B 543 2.55 24.60 -13.21
CA SER B 543 3.68 25.02 -12.41
C SER B 543 3.56 24.38 -11.04
N GLY B 544 4.44 23.43 -10.74
CA GLY B 544 4.36 22.77 -9.44
C GLY B 544 3.06 21.99 -9.33
N SER B 545 2.37 22.17 -8.21
CA SER B 545 1.12 21.48 -7.95
C SER B 545 -0.10 22.15 -8.58
N VAL B 546 0.06 23.22 -9.37
CA VAL B 546 -1.06 23.98 -9.88
C VAL B 546 -1.12 23.89 -11.41
N GLU B 547 -2.32 23.67 -11.93
CA GLU B 547 -2.61 23.74 -13.36
C GLU B 547 -3.69 24.78 -13.63
N VAL B 548 -3.40 25.68 -14.57
CA VAL B 548 -4.27 26.81 -14.92
C VAL B 548 -4.82 26.56 -16.31
N HIS B 549 -6.13 26.41 -16.40
CA HIS B 549 -6.84 26.34 -17.67
C HIS B 549 -7.52 27.70 -17.87
N ALA B 550 -7.15 28.40 -18.95
CA ALA B 550 -7.42 29.82 -18.96
C ALA B 550 -7.72 30.32 -20.35
N LYS B 551 -8.74 31.18 -20.45
CA LYS B 551 -9.00 31.95 -21.65
C LYS B 551 -7.85 32.92 -21.90
N VAL B 552 -7.36 32.97 -23.13
CA VAL B 552 -6.20 33.81 -23.45
C VAL B 552 -6.53 35.27 -23.22
N GLU B 553 -7.69 35.72 -23.70
CA GLU B 553 -8.10 37.11 -23.47
C GLU B 553 -7.98 37.50 -22.00
N LYS B 554 -8.40 36.61 -21.09
CA LYS B 554 -8.37 36.92 -19.67
C LYS B 554 -6.94 37.03 -19.14
N VAL B 555 -6.02 36.15 -19.57
CA VAL B 555 -4.67 36.22 -19.04
C VAL B 555 -3.89 37.37 -19.68
N ARG B 556 -4.02 37.53 -21.00
CA ARG B 556 -3.43 38.66 -21.71
C ARG B 556 -3.88 39.98 -21.10
N GLY B 557 -5.16 40.07 -20.74
CA GLY B 557 -5.65 41.28 -20.10
C GLY B 557 -4.96 41.54 -18.78
N SER B 558 -4.72 40.48 -17.99
CA SER B 558 -4.02 40.62 -16.71
C SER B 558 -2.54 40.98 -16.91
N ILE B 559 -1.89 40.36 -17.88
CA ILE B 559 -0.49 40.67 -18.15
C ILE B 559 -0.32 42.14 -18.55
N ASP B 560 -1.28 42.68 -19.30
CA ASP B 560 -1.13 44.04 -19.83
C ASP B 560 -1.38 45.09 -18.77
N LYS B 561 -2.44 44.94 -18.00
CA LYS B 561 -2.87 46.01 -17.09
C LYS B 561 -2.09 46.02 -15.78
N ASP B 562 -1.63 44.86 -15.28
CA ASP B 562 -0.86 44.85 -14.04
C ASP B 562 0.64 44.65 -14.23
N TYR B 563 1.08 44.20 -15.39
CA TYR B 563 2.49 43.92 -15.61
C TYR B 563 2.99 44.54 -16.90
N GLY B 564 2.30 45.56 -17.42
CA GLY B 564 2.70 46.29 -18.61
C GLY B 564 3.22 45.50 -19.79
N GLY B 565 2.69 44.31 -20.01
CA GLY B 565 3.15 43.45 -21.08
C GLY B 565 4.17 42.40 -20.69
N ASP B 566 4.74 42.48 -19.49
CA ASP B 566 5.96 41.76 -19.10
C ASP B 566 5.60 40.32 -18.75
N VAL B 567 5.66 39.43 -19.74
CA VAL B 567 5.22 38.05 -19.50
C VAL B 567 6.20 37.34 -18.57
N GLN B 568 7.49 37.69 -18.68
CA GLN B 568 8.52 37.04 -17.88
C GLN B 568 8.29 37.26 -16.39
N ARG B 569 7.91 38.49 -16.02
CA ARG B 569 7.70 38.86 -14.63
C ARG B 569 6.38 38.34 -14.10
N PHE B 570 5.35 38.38 -14.95
CA PHE B 570 4.11 37.67 -14.67
C PHE B 570 4.38 36.22 -14.24
N ILE B 571 5.14 35.48 -15.05
CA ILE B 571 5.43 34.07 -14.74
C ILE B 571 6.16 33.96 -13.42
N ARG B 572 7.18 34.81 -13.21
CA ARG B 572 8.00 34.74 -12.00
C ARG B 572 7.16 34.95 -10.75
N GLU B 573 6.29 35.95 -10.77
CA GLU B 573 5.45 36.25 -9.60
C GLU B 573 4.36 35.18 -9.39
N LEU B 574 3.77 34.67 -10.48
CA LEU B 574 2.88 33.52 -10.35
C LEU B 574 3.59 32.31 -9.70
N ASN B 575 4.88 32.10 -10.02
CA ASN B 575 5.58 30.94 -9.48
C ASN B 575 6.02 31.15 -8.05
N GLU B 576 6.48 32.35 -7.72
CA GLU B 576 7.13 32.63 -6.45
C GLU B 576 6.20 33.33 -5.46
N VAL B 577 5.49 34.37 -5.91
CA VAL B 577 4.66 35.16 -4.99
C VAL B 577 3.37 34.43 -4.65
N PHE B 578 2.74 33.80 -5.65
CA PHE B 578 1.47 33.08 -5.47
C PHE B 578 1.71 31.64 -5.05
N ILE B 579 2.22 30.81 -5.97
CA ILE B 579 2.24 29.36 -5.78
C ILE B 579 3.26 28.97 -4.71
N ASP B 580 4.53 29.30 -4.94
CA ASP B 580 5.57 28.94 -3.97
C ASP B 580 5.27 29.51 -2.59
N ASP B 581 4.71 30.70 -2.52
CA ASP B 581 4.45 31.28 -1.20
C ASP B 581 3.50 30.40 -0.38
N ALA B 582 2.42 29.90 -0.99
CA ALA B 582 1.47 29.09 -0.24
C ALA B 582 2.08 27.75 0.20
N TYR B 583 2.62 26.98 -0.74
CA TYR B 583 3.04 25.62 -0.37
C TYR B 583 4.23 25.63 0.57
N THR B 584 5.09 26.65 0.47
CA THR B 584 6.12 26.87 1.49
C THR B 584 5.52 27.20 2.85
N LEU B 585 4.61 28.18 2.91
CA LEU B 585 3.98 28.49 4.19
C LEU B 585 3.37 27.24 4.83
N ALA B 586 2.62 26.46 4.04
CA ALA B 586 2.07 25.18 4.53
C ALA B 586 3.15 24.13 4.82
N GLY B 587 4.41 24.42 4.54
CA GLY B 587 5.50 23.58 4.96
C GLY B 587 5.70 22.31 4.15
N PHE B 588 5.16 22.24 2.94
CA PHE B 588 5.26 21.01 2.16
C PHE B 588 6.71 20.79 1.70
N ALA B 589 7.04 19.52 1.41
CA ALA B 589 8.34 19.09 0.86
C ALA B 589 8.40 19.40 -0.63
N ILE B 590 8.95 20.55 -0.96
CA ILE B 590 8.99 21.02 -2.33
C ILE B 590 10.31 20.56 -2.96
N PRO B 591 10.26 19.87 -4.11
CA PRO B 591 11.49 19.29 -4.67
C PRO B 591 12.55 20.36 -4.90
N ASN B 592 13.78 20.04 -4.49
CA ASN B 592 14.95 20.89 -4.65
C ASN B 592 14.85 22.17 -3.84
N GLN B 593 13.95 22.21 -2.87
CA GLN B 593 13.79 23.35 -1.98
C GLN B 593 13.94 22.88 -0.53
N ALA B 594 14.94 23.43 0.17
CA ALA B 594 15.12 23.16 1.58
C ALA B 594 14.30 24.14 2.44
N LYS B 595 14.06 23.76 3.70
CA LYS B 595 13.41 24.67 4.63
C LYS B 595 14.37 25.79 5.00
N THR B 596 13.80 26.92 5.39
CA THR B 596 14.64 28.02 5.79
C THR B 596 15.40 27.67 7.07
N PRO B 597 16.52 28.35 7.33
CA PRO B 597 17.29 28.05 8.55
C PRO B 597 16.49 28.02 9.83
N ALA B 598 15.64 29.04 10.07
CA ALA B 598 14.85 29.08 11.29
C ALA B 598 13.93 27.86 11.38
N ILE B 599 13.33 27.44 10.26
CA ILE B 599 12.46 26.27 10.31
C ILE B 599 13.26 25.00 10.60
N GLN B 600 14.44 24.86 9.98
CA GLN B 600 15.23 23.64 10.20
C GLN B 600 15.66 23.54 11.66
N GLN B 601 16.10 24.65 12.24
CA GLN B 601 16.62 24.58 13.60
C GLN B 601 15.51 24.22 14.57
N GLU B 602 14.33 24.79 14.38
CA GLU B 602 13.23 24.51 15.30
C GLU B 602 12.83 23.05 15.21
N CYS B 603 12.76 22.50 14.00
CA CYS B 603 12.42 21.10 13.80
C CYS B 603 13.45 20.19 14.47
N ALA B 604 14.74 20.46 14.25
CA ALA B 604 15.79 19.57 14.74
C ALA B 604 15.90 19.60 16.26
N ALA B 605 15.61 20.75 16.87
CA ALA B 605 15.57 20.92 18.31
C ALA B 605 14.38 20.22 18.95
N ARG B 606 13.40 19.77 18.15
CA ARG B 606 12.30 18.98 18.65
C ARG B 606 12.35 17.55 18.15
N GLY B 607 13.38 17.20 17.40
CA GLY B 607 13.45 15.89 16.80
C GLY B 607 12.26 15.60 15.91
N TRP B 608 11.82 16.58 15.15
CA TRP B 608 10.70 16.42 14.23
C TRP B 608 11.22 16.02 12.87
N ASP B 609 10.45 15.21 12.18
CA ASP B 609 10.63 14.95 10.76
C ASP B 609 9.83 16.02 10.03
N CYS B 610 10.53 17.03 9.50
CA CYS B 610 9.86 18.05 8.69
C CYS B 610 10.18 17.95 7.20
N ASP B 611 10.64 16.79 6.74
CA ASP B 611 11.16 16.67 5.38
C ASP B 611 10.73 15.44 4.62
N SER B 612 10.17 14.42 5.26
CA SER B 612 9.84 13.20 4.54
C SER B 612 8.69 13.44 3.58
N GLU B 613 8.76 12.77 2.43
CA GLU B 613 7.66 12.76 1.47
C GLU B 613 6.44 12.04 2.02
N THR B 614 6.65 11.04 2.87
CA THR B 614 5.51 10.29 3.36
C THR B 614 4.66 11.12 4.30
N LEU B 615 5.27 12.04 5.04
CA LEU B 615 4.49 12.92 5.89
C LEU B 615 4.16 14.26 5.24
N HIS B 616 4.94 14.73 4.26
CA HIS B 616 4.80 16.11 3.84
C HIS B 616 4.84 16.24 2.31
N LYS B 617 4.43 15.18 1.61
CA LYS B 617 4.32 15.26 0.16
C LYS B 617 3.32 16.34 -0.23
N LEU B 618 3.60 17.00 -1.33
CA LEU B 618 2.70 17.95 -1.91
C LEU B 618 1.31 17.32 -2.04
N PRO B 619 0.23 18.09 -1.84
CA PRO B 619 -1.10 17.53 -2.13
C PRO B 619 -1.20 17.25 -3.61
N GLY B 620 -2.33 16.69 -4.05
CA GLY B 620 -2.52 16.52 -5.46
C GLY B 620 -2.60 17.84 -6.20
N THR B 621 -2.90 17.76 -7.50
CA THR B 621 -2.98 18.96 -8.33
C THR B 621 -4.11 19.86 -7.87
N GLN B 622 -3.84 21.16 -7.85
CA GLN B 622 -4.89 22.16 -7.77
C GLN B 622 -5.15 22.76 -9.14
N HIS B 623 -6.41 22.72 -9.59
CA HIS B 623 -6.79 23.28 -10.89
C HIS B 623 -7.49 24.62 -10.70
N ILE B 624 -7.30 25.51 -11.68
CA ILE B 624 -7.83 26.86 -11.65
C ILE B 624 -8.38 27.18 -13.03
N ASN B 625 -9.66 27.51 -13.10
CA ASN B 625 -10.29 27.95 -14.33
C ASN B 625 -10.28 29.47 -14.36
N VAL B 626 -9.81 30.04 -15.47
CA VAL B 626 -9.87 31.47 -15.72
C VAL B 626 -10.70 31.63 -16.97
N ASP B 627 -11.87 32.21 -16.84
CA ASP B 627 -12.87 32.15 -17.90
C ASP B 627 -13.79 33.35 -17.76
N GLN B 628 -14.64 33.52 -18.78
CA GLN B 628 -15.65 34.57 -18.78
C GLN B 628 -16.69 34.37 -17.68
N TYR B 629 -17.00 33.12 -17.34
CA TYR B 629 -18.02 32.85 -16.35
C TYR B 629 -17.48 31.85 -15.35
N ALA B 630 -18.09 31.86 -14.15
CA ALA B 630 -17.78 30.95 -13.07
C ALA B 630 -18.99 30.09 -12.72
N GLN B 631 -18.73 28.98 -12.02
CA GLN B 631 -19.80 28.14 -11.47
C GLN B 631 -20.76 28.94 -10.61
N CYS B 632 -20.23 29.81 -9.75
CA CYS B 632 -21.05 30.58 -8.83
C CYS B 632 -20.35 31.91 -8.57
N GLY B 633 -21.09 32.99 -8.68
CA GLY B 633 -20.48 34.29 -8.50
C GLY B 633 -19.56 34.67 -9.65
N GLY B 634 -18.64 35.59 -9.33
CA GLY B 634 -17.53 35.91 -10.22
C GLY B 634 -16.34 35.00 -10.08
N GLY B 635 -16.35 34.16 -9.06
CA GLY B 635 -15.38 33.11 -8.84
C GLY B 635 -15.91 32.18 -7.77
N CYS B 636 -15.63 30.89 -7.89
CA CYS B 636 -16.31 29.87 -7.10
C CYS B 636 -15.27 28.86 -6.61
N SER B 637 -15.39 28.47 -5.34
CA SER B 637 -14.43 27.58 -4.71
C SER B 637 -14.50 26.18 -5.32
N GLY B 638 -13.49 25.34 -4.97
CA GLY B 638 -13.46 23.94 -5.34
C GLY B 638 -12.16 23.56 -6.03
N ASN B 639 -12.21 22.49 -6.82
CA ASN B 639 -11.04 22.01 -7.56
C ASN B 639 -11.53 21.34 -8.83
N PRO B 640 -11.49 22.04 -9.96
CA PRO B 640 -10.94 23.40 -10.10
C PRO B 640 -11.76 24.48 -9.40
N TYR B 641 -11.13 25.59 -9.01
CA TYR B 641 -11.88 26.79 -8.67
C TYR B 641 -11.82 27.79 -9.82
N ASP B 642 -12.81 28.68 -9.86
CA ASP B 642 -13.09 29.54 -11.00
C ASP B 642 -12.71 30.98 -10.72
N GLN B 643 -12.34 31.68 -11.78
CA GLN B 643 -12.02 33.10 -11.72
C GLN B 643 -12.44 33.72 -13.03
N THR B 644 -13.04 34.93 -12.96
CA THR B 644 -13.48 35.63 -14.15
C THR B 644 -12.80 36.98 -14.40
N TRP B 645 -12.05 37.53 -13.45
CA TRP B 645 -11.35 38.78 -13.68
C TRP B 645 -10.05 38.60 -14.44
N GLY B 646 -9.42 37.47 -14.30
CA GLY B 646 -8.15 37.26 -14.91
C GLY B 646 -7.36 36.29 -14.05
N LEU B 647 -6.04 36.45 -14.10
CA LEU B 647 -5.13 35.71 -13.25
C LEU B 647 -4.15 36.71 -12.67
N ASN B 648 -4.32 37.04 -11.38
CA ASN B 648 -3.42 38.00 -10.74
C ASN B 648 -2.56 37.32 -9.67
N PRO B 649 -1.26 37.20 -9.89
CA PRO B 649 -0.40 36.60 -8.85
C PRO B 649 -0.50 37.29 -7.51
N ARG B 650 -0.78 38.59 -7.47
CA ARG B 650 -0.88 39.30 -6.21
C ARG B 650 -2.33 39.39 -5.71
N GLY B 651 -3.28 38.78 -6.42
CA GLY B 651 -4.67 38.94 -6.07
C GLY B 651 -5.02 38.28 -4.75
N TRP B 652 -5.98 38.87 -4.04
CA TRP B 652 -6.44 38.25 -2.81
C TRP B 652 -7.17 36.94 -3.07
N GLY B 653 -8.02 36.90 -4.10
CA GLY B 653 -8.83 35.73 -4.34
C GLY B 653 -8.04 34.51 -4.76
N GLU B 654 -7.02 34.70 -5.61
CA GLU B 654 -6.15 33.59 -6.00
C GLU B 654 -5.68 32.80 -4.79
N SER B 655 -5.18 33.49 -3.76
CA SER B 655 -4.66 32.84 -2.57
C SER B 655 -5.73 32.49 -1.55
N HIS B 656 -6.82 33.25 -1.49
CA HIS B 656 -7.91 32.83 -0.63
C HIS B 656 -8.51 31.51 -1.10
N GLN B 657 -8.62 31.30 -2.42
CA GLN B 657 -9.19 30.05 -2.91
C GLN B 657 -8.19 28.90 -2.84
N LEU B 658 -6.92 29.18 -3.14
CA LEU B 658 -5.93 28.13 -2.93
C LEU B 658 -5.81 27.82 -1.46
N GLY B 659 -6.06 28.81 -0.60
CA GLY B 659 -6.06 28.55 0.83
C GLY B 659 -7.04 27.46 1.24
N HIS B 660 -8.29 27.55 0.72
CA HIS B 660 -9.31 26.57 1.10
C HIS B 660 -8.80 25.14 0.94
N ASN B 661 -8.14 24.86 -0.18
CA ASN B 661 -7.69 23.52 -0.45
C ASN B 661 -6.52 23.09 0.43
N LEU B 662 -5.85 24.02 1.10
CA LEU B 662 -4.77 23.72 2.04
C LEU B 662 -5.22 23.72 3.48
N GLN B 663 -6.53 23.82 3.74
CA GLN B 663 -7.05 23.82 5.10
C GLN B 663 -7.01 22.41 5.69
N VAL B 664 -6.75 22.35 7.00
CA VAL B 664 -6.86 21.11 7.78
C VAL B 664 -7.71 21.39 9.02
N ASN B 665 -8.62 20.45 9.31
CA ASN B 665 -9.61 20.64 10.39
C ASN B 665 -8.97 20.86 11.75
N ARG B 666 -7.81 20.26 11.99
CA ARG B 666 -7.17 20.35 13.31
C ARG B 666 -6.56 21.72 13.56
N LEU B 667 -6.76 22.68 12.66
CA LEU B 667 -6.29 24.06 12.82
C LEU B 667 -7.42 25.07 12.61
N LYS B 668 -8.67 24.62 12.66
CA LYS B 668 -9.82 25.50 12.59
C LYS B 668 -10.32 25.75 14.00
N VAL B 669 -10.60 27.01 14.30
CA VAL B 669 -11.26 27.37 15.54
C VAL B 669 -12.75 27.14 15.37
N TYR B 670 -13.35 26.40 16.30
CA TYR B 670 -14.78 26.09 16.23
C TYR B 670 -15.18 25.66 14.81
N GLY B 671 -14.40 24.75 14.26
CA GLY B 671 -14.66 24.13 12.98
C GLY B 671 -15.06 25.05 11.85
N GLY B 672 -16.27 24.83 11.33
CA GLY B 672 -16.77 25.63 10.23
C GLY B 672 -16.85 27.12 10.53
N ARG B 673 -16.90 27.52 11.80
CA ARG B 673 -16.87 28.96 12.07
C ARG B 673 -15.55 29.59 11.61
N SER B 674 -14.49 28.78 11.47
CA SER B 674 -13.24 29.18 10.84
C SER B 674 -13.16 28.77 9.36
N GLY B 675 -14.29 28.35 8.77
CA GLY B 675 -14.27 27.89 7.39
C GLY B 675 -13.69 28.90 6.41
N GLU B 676 -14.01 30.18 6.60
CA GLU B 676 -13.46 31.23 5.76
C GLU B 676 -12.42 32.07 6.49
N ILE B 677 -11.81 31.51 7.54
CA ILE B 677 -10.82 32.20 8.36
C ILE B 677 -9.44 31.53 8.27
N SER B 678 -9.37 30.23 8.57
CA SER B 678 -8.05 29.63 8.69
C SER B 678 -7.33 29.54 7.34
N ASN B 679 -8.06 29.62 6.23
CA ASN B 679 -7.41 29.75 4.93
C ASN B 679 -6.93 31.18 4.65
N GLN B 680 -7.30 32.17 5.47
CA GLN B 680 -6.89 33.53 5.15
C GLN B 680 -5.41 33.77 5.42
N ILE B 681 -4.75 32.88 6.16
CA ILE B 681 -3.32 33.07 6.41
C ILE B 681 -2.54 33.07 5.12
N PHE B 682 -3.07 32.45 4.07
CA PHE B 682 -2.28 32.44 2.84
C PHE B 682 -2.35 33.79 2.12
N PRO B 683 -3.54 34.37 1.88
CA PRO B 683 -3.56 35.73 1.33
C PRO B 683 -2.96 36.80 2.24
N LEU B 684 -3.04 36.63 3.57
CA LEU B 684 -2.42 37.58 4.48
C LEU B 684 -0.92 37.53 4.40
N HIS B 685 -0.35 36.31 4.41
CA HIS B 685 1.09 36.17 4.29
C HIS B 685 1.58 36.75 2.98
N LYS B 686 0.92 36.45 1.86
CA LYS B 686 1.30 37.05 0.59
C LYS B 686 1.29 38.58 0.66
N ASP B 687 0.19 39.16 1.15
CA ASP B 687 0.12 40.62 1.25
C ASP B 687 1.22 41.18 2.13
N TRP B 688 1.51 40.52 3.25
CA TRP B 688 2.60 40.95 4.09
C TRP B 688 3.91 40.95 3.31
N ARG B 689 4.09 39.94 2.46
CA ARG B 689 5.32 39.83 1.69
C ARG B 689 5.36 40.85 0.55
N VAL B 690 4.24 41.04 -0.15
CA VAL B 690 4.18 42.02 -1.24
C VAL B 690 4.46 43.44 -0.74
N LEU B 691 4.07 43.76 0.49
CA LEU B 691 4.37 45.08 1.03
C LEU B 691 5.87 45.26 1.22
N ARG B 692 6.51 44.28 1.88
CA ARG B 692 7.94 44.37 2.11
C ARG B 692 8.72 44.34 0.79
N GLU B 693 8.33 43.46 -0.14
CA GLU B 693 9.17 43.14 -1.29
C GLU B 693 8.88 43.98 -2.52
N PHE B 694 7.70 44.59 -2.61
CA PHE B 694 7.42 45.47 -3.74
C PHE B 694 6.90 46.83 -3.32
N GLY B 695 6.72 47.08 -2.02
CA GLY B 695 6.29 48.40 -1.65
C GLY B 695 4.85 48.69 -2.00
N GLN B 696 4.06 47.66 -2.28
CA GLN B 696 2.65 47.80 -2.58
C GLN B 696 1.84 47.33 -1.38
N ASN B 697 0.75 48.04 -1.10
CA ASN B 697 -0.06 47.81 0.09
C ASN B 697 -1.45 47.33 -0.32
N LEU B 698 -1.72 46.02 -0.20
CA LEU B 698 -2.97 45.43 -0.68
C LEU B 698 -3.83 44.98 0.49
N ASP B 699 -5.11 45.33 0.45
CA ASP B 699 -6.08 44.85 1.42
C ASP B 699 -5.63 45.13 2.85
N ASP B 700 -5.33 46.40 3.13
CA ASP B 700 -4.71 46.76 4.41
C ASP B 700 -5.73 46.85 5.55
N THR B 701 -6.99 46.53 5.32
CA THR B 701 -8.04 46.69 6.31
C THR B 701 -8.71 45.36 6.63
N ARG B 702 -8.12 44.27 6.16
CA ARG B 702 -8.71 42.93 6.31
C ARG B 702 -8.80 42.52 7.76
N VAL B 703 -7.75 42.72 8.55
CA VAL B 703 -7.70 42.14 9.90
C VAL B 703 -8.18 43.22 10.88
N ASN B 704 -9.34 42.97 11.50
CA ASN B 704 -10.04 43.98 12.29
C ASN B 704 -9.70 43.83 13.77
N TYR B 705 -8.46 44.21 14.11
CA TYR B 705 -8.05 44.22 15.51
C TYR B 705 -9.00 45.03 16.38
N ARG B 706 -9.44 46.19 15.87
CA ARG B 706 -10.18 47.12 16.72
C ARG B 706 -11.53 46.54 17.11
N ASN B 707 -12.32 46.06 16.14
CA ASN B 707 -13.59 45.48 16.56
C ASN B 707 -13.43 44.10 17.19
N ALA B 708 -12.33 43.39 16.93
CA ALA B 708 -12.08 42.19 17.72
C ALA B 708 -11.86 42.56 19.17
N TYR B 709 -11.07 43.60 19.41
CA TYR B 709 -10.87 44.10 20.77
C TYR B 709 -12.20 44.48 21.42
N ASN B 710 -13.01 45.28 20.71
CA ASN B 710 -14.31 45.70 21.27
C ASN B 710 -15.12 44.50 21.71
N LEU B 711 -15.21 43.47 20.86
CA LEU B 711 -16.02 42.31 21.22
C LEU B 711 -15.43 41.56 22.39
N ILE B 712 -14.10 41.56 22.52
CA ILE B 712 -13.47 40.82 23.62
C ILE B 712 -13.63 41.57 24.93
N VAL B 713 -13.42 42.88 24.92
CA VAL B 713 -13.58 43.69 26.13
C VAL B 713 -15.02 43.59 26.65
N ALA B 714 -16.01 43.61 25.75
CA ALA B 714 -17.40 43.47 26.16
C ALA B 714 -17.70 42.06 26.62
N GLY B 715 -17.03 41.06 26.04
CA GLY B 715 -17.37 39.68 26.31
C GLY B 715 -16.87 39.23 27.65
N ARG B 716 -15.66 39.67 28.02
CA ARG B 716 -15.08 39.15 29.25
C ARG B 716 -15.72 39.76 30.50
N ALA B 717 -16.58 40.77 30.33
CA ALA B 717 -17.28 41.32 31.49
C ALA B 717 -18.32 40.35 32.03
N GLU B 718 -18.95 39.57 31.16
CA GLU B 718 -20.05 38.71 31.57
C GLU B 718 -19.60 37.66 32.57
N ALA B 719 -20.60 36.97 33.16
CA ALA B 719 -20.35 36.09 34.29
C ALA B 719 -19.44 34.92 33.90
N ASP B 720 -19.61 34.41 32.68
CA ASP B 720 -18.66 33.49 32.07
C ASP B 720 -17.92 34.28 30.99
N PRO B 721 -16.69 34.70 31.25
CA PRO B 721 -15.98 35.52 30.24
C PRO B 721 -15.68 34.74 28.96
N LEU B 722 -15.32 33.47 29.09
CA LEU B 722 -15.20 32.59 27.92
C LEU B 722 -16.46 32.65 27.08
N ALA B 723 -17.58 32.22 27.67
CA ALA B 723 -18.84 32.17 26.96
C ALA B 723 -19.31 33.55 26.54
N GLY B 724 -18.88 34.60 27.22
CA GLY B 724 -19.25 35.94 26.79
C GLY B 724 -18.59 36.31 25.48
N VAL B 725 -17.31 35.95 25.34
CA VAL B 725 -16.59 36.26 24.11
C VAL B 725 -16.96 35.29 23.02
N TYR B 726 -17.26 34.05 23.36
CA TYR B 726 -17.78 33.14 22.36
C TYR B 726 -18.99 33.72 21.65
N LYS B 727 -20.00 34.15 22.43
CA LYS B 727 -21.25 34.63 21.86
C LYS B 727 -21.00 35.79 20.90
N ARG B 728 -20.11 36.70 21.27
CA ARG B 728 -19.86 37.89 20.46
C ARG B 728 -18.93 37.64 19.28
N LEU B 729 -18.10 36.60 19.34
CA LEU B 729 -17.08 36.35 18.33
C LEU B 729 -17.41 35.17 17.42
N TRP B 730 -17.63 33.99 17.99
CA TRP B 730 -17.66 32.77 17.22
C TRP B 730 -19.06 32.19 17.02
N GLU B 731 -20.02 32.54 17.88
CA GLU B 731 -21.33 31.90 17.85
C GLU B 731 -22.02 32.07 16.49
N ASP B 732 -21.95 33.26 15.92
CA ASP B 732 -22.65 33.59 14.68
C ASP B 732 -22.28 32.59 13.59
N PRO B 733 -23.24 31.84 13.05
CA PRO B 733 -22.92 30.80 12.07
C PRO B 733 -22.96 31.25 10.61
N GLY B 734 -23.20 32.54 10.34
CA GLY B 734 -23.07 33.10 9.01
C GLY B 734 -21.78 32.75 8.29
N THR B 735 -21.82 32.75 6.94
CA THR B 735 -20.71 32.25 6.16
C THR B 735 -19.49 33.15 6.26
N TYR B 736 -19.68 34.47 6.18
CA TYR B 736 -18.56 35.39 6.36
C TYR B 736 -18.70 36.20 7.63
N ALA B 737 -19.46 35.67 8.60
CA ALA B 737 -19.67 36.36 9.85
C ALA B 737 -18.33 36.73 10.50
N LEU B 738 -18.23 38.01 10.90
CA LEU B 738 -17.11 38.50 11.71
C LEU B 738 -15.78 38.05 11.14
N ASN B 739 -15.69 38.07 9.81
CA ASN B 739 -14.49 37.58 9.13
C ASN B 739 -13.25 38.35 9.57
N GLY B 740 -13.31 39.68 9.54
CA GLY B 740 -12.15 40.46 9.93
C GLY B 740 -11.78 40.25 11.40
N GLU B 741 -12.78 40.12 12.26
CA GLU B 741 -12.51 40.01 13.69
C GLU B 741 -11.88 38.66 14.01
N ARG B 742 -12.35 37.61 13.34
CA ARG B 742 -11.82 36.27 13.60
C ARG B 742 -10.42 36.11 13.02
N MET B 743 -10.13 36.79 11.89
CA MET B 743 -8.78 36.77 11.34
C MET B 743 -7.77 37.37 12.31
N ALA B 744 -8.22 38.25 13.20
CA ALA B 744 -7.31 38.82 14.21
C ALA B 744 -6.78 37.75 15.15
N PHE B 745 -7.53 36.68 15.39
CA PHE B 745 -7.02 35.65 16.29
C PHE B 745 -5.85 34.90 15.67
N TYR B 746 -5.91 34.64 14.36
CA TYR B 746 -4.85 33.89 13.71
C TYR B 746 -3.57 34.69 13.63
N THR B 747 -3.68 36.00 13.43
CA THR B 747 -2.44 36.78 13.35
C THR B 747 -1.85 37.08 14.70
N GLN B 748 -2.61 36.87 15.79
CA GLN B 748 -2.06 37.03 17.13
C GLN B 748 -0.75 36.30 17.27
N TRP B 749 -0.70 35.07 16.78
CA TRP B 749 0.45 34.22 17.02
C TRP B 749 1.60 34.52 16.08
N VAL B 750 1.32 35.09 14.92
CA VAL B 750 2.40 35.62 14.10
C VAL B 750 3.17 36.71 14.87
N HIS B 751 2.44 37.66 15.48
CA HIS B 751 3.08 38.68 16.29
C HIS B 751 3.79 38.06 17.49
N TYR B 752 3.12 37.12 18.17
CA TYR B 752 3.70 36.51 19.35
C TYR B 752 5.02 35.81 19.03
N TRP B 753 5.05 35.04 17.94
CA TRP B 753 6.27 34.34 17.56
C TRP B 753 7.39 35.31 17.21
N ALA B 754 7.07 36.44 16.60
CA ALA B 754 8.11 37.41 16.25
C ALA B 754 8.78 37.97 17.49
N ASP B 755 7.98 38.31 18.51
CA ASP B 755 8.51 38.68 19.81
C ASP B 755 9.24 37.51 20.48
N LEU B 756 8.67 36.31 20.45
CA LEU B 756 9.35 35.19 21.10
C LEU B 756 10.70 34.89 20.45
N LYS B 757 10.79 35.02 19.11
CA LYS B 757 12.03 34.82 18.38
C LYS B 757 12.95 36.04 18.38
N ASN B 758 12.49 37.17 18.90
CA ASN B 758 13.07 38.49 18.69
C ASN B 758 13.49 38.72 17.23
N ASP B 759 12.56 38.50 16.33
CA ASP B 759 12.85 38.76 14.93
C ASP B 759 11.56 38.97 14.14
N PRO B 760 11.35 40.17 13.57
CA PRO B 760 10.09 40.42 12.85
C PRO B 760 9.91 39.56 11.60
N LEU B 761 11.00 39.10 10.98
CA LEU B 761 10.89 38.33 9.73
C LEU B 761 10.38 36.92 9.96
N GLN B 762 10.41 36.43 11.21
CA GLN B 762 10.14 35.03 11.54
C GLN B 762 8.69 34.76 11.96
N GLY B 763 7.88 35.81 12.19
CA GLY B 763 6.58 35.62 12.82
C GLY B 763 5.71 34.56 12.17
N TRP B 764 5.61 34.56 10.83
CA TRP B 764 4.77 33.58 10.16
C TRP B 764 5.33 32.16 10.23
N ASP B 765 6.56 31.96 10.68
CA ASP B 765 7.04 30.59 10.87
C ASP B 765 6.17 29.80 11.83
N ILE B 766 5.37 30.49 12.66
CA ILE B 766 4.56 29.77 13.62
C ILE B 766 3.50 28.94 12.92
N TRP B 767 3.02 29.40 11.75
CA TRP B 767 2.00 28.64 11.01
C TRP B 767 2.63 27.50 10.21
N THR B 768 3.77 27.74 9.59
CA THR B 768 4.51 26.65 8.98
C THR B 768 4.77 25.53 9.98
N LEU B 769 5.28 25.88 11.17
CA LEU B 769 5.55 24.85 12.16
C LEU B 769 4.28 24.15 12.62
N LEU B 770 3.14 24.85 12.65
CA LEU B 770 1.90 24.24 13.12
C LEU B 770 1.32 23.31 12.08
N TYR B 771 1.54 23.64 10.81
CA TYR B 771 1.21 22.76 9.70
C TYR B 771 2.09 21.53 9.70
N LEU B 772 3.40 21.72 9.90
CA LEU B 772 4.34 20.62 9.99
C LEU B 772 4.01 19.71 11.16
N HIS B 773 3.70 20.30 12.30
CA HIS B 773 3.29 19.53 13.47
C HIS B 773 2.01 18.74 13.17
N GLN B 774 1.04 19.38 12.50
CA GLN B 774 -0.28 18.79 12.32
C GLN B 774 -0.20 17.54 11.44
N ARG B 775 0.52 17.62 10.33
CA ARG B 775 0.66 16.44 9.48
C ARG B 775 1.33 15.29 10.24
N GLN B 776 2.26 15.58 11.15
CA GLN B 776 2.86 14.53 11.97
C GLN B 776 1.83 13.93 12.94
N VAL B 777 1.04 14.80 13.60
CA VAL B 777 -0.04 14.34 14.46
C VAL B 777 -1.00 13.49 13.66
N ASP B 778 -1.16 13.81 12.38
CA ASP B 778 -2.22 13.20 11.61
C ASP B 778 -1.83 11.83 11.09
N LYS B 779 -0.55 11.61 10.84
CA LYS B 779 -0.10 10.49 10.03
C LYS B 779 1.07 9.70 10.63
N SER B 780 1.80 10.23 11.59
CA SER B 780 2.94 9.50 12.17
C SER B 780 2.48 8.30 12.99
N ASP B 781 3.35 7.29 13.08
CA ASP B 781 3.13 6.23 14.06
C ASP B 781 2.88 6.85 15.43
N TRP B 782 1.73 6.53 16.02
CA TRP B 782 1.35 7.20 17.26
C TRP B 782 2.33 6.89 18.39
N ASP B 783 2.49 5.61 18.73
CA ASP B 783 3.33 5.26 19.86
C ASP B 783 4.72 5.89 19.77
N ALA B 784 5.27 5.98 18.57
CA ALA B 784 6.65 6.34 18.40
C ALA B 784 6.87 7.85 18.30
N ASN B 785 5.83 8.64 18.13
CA ASN B 785 6.01 10.07 17.96
C ASN B 785 5.20 10.94 18.93
N LYS B 786 4.25 10.38 19.66
CA LYS B 786 3.37 11.22 20.48
C LYS B 786 4.13 12.01 21.54
N ALA B 787 5.23 11.45 22.08
CA ALA B 787 6.04 12.16 23.06
C ALA B 787 6.61 13.46 22.49
N ALA B 788 7.31 13.35 21.35
CA ALA B 788 7.90 14.52 20.71
C ALA B 788 6.86 15.54 20.22
N LEU B 789 5.63 15.11 20.01
CA LEU B 789 4.62 15.97 19.45
C LEU B 789 3.77 16.65 20.53
N GLY B 790 4.15 16.49 21.80
CA GLY B 790 3.34 17.04 22.88
C GLY B 790 2.06 16.30 23.18
N TYR B 791 1.96 15.02 22.81
CA TYR B 791 0.72 14.26 22.96
C TYR B 791 0.88 13.01 23.82
N GLY B 792 1.91 13.01 24.68
CA GLY B 792 2.24 11.80 25.45
C GLY B 792 1.07 11.23 26.24
N THR B 793 0.19 12.08 26.76
CA THR B 793 -0.88 11.58 27.60
C THR B 793 -2.03 10.95 26.82
N TYR B 794 -1.99 10.96 25.48
CA TYR B 794 -3.08 10.51 24.62
C TYR B 794 -2.84 9.06 24.20
N ALA B 795 -3.66 8.14 24.70
CA ALA B 795 -3.54 6.75 24.28
C ALA B 795 -3.70 6.60 22.77
N GLN B 796 -4.47 7.49 22.14
CA GLN B 796 -4.73 7.37 20.72
C GLN B 796 -4.61 8.73 20.05
N ARG B 797 -4.42 8.69 18.74
CA ARG B 797 -4.43 9.90 17.92
C ARG B 797 -5.73 10.69 18.10
N PRO B 798 -5.67 12.01 18.24
CA PRO B 798 -6.89 12.80 18.44
C PRO B 798 -7.78 12.81 17.20
N GLY B 799 -9.01 13.26 17.42
CA GLY B 799 -9.98 13.34 16.33
C GLY B 799 -9.67 14.44 15.34
N ASN B 800 -10.32 14.36 14.19
CA ASN B 800 -10.14 15.34 13.12
C ASN B 800 -11.46 15.96 12.71
N SER B 801 -12.42 16.07 13.64
CA SER B 801 -13.71 16.61 13.27
C SER B 801 -13.61 18.06 12.84
N GLY B 802 -14.44 18.43 11.86
CA GLY B 802 -14.59 19.79 11.38
C GLY B 802 -15.81 20.53 11.89
N ASP B 803 -16.54 19.97 12.86
CA ASP B 803 -17.79 20.53 13.34
C ASP B 803 -17.56 21.64 14.35
N ALA B 804 -18.35 22.72 14.24
CA ALA B 804 -18.31 23.80 15.21
C ALA B 804 -18.54 23.34 16.65
N SER B 805 -19.34 22.29 16.85
CA SER B 805 -19.58 21.77 18.18
C SER B 805 -18.45 20.87 18.68
N SER B 806 -17.36 20.74 17.93
CA SER B 806 -16.25 19.92 18.35
C SER B 806 -15.08 20.77 18.83
N THR B 807 -14.28 20.19 19.69
CA THR B 807 -13.09 20.85 20.19
C THR B 807 -11.81 20.31 19.54
N ASP B 808 -11.95 19.41 18.56
CA ASP B 808 -10.78 18.79 17.93
C ASP B 808 -9.81 19.85 17.41
N GLY B 809 -10.34 20.86 16.70
CA GLY B 809 -9.51 21.93 16.18
C GLY B 809 -9.03 22.89 17.25
N ASN B 810 -9.95 23.31 18.11
CA ASN B 810 -9.57 24.12 19.27
C ASN B 810 -8.45 23.45 20.06
N ASP B 811 -8.55 22.12 20.25
CA ASP B 811 -7.58 21.36 21.05
C ASP B 811 -6.19 21.37 20.43
N ASN B 812 -6.09 21.04 19.13
CA ASN B 812 -4.76 20.96 18.54
C ASN B 812 -4.09 22.33 18.52
N LEU B 813 -4.85 23.39 18.22
CA LEU B 813 -4.31 24.74 18.30
C LEU B 813 -3.72 25.02 19.68
N LEU B 814 -4.47 24.71 20.74
CA LEU B 814 -3.97 24.95 22.08
C LEU B 814 -2.72 24.12 22.38
N LEU B 815 -2.74 22.83 22.02
CA LEU B 815 -1.57 22.00 22.31
C LEU B 815 -0.36 22.41 21.48
N GLY B 816 -0.52 22.53 20.16
CA GLY B 816 0.61 22.90 19.31
C GLY B 816 1.18 24.27 19.64
N LEU B 817 0.32 25.25 19.89
CA LEU B 817 0.80 26.58 20.26
C LEU B 817 1.47 26.55 21.63
N SER B 818 0.86 25.87 22.61
CA SER B 818 1.54 25.72 23.89
C SER B 818 2.86 24.98 23.75
N TRP B 819 2.86 23.88 22.99
CA TRP B 819 4.07 23.07 22.85
C TRP B 819 5.18 23.83 22.13
N LEU B 820 4.85 24.48 20.99
CA LEU B 820 5.87 25.22 20.25
C LEU B 820 6.36 26.45 21.01
N THR B 821 5.45 27.20 21.64
CA THR B 821 5.88 28.40 22.35
C THR B 821 6.38 28.11 23.76
N GLN B 822 6.04 26.95 24.32
CA GLN B 822 6.52 26.50 25.63
C GLN B 822 5.93 27.34 26.77
N ARG B 823 4.72 27.86 26.56
CA ARG B 823 3.95 28.48 27.62
C ARG B 823 2.52 27.94 27.58
N ASP B 824 1.91 27.82 28.75
CA ASP B 824 0.50 27.49 28.84
C ASP B 824 -0.30 28.65 28.27
N GLN B 825 -0.96 28.42 27.13
CA GLN B 825 -1.66 29.47 26.41
C GLN B 825 -3.16 29.46 26.65
N ARG B 826 -3.66 28.69 27.62
CA ARG B 826 -5.07 28.74 27.98
C ARG B 826 -5.56 30.12 28.39
N PRO B 827 -4.78 30.99 29.06
CA PRO B 827 -5.30 32.34 29.36
C PRO B 827 -5.84 33.02 28.11
N THR B 828 -5.06 33.01 27.03
CA THR B 828 -5.44 33.72 25.82
C THR B 828 -6.51 32.99 25.04
N PHE B 829 -6.48 31.66 25.01
CA PHE B 829 -7.60 30.95 24.41
C PHE B 829 -8.90 31.26 25.15
N ALA B 830 -8.82 31.41 26.48
CA ALA B 830 -10.01 31.82 27.25
C ALA B 830 -10.42 33.24 26.90
N LEU B 831 -9.43 34.13 26.70
CA LEU B 831 -9.74 35.51 26.35
C LEU B 831 -10.51 35.60 25.03
N TRP B 832 -10.14 34.80 24.03
CA TRP B 832 -10.84 34.79 22.76
C TRP B 832 -12.05 33.85 22.73
N GLY B 833 -12.44 33.31 23.88
CA GLY B 833 -13.67 32.56 23.95
C GLY B 833 -13.61 31.17 23.37
N ILE B 834 -12.44 30.52 23.39
CA ILE B 834 -12.22 29.23 22.74
C ILE B 834 -12.17 28.15 23.81
N ARG B 835 -13.26 27.36 23.88
CA ARG B 835 -13.35 26.23 24.79
C ARG B 835 -12.50 25.05 24.30
N THR B 836 -11.85 24.36 25.24
CA THR B 836 -11.06 23.18 24.93
C THR B 836 -11.48 22.03 25.82
N SER B 837 -11.18 20.82 25.35
CA SER B 837 -11.56 19.60 26.07
C SER B 837 -10.69 19.41 27.30
N ALA B 838 -11.26 18.72 28.31
CA ALA B 838 -10.47 18.41 29.50
C ALA B 838 -9.30 17.48 29.19
N ALA B 839 -9.41 16.63 28.16
CA ALA B 839 -8.23 15.87 27.74
C ALA B 839 -7.11 16.80 27.27
N ALA B 840 -7.46 17.91 26.61
CA ALA B 840 -6.41 18.77 26.07
C ALA B 840 -5.83 19.68 27.15
N GLN B 841 -6.67 20.16 28.06
CA GLN B 841 -6.18 20.91 29.21
C GLN B 841 -5.26 20.07 30.08
N ALA B 842 -5.62 18.81 30.32
CA ALA B 842 -4.77 17.96 31.15
C ALA B 842 -3.40 17.80 30.50
N GLN B 843 -3.36 17.74 29.17
CA GLN B 843 -2.10 17.61 28.45
C GLN B 843 -1.26 18.86 28.57
N VAL B 844 -1.89 20.04 28.55
CA VAL B 844 -1.16 21.30 28.69
C VAL B 844 -0.57 21.42 30.08
N ALA B 845 -1.37 21.13 31.10
CA ALA B 845 -0.88 21.11 32.47
C ALA B 845 0.32 20.19 32.59
N ALA B 846 0.22 18.99 31.98
CA ALA B 846 1.32 18.04 32.02
C ALA B 846 2.63 18.60 31.49
N TYR B 847 2.58 19.64 30.64
CA TYR B 847 3.83 20.24 30.16
C TYR B 847 4.56 20.98 31.28
N GLY B 848 3.85 21.41 32.32
CA GLY B 848 4.47 22.20 33.36
C GLY B 848 5.08 23.51 32.87
N PHE B 849 4.52 24.10 31.82
CA PHE B 849 5.01 25.39 31.35
C PHE B 849 4.40 26.49 32.21
N ALA B 850 5.19 27.55 32.42
CA ALA B 850 4.65 28.78 33.00
C ALA B 850 3.49 29.31 32.16
N GLU B 851 2.47 29.82 32.85
CA GLU B 851 1.36 30.46 32.16
C GLU B 851 1.83 31.68 31.38
N GLN B 852 1.45 31.76 30.12
CA GLN B 852 1.51 33.03 29.42
C GLN B 852 0.26 33.80 29.81
N PRO B 853 0.38 34.96 30.45
CA PRO B 853 -0.83 35.72 30.82
C PRO B 853 -1.55 36.20 29.56
N ALA B 854 -2.86 36.36 29.68
CA ALA B 854 -3.67 36.81 28.54
C ALA B 854 -3.11 38.11 27.98
N PHE B 855 -2.97 38.15 26.66
CA PHE B 855 -2.35 39.25 25.94
C PHE B 855 -3.22 39.58 24.73
N PHE B 856 -2.86 40.66 24.05
CA PHE B 856 -3.58 41.06 22.84
C PHE B 856 -2.66 41.96 22.04
N TYR B 857 -2.32 41.54 20.82
CA TYR B 857 -1.60 42.38 19.88
C TYR B 857 -2.60 43.19 19.07
N ALA B 858 -2.40 44.51 19.02
CA ALA B 858 -3.28 45.41 18.32
C ALA B 858 -2.48 46.17 17.26
N ASN B 859 -3.18 46.55 16.19
CA ASN B 859 -2.59 47.31 15.11
C ASN B 859 -3.70 48.05 14.40
N ASN B 860 -3.34 49.16 13.74
CA ASN B 860 -4.26 49.92 12.91
C ASN B 860 -4.05 49.66 11.43
N ARG B 861 -3.20 48.71 11.09
CA ARG B 861 -3.02 48.25 9.72
C ARG B 861 -2.93 46.73 9.72
N THR B 862 -3.21 46.14 8.57
CA THR B 862 -3.08 44.69 8.42
C THR B 862 -1.67 44.29 8.01
N ASN B 863 -1.09 44.98 7.04
CA ASN B 863 0.13 44.49 6.43
C ASN B 863 1.42 44.98 7.07
N GLU B 864 1.38 46.01 7.93
CA GLU B 864 2.60 46.61 8.48
C GLU B 864 2.73 46.26 9.96
N TYR B 865 3.66 45.38 10.31
CA TYR B 865 3.76 44.89 11.68
C TYR B 865 4.59 45.79 12.61
N SER B 866 5.36 46.73 12.06
CA SER B 866 6.23 47.56 12.91
C SER B 866 5.46 48.52 13.82
N THR B 867 4.13 48.62 13.69
CA THR B 867 3.34 49.45 14.58
C THR B 867 2.51 48.64 15.56
N VAL B 868 2.68 47.32 15.61
CA VAL B 868 1.84 46.48 16.45
C VAL B 868 2.09 46.82 17.93
N LYS B 869 1.05 46.71 18.75
CA LYS B 869 1.16 47.05 20.16
C LYS B 869 0.71 45.88 21.03
N LEU B 870 1.53 45.55 22.03
CA LEU B 870 1.25 44.43 22.91
C LEU B 870 0.51 44.92 24.14
N LEU B 871 -0.68 44.36 24.39
CA LEU B 871 -1.53 44.71 25.52
C LEU B 871 -1.54 43.58 26.54
N ASP B 872 -1.40 43.95 27.82
CA ASP B 872 -1.52 43.01 28.94
C ASP B 872 -2.99 42.92 29.32
N MET B 873 -3.59 41.76 29.09
CA MET B 873 -5.01 41.57 29.34
C MET B 873 -5.27 40.80 30.62
N SER B 874 -4.25 40.63 31.45
CA SER B 874 -4.35 39.65 32.53
C SER B 874 -5.03 40.23 33.76
N GLN B 875 -4.69 41.47 34.09
CA GLN B 875 -5.32 42.19 35.19
C GLN B 875 -6.56 42.97 34.75
N GLY B 876 -6.57 43.49 33.53
CA GLY B 876 -7.73 44.23 33.06
C GLY B 876 -7.76 44.35 31.55
N SER B 877 -8.53 45.32 31.07
CA SER B 877 -8.67 45.62 29.64
C SER B 877 -8.24 47.06 29.35
N PRO B 878 -7.04 47.29 28.81
CA PRO B 878 -6.61 48.66 28.52
C PRO B 878 -7.51 49.35 27.50
N ALA B 879 -7.22 50.63 27.28
CA ALA B 879 -7.87 51.36 26.21
C ALA B 879 -7.19 51.03 24.88
N TRP B 880 -7.99 51.07 23.81
CA TRP B 880 -7.48 50.92 22.45
C TRP B 880 -6.30 51.86 22.24
N PRO B 881 -5.07 51.34 22.08
CA PRO B 881 -3.88 52.21 22.17
C PRO B 881 -3.56 52.96 20.89
N PHE B 882 -4.55 53.20 20.03
CA PHE B 882 -4.30 53.92 18.79
C PHE B 882 -5.19 55.15 18.69
N PRO B 883 -4.68 56.27 18.18
CA PRO B 883 -5.50 57.49 18.10
C PRO B 883 -6.59 57.39 17.03
N LEU B 884 -7.58 58.26 17.19
CA LEU B 884 -8.66 58.50 16.21
C LEU B 884 -9.32 57.22 15.75
N GLU C 5 -5.99 -7.32 25.04
CA GLU C 5 -5.62 -8.26 23.98
C GLU C 5 -4.56 -9.26 24.44
N ALA C 6 -3.87 -9.89 23.48
CA ALA C 6 -2.82 -10.85 23.78
C ALA C 6 -1.72 -10.73 22.74
N PRO C 7 -0.46 -10.94 23.14
CA PRO C 7 0.60 -11.03 22.14
C PRO C 7 0.43 -12.29 21.30
N SER C 8 0.87 -12.20 20.05
CA SER C 8 0.82 -13.32 19.12
C SER C 8 2.06 -14.21 19.32
N ALA C 9 1.83 -15.48 19.64
CA ALA C 9 2.94 -16.40 19.83
C ALA C 9 3.58 -16.79 18.50
N GLU D 5 -26.48 -9.53 5.32
CA GLU D 5 -25.97 -8.18 5.11
C GLU D 5 -27.10 -7.20 4.77
N ALA D 6 -26.71 -5.97 4.44
CA ALA D 6 -27.61 -4.91 3.99
C ALA D 6 -26.76 -3.82 3.36
N PRO D 7 -27.25 -3.12 2.35
CA PRO D 7 -26.45 -2.06 1.72
C PRO D 7 -26.36 -0.85 2.65
N SER D 8 -25.50 0.10 2.25
CA SER D 8 -25.19 1.24 3.12
C SER D 8 -25.75 2.59 2.62
#